data_3SY2
#
_entry.id   3SY2
#
_cell.length_a   74.120
_cell.length_b   118.363
_cell.length_c   241.671
_cell.angle_alpha   90.00
_cell.angle_beta   90.00
_cell.angle_gamma   90.00
#
_symmetry.space_group_name_H-M   'P 21 21 21'
#
loop_
_entity.id
_entity.type
_entity.pdbx_description
1 polymer 'E3 ubiquitin-protein ligase SopA'
2 polymer 'Ubiquitin-conjugating enzyme E2 L3'
3 non-polymer 'SULFATE ION'
4 water water
#
loop_
_entity_poly.entity_id
_entity_poly.type
_entity_poly.pdbx_seq_one_letter_code
_entity_poly.pdbx_strand_id
1 'polypeptide(L)'
;SNASSPSSPADWAKKLTDAVLRQKAGETLTAADRDFSNADFRNITFSKILPPSFMERDGDIIKGFNFSNSKFTYSDISHL
HFDECRFTYSTLSDVVCSNTKFSNSDMNEVFLQYSITTQQQPSFIDTTLKNTLIRHKANLSGVILNEPDNSSPPSVSGGG
NFIRLGDIWLQMPLLWTENAVDGFLNHEHNNGKSILMTIDSLPDKYSQEKVQAMEDLVKSLRGGRLTEACIRPVESSLVS
VLAHPPYTQSALISEWLGPVQERFFAHQCQTYNDVPLPAPDTYYQQRILPVLLDSFDRNSAAMTTHSGLFNQVILHCMTG
VDCTDGTRQKAAALYEQYLAHPAVSPHIHNGLFGNYDGSPDWTTRAADNFLLLSSQDSDTAMMLSTDTLLTMLNPTPDTA
WDNFYLLRAGENVSTAQISPVELFRHDFPVFLAAFNQQATQRRFGELIDIILSTEEHGELNQQFLAATNQKHSTVKLIDD
ASVSRLATIFDPLLPEGKLSPAHYQHILSAYHLTDATPQKQAETLFCLSTAFARYSSSAIFGTEHDSPPALRGYAEALMQ
KAWELSPAIFPSSEQFTEWSDRFHGLHGAFTCTSVVADSMQRHARKYFPSVLSSILPLAWA
;
A,B
2 'polypeptide(L)'
;GSMAASRRLMKELEEIRKCGMKNFRNIQVDEANLLTWQGLIVPDNPPYDKGAFRIEINFPAEYPFKPPKITFKTKIYHPN
IDEKGQVCLPVISAENWKPATKTDQVIQSLIALVNDPQPEHPLRADLAEEYSKDRKKFCKNAEEFTKKYGEKRPVD
;
C,D
#
loop_
_chem_comp.id
_chem_comp.type
_chem_comp.name
_chem_comp.formula
SO4 non-polymer 'SULFATE ION' 'O4 S -2'
#
# COMPACT_ATOMS: atom_id res chain seq x y z
N SER A 7 34.91 -4.67 -80.16
CA SER A 7 35.36 -3.48 -79.45
C SER A 7 35.30 -3.69 -77.94
N SER A 8 35.52 -2.62 -77.18
CA SER A 8 35.39 -2.67 -75.73
C SER A 8 33.92 -2.73 -75.34
N PRO A 9 33.64 -2.96 -74.04
CA PRO A 9 32.25 -3.05 -73.59
C PRO A 9 31.57 -1.69 -73.62
N ALA A 10 32.39 -0.63 -73.57
CA ALA A 10 31.87 0.74 -73.60
C ALA A 10 31.10 1.01 -74.89
N ASP A 11 31.50 0.35 -75.97
CA ASP A 11 30.85 0.50 -77.28
C ASP A 11 29.62 -0.41 -77.39
N TRP A 12 29.67 -1.55 -76.70
CA TRP A 12 28.49 -2.40 -76.52
C TRP A 12 27.47 -1.62 -75.71
N ALA A 13 28.00 -0.77 -74.84
CA ALA A 13 27.22 0.05 -73.93
C ALA A 13 26.39 1.10 -74.67
N LYS A 14 27.09 2.08 -75.25
CA LYS A 14 26.45 3.15 -75.98
C LYS A 14 25.87 2.67 -77.31
N LYS A 15 25.67 1.37 -77.43
CA LYS A 15 25.09 0.77 -78.64
C LYS A 15 23.74 0.11 -78.37
N LEU A 16 23.40 -0.05 -77.10
CA LEU A 16 22.05 -0.46 -76.71
C LEU A 16 21.33 0.77 -76.15
N THR A 17 22.12 1.73 -75.67
CA THR A 17 21.56 2.96 -75.14
C THR A 17 20.49 3.50 -76.09
N ASP A 18 20.86 3.73 -77.35
CA ASP A 18 19.95 4.32 -78.33
C ASP A 18 19.38 3.29 -79.31
N ALA A 19 19.04 2.10 -78.81
CA ALA A 19 18.43 1.06 -79.63
C ALA A 19 17.03 0.71 -79.12
N VAL A 20 16.85 0.86 -77.81
CA VAL A 20 15.54 0.68 -77.17
C VAL A 20 14.85 2.05 -77.05
N LEU A 21 15.57 3.09 -77.47
CA LEU A 21 14.99 4.42 -77.58
C LEU A 21 14.24 4.60 -78.91
N ARG A 22 14.68 3.88 -79.94
CA ARG A 22 13.95 3.86 -81.21
C ARG A 22 12.64 3.13 -81.05
N GLN A 23 12.64 2.07 -80.23
CA GLN A 23 11.42 1.35 -79.90
C GLN A 23 10.52 2.23 -79.04
N LYS A 24 11.13 3.09 -78.24
CA LYS A 24 10.41 4.08 -77.45
C LYS A 24 10.10 5.32 -78.29
N ALA A 25 10.35 5.21 -79.59
CA ALA A 25 10.05 6.29 -80.53
C ALA A 25 9.14 5.80 -81.65
N GLY A 26 8.84 4.52 -81.64
CA GLY A 26 7.90 3.95 -82.60
C GLY A 26 8.49 2.86 -83.48
N GLU A 27 9.60 3.18 -84.14
CA GLU A 27 10.22 2.26 -85.08
C GLU A 27 10.36 0.85 -84.51
N THR A 28 9.76 -0.12 -85.20
CA THR A 28 9.94 -1.52 -84.85
C THR A 28 11.31 -1.97 -85.32
N LEU A 29 11.77 -3.10 -84.80
CA LEU A 29 13.12 -3.58 -85.13
C LEU A 29 13.10 -5.01 -85.72
N THR A 30 13.70 -5.16 -86.89
CA THR A 30 13.71 -6.43 -87.60
C THR A 30 14.41 -7.53 -86.81
N ALA A 31 14.57 -8.70 -87.43
CA ALA A 31 15.22 -9.84 -86.80
C ALA A 31 16.65 -9.50 -86.41
N ALA A 32 17.35 -8.83 -87.32
CA ALA A 32 18.75 -8.46 -87.10
C ALA A 32 18.88 -7.38 -86.02
N ASP A 33 17.96 -6.43 -86.02
CA ASP A 33 18.01 -5.31 -85.10
C ASP A 33 18.11 -5.78 -83.64
N ARG A 34 17.07 -6.47 -83.18
CA ARG A 34 17.00 -6.96 -81.82
C ARG A 34 17.76 -8.27 -81.65
N ASP A 35 19.07 -8.24 -81.84
CA ASP A 35 19.91 -9.41 -81.69
C ASP A 35 21.27 -9.02 -81.15
N PHE A 36 21.36 -8.86 -79.84
CA PHE A 36 22.61 -8.47 -79.20
C PHE A 36 23.29 -9.65 -78.51
N SER A 37 23.62 -10.68 -79.29
CA SER A 37 24.28 -11.87 -78.76
C SER A 37 25.78 -11.64 -78.59
N ASN A 38 26.39 -12.41 -77.70
CA ASN A 38 27.83 -12.41 -77.50
C ASN A 38 28.39 -11.06 -77.00
N ALA A 39 27.50 -10.24 -76.44
CA ALA A 39 27.86 -8.94 -75.90
C ALA A 39 28.81 -9.04 -74.70
N ASP A 40 29.37 -7.91 -74.29
CA ASP A 40 30.24 -7.84 -73.13
C ASP A 40 30.00 -6.52 -72.39
N PHE A 41 29.35 -6.60 -71.24
CA PHE A 41 29.00 -5.40 -70.47
C PHE A 41 29.67 -5.38 -69.10
N ARG A 42 30.75 -6.14 -68.99
CA ARG A 42 31.51 -6.25 -67.75
C ARG A 42 31.76 -4.91 -67.06
N ASN A 43 31.56 -4.89 -65.74
CA ASN A 43 31.94 -3.76 -64.90
C ASN A 43 31.38 -2.40 -65.34
N ILE A 44 30.19 -2.40 -65.93
CA ILE A 44 29.58 -1.14 -66.40
C ILE A 44 28.32 -0.78 -65.62
N THR A 45 28.43 0.23 -64.76
CA THR A 45 27.29 0.75 -64.00
C THR A 45 26.21 1.29 -64.94
N PHE A 46 25.25 0.44 -65.29
CA PHE A 46 24.28 0.73 -66.35
C PHE A 46 23.41 1.99 -66.19
N SER A 47 23.40 2.57 -64.99
CA SER A 47 22.55 3.74 -64.74
C SER A 47 23.04 4.99 -65.47
N LYS A 48 24.36 5.13 -65.56
CA LYS A 48 24.96 6.31 -66.15
C LYS A 48 24.56 6.52 -67.60
N ILE A 49 24.57 5.47 -68.41
CA ILE A 49 24.14 5.58 -69.80
C ILE A 49 22.74 5.03 -70.05
N LEU A 50 21.82 5.38 -69.15
CA LEU A 50 20.42 5.01 -69.31
C LEU A 50 19.52 6.10 -68.74
N PRO A 51 18.36 6.34 -69.36
CA PRO A 51 17.43 7.36 -68.88
C PRO A 51 16.93 7.00 -67.49
N PRO A 52 16.60 8.03 -66.67
CA PRO A 52 16.19 7.79 -65.28
C PRO A 52 14.81 7.12 -65.15
N SER A 53 14.28 6.56 -66.23
CA SER A 53 12.94 5.97 -66.21
C SER A 53 12.97 4.45 -66.06
N PHE A 54 14.02 3.82 -66.59
CA PHE A 54 14.18 2.37 -66.47
C PHE A 54 14.59 1.97 -65.07
N MET A 55 14.91 2.95 -64.23
CA MET A 55 15.28 2.68 -62.84
C MET A 55 14.16 3.12 -61.89
N GLU A 56 12.99 3.40 -62.46
CA GLU A 56 11.83 3.81 -61.68
C GLU A 56 10.67 2.83 -61.82
N ARG A 57 9.99 2.59 -60.70
CA ARG A 57 8.80 1.74 -60.66
C ARG A 57 7.81 2.10 -61.75
N ASP A 58 7.26 1.08 -62.43
CA ASP A 58 6.32 1.28 -63.52
C ASP A 58 6.94 2.11 -64.63
N GLY A 59 8.20 1.83 -64.94
CA GLY A 59 8.93 2.56 -65.95
C GLY A 59 8.75 2.00 -67.34
N ASP A 60 9.84 1.45 -67.89
CA ASP A 60 9.82 0.90 -69.24
C ASP A 60 10.45 -0.50 -69.33
N ILE A 61 9.99 -1.28 -70.31
CA ILE A 61 10.44 -2.66 -70.50
C ILE A 61 11.25 -2.86 -71.80
N ILE A 62 12.37 -3.56 -71.68
CA ILE A 62 13.23 -3.90 -72.82
C ILE A 62 12.72 -5.18 -73.47
N LYS A 63 11.81 -5.04 -74.43
CA LYS A 63 11.04 -6.18 -74.96
C LYS A 63 11.43 -6.65 -76.37
N GLY A 64 11.87 -7.90 -76.47
CA GLY A 64 12.06 -8.56 -77.74
C GLY A 64 13.49 -8.77 -78.22
N PHE A 65 14.40 -9.08 -77.30
CA PHE A 65 15.82 -9.18 -77.64
C PHE A 65 16.35 -10.61 -77.67
N ASN A 66 17.68 -10.74 -77.73
CA ASN A 66 18.34 -12.04 -77.79
C ASN A 66 19.78 -11.97 -77.30
N PHE A 67 19.94 -11.75 -76.00
CA PHE A 67 21.27 -11.59 -75.40
C PHE A 67 21.89 -12.93 -74.98
N SER A 68 22.16 -13.79 -75.96
CA SER A 68 22.82 -15.06 -75.67
C SER A 68 24.33 -14.84 -75.56
N ASN A 69 24.97 -15.57 -74.66
CA ASN A 69 26.44 -15.57 -74.53
C ASN A 69 27.03 -14.30 -73.92
N SER A 70 26.17 -13.43 -73.39
CA SER A 70 26.61 -12.17 -72.81
C SER A 70 27.53 -12.40 -71.60
N LYS A 71 28.43 -11.44 -71.35
CA LYS A 71 29.38 -11.57 -70.24
C LYS A 71 29.21 -10.48 -69.19
N PHE A 72 28.04 -10.45 -68.54
CA PHE A 72 27.70 -9.40 -67.57
C PHE A 72 28.60 -9.37 -66.32
N THR A 73 29.31 -10.46 -66.05
CA THR A 73 30.06 -10.59 -64.78
C THR A 73 30.67 -9.26 -64.35
N TYR A 74 30.22 -8.74 -63.22
CA TYR A 74 30.72 -7.50 -62.60
C TYR A 74 29.87 -6.27 -62.91
N SER A 75 28.91 -6.41 -63.83
CA SER A 75 28.07 -5.28 -64.24
C SER A 75 26.83 -5.15 -63.34
N ASP A 76 26.37 -3.92 -63.15
CA ASP A 76 25.21 -3.65 -62.29
C ASP A 76 23.93 -3.43 -63.11
N ILE A 77 22.97 -4.32 -62.94
CA ILE A 77 21.70 -4.22 -63.66
C ILE A 77 20.57 -3.91 -62.69
N SER A 78 20.85 -3.07 -61.70
CA SER A 78 19.91 -2.82 -60.61
C SER A 78 18.63 -2.06 -61.02
N HIS A 79 17.50 -2.51 -60.48
CA HIS A 79 16.21 -1.84 -60.64
C HIS A 79 15.72 -1.78 -62.08
N LEU A 80 16.14 -2.73 -62.90
CA LEU A 80 15.80 -2.73 -64.32
C LEU A 80 14.90 -3.90 -64.68
N HIS A 81 13.90 -3.67 -65.53
CA HIS A 81 12.93 -4.70 -65.87
C HIS A 81 13.00 -5.11 -67.35
N PHE A 82 13.36 -6.38 -67.60
CA PHE A 82 13.43 -6.91 -68.96
C PHE A 82 12.17 -7.70 -69.28
N ASP A 83 11.73 -7.64 -70.54
CA ASP A 83 10.62 -8.47 -70.99
C ASP A 83 10.95 -9.19 -72.30
N GLU A 84 10.58 -10.46 -72.40
CA GLU A 84 10.77 -11.23 -73.63
C GLU A 84 12.19 -11.23 -74.18
N CYS A 85 13.17 -11.55 -73.34
CA CYS A 85 14.57 -11.54 -73.75
C CYS A 85 15.25 -12.90 -73.56
N ARG A 86 16.32 -13.12 -74.32
CA ARG A 86 17.08 -14.38 -74.26
C ARG A 86 18.45 -14.20 -73.62
N PHE A 87 18.81 -15.11 -72.72
CA PHE A 87 20.04 -15.01 -71.94
C PHE A 87 20.86 -16.30 -71.98
N THR A 88 20.26 -17.35 -72.54
CA THR A 88 20.90 -18.65 -72.62
C THR A 88 22.42 -18.56 -72.78
N TYR A 89 23.16 -19.12 -71.83
CA TYR A 89 24.62 -19.26 -71.89
C TYR A 89 25.44 -18.04 -71.41
N SER A 90 24.79 -17.12 -70.69
CA SER A 90 25.46 -15.91 -70.22
C SER A 90 26.27 -16.15 -68.95
N THR A 91 26.90 -15.10 -68.43
CA THR A 91 27.60 -15.18 -67.13
C THR A 91 27.34 -13.92 -66.32
N LEU A 92 26.66 -14.09 -65.18
CA LEU A 92 26.31 -12.94 -64.33
C LEU A 92 26.95 -13.04 -62.96
N SER A 93 27.80 -14.04 -62.76
CA SER A 93 28.42 -14.23 -61.46
C SER A 93 29.23 -13.01 -61.03
N ASP A 94 28.92 -12.50 -59.84
CA ASP A 94 29.55 -11.32 -59.26
C ASP A 94 28.86 -10.00 -59.64
N VAL A 95 27.71 -10.14 -60.31
CA VAL A 95 26.91 -9.00 -60.75
C VAL A 95 26.17 -8.33 -59.59
N VAL A 96 25.84 -7.06 -59.77
CA VAL A 96 24.97 -6.34 -58.83
C VAL A 96 23.61 -6.14 -59.48
N CYS A 97 22.55 -6.50 -58.77
CA CYS A 97 21.21 -6.53 -59.36
C CYS A 97 20.07 -6.21 -58.39
N SER A 98 20.34 -5.32 -57.43
CA SER A 98 19.35 -4.95 -56.42
C SER A 98 17.96 -4.69 -57.02
N ASN A 99 17.04 -5.60 -56.74
CA ASN A 99 15.65 -5.45 -57.14
C ASN A 99 15.44 -5.56 -58.64
N THR A 100 16.37 -6.20 -59.34
CA THR A 100 16.24 -6.38 -60.77
C THR A 100 15.02 -7.22 -61.11
N LYS A 101 14.56 -7.15 -62.36
CA LYS A 101 13.41 -7.95 -62.78
C LYS A 101 13.60 -8.50 -64.19
N PHE A 102 13.15 -9.74 -64.42
CA PHE A 102 13.26 -10.38 -65.73
C PHE A 102 11.95 -11.06 -66.04
N SER A 103 11.31 -10.67 -67.14
CA SER A 103 10.00 -11.22 -67.43
C SER A 103 9.92 -11.86 -68.81
N ASN A 104 9.16 -12.96 -68.88
CA ASN A 104 8.91 -13.65 -70.13
C ASN A 104 10.20 -13.83 -70.91
N SER A 105 11.32 -13.80 -70.20
CA SER A 105 12.62 -13.96 -70.83
C SER A 105 13.36 -15.19 -70.31
N ASP A 106 13.88 -16.02 -71.23
CA ASP A 106 14.53 -17.29 -70.90
C ASP A 106 16.00 -17.09 -70.56
N MET A 107 16.39 -17.58 -69.39
CA MET A 107 17.77 -17.46 -68.94
C MET A 107 18.51 -18.80 -68.71
N ASN A 108 18.16 -19.86 -69.45
CA ASN A 108 18.81 -21.18 -69.32
C ASN A 108 20.32 -21.14 -69.16
N GLU A 109 20.87 -22.15 -68.49
CA GLU A 109 22.30 -22.41 -68.53
C GLU A 109 23.08 -21.10 -68.46
N VAL A 110 22.91 -20.40 -67.34
CA VAL A 110 23.69 -19.21 -67.07
C VAL A 110 24.19 -19.23 -65.63
N PHE A 111 25.25 -18.45 -65.37
CA PHE A 111 25.75 -18.30 -64.01
C PHE A 111 25.11 -17.10 -63.36
N LEU A 112 24.52 -17.32 -62.19
CA LEU A 112 23.75 -16.28 -61.51
C LEU A 112 24.14 -16.11 -60.05
N GLN A 113 25.22 -16.76 -59.65
CA GLN A 113 25.73 -16.63 -58.29
C GLN A 113 26.20 -15.20 -58.03
N TYR A 114 25.27 -14.25 -58.09
CA TYR A 114 25.61 -12.84 -57.99
C TYR A 114 26.22 -12.46 -56.64
N SER A 115 26.62 -11.20 -56.51
CA SER A 115 27.37 -10.76 -55.34
C SER A 115 26.50 -10.66 -54.10
N ILE A 116 27.07 -11.09 -52.98
CA ILE A 116 26.45 -10.88 -51.67
C ILE A 116 26.24 -9.39 -51.51
N THR A 117 26.77 -8.62 -52.45
CA THR A 117 26.63 -7.17 -52.46
C THR A 117 25.17 -6.76 -52.61
N THR A 118 24.48 -7.38 -53.57
CA THR A 118 23.08 -7.08 -53.83
C THR A 118 22.26 -7.17 -52.54
N GLN A 119 21.36 -6.21 -52.35
CA GLN A 119 20.58 -6.14 -51.10
C GLN A 119 19.15 -6.64 -51.22
N GLN A 120 18.48 -6.32 -52.32
CA GLN A 120 17.13 -6.82 -52.55
C GLN A 120 17.14 -7.90 -53.62
N GLN A 121 16.29 -8.91 -53.45
CA GLN A 121 16.21 -10.01 -54.40
C GLN A 121 15.51 -9.56 -55.68
N PRO A 122 16.03 -10.02 -56.83
CA PRO A 122 15.44 -9.81 -58.16
C PRO A 122 14.37 -10.82 -58.49
N SER A 123 13.37 -10.43 -59.27
CA SER A 123 12.26 -11.32 -59.59
C SER A 123 12.43 -12.02 -60.94
N PHE A 124 11.51 -12.94 -61.24
CA PHE A 124 11.57 -13.72 -62.46
C PHE A 124 10.16 -14.12 -62.91
N ILE A 125 9.32 -13.14 -63.21
CA ILE A 125 7.95 -13.44 -63.63
C ILE A 125 7.91 -14.06 -65.03
N ASP A 126 7.43 -15.31 -65.12
CA ASP A 126 7.36 -16.05 -66.37
C ASP A 126 8.71 -16.23 -67.08
N THR A 127 9.70 -16.68 -66.31
CA THR A 127 11.03 -16.91 -66.82
C THR A 127 11.38 -18.40 -66.64
N THR A 128 12.44 -18.84 -67.29
CA THR A 128 12.89 -20.22 -67.20
C THR A 128 14.39 -20.26 -66.88
N LEU A 129 14.77 -21.10 -65.92
CA LEU A 129 16.15 -21.18 -65.47
C LEU A 129 16.74 -22.56 -65.66
N LYS A 130 16.14 -23.35 -66.54
CA LYS A 130 16.59 -24.70 -66.85
C LYS A 130 18.12 -24.84 -66.86
N ASN A 131 18.67 -25.43 -65.80
CA ASN A 131 20.10 -25.70 -65.67
C ASN A 131 20.96 -24.49 -65.35
N THR A 132 20.45 -23.60 -64.51
CA THR A 132 21.19 -22.40 -64.14
C THR A 132 21.66 -22.47 -62.69
N LEU A 133 22.86 -21.95 -62.42
CA LEU A 133 23.34 -21.87 -61.04
C LEU A 133 22.80 -20.58 -60.43
N ILE A 134 22.18 -20.70 -59.26
CA ILE A 134 21.54 -19.56 -58.62
C ILE A 134 22.12 -19.29 -57.25
N ARG A 135 22.09 -18.03 -56.84
CA ARG A 135 22.35 -17.68 -55.46
C ARG A 135 21.12 -18.09 -54.69
N HIS A 136 21.31 -18.68 -53.51
CA HIS A 136 20.22 -19.29 -52.76
C HIS A 136 19.09 -18.32 -52.38
N LYS A 137 19.27 -17.04 -52.70
CA LYS A 137 18.26 -16.02 -52.41
C LYS A 137 17.67 -15.45 -53.70
N ALA A 138 16.41 -15.76 -53.97
CA ALA A 138 15.75 -15.30 -55.20
C ALA A 138 14.23 -15.41 -55.15
N ASN A 139 13.56 -14.36 -55.63
CA ASN A 139 12.11 -14.31 -55.70
C ASN A 139 11.58 -14.97 -56.98
N LEU A 140 11.20 -16.23 -56.87
CA LEU A 140 10.80 -17.01 -58.04
C LEU A 140 9.28 -17.14 -58.15
N SER A 141 8.58 -16.10 -57.70
CA SER A 141 7.12 -16.18 -57.53
C SER A 141 6.32 -16.23 -58.83
N GLY A 142 7.02 -16.32 -59.96
CA GLY A 142 6.36 -16.44 -61.25
C GLY A 142 7.03 -17.44 -62.16
N VAL A 143 8.32 -17.66 -61.94
CA VAL A 143 9.12 -18.55 -62.77
C VAL A 143 8.43 -19.89 -63.01
N ILE A 144 8.45 -20.34 -64.27
CA ILE A 144 7.92 -21.64 -64.61
C ILE A 144 9.11 -22.56 -64.87
N LEU A 145 9.31 -23.51 -63.97
CA LEU A 145 10.46 -24.41 -64.06
C LEU A 145 10.22 -25.48 -65.11
N ASN A 146 11.28 -26.22 -65.45
CA ASN A 146 11.17 -27.33 -66.38
C ASN A 146 11.41 -28.65 -65.69
N GLU A 147 11.17 -29.75 -66.40
CA GLU A 147 11.49 -31.08 -65.89
C GLU A 147 13.01 -31.25 -65.89
N PRO A 148 13.53 -31.92 -64.86
CA PRO A 148 14.98 -32.11 -64.74
C PRO A 148 15.53 -33.00 -65.86
N ASP A 149 16.33 -32.41 -66.74
CA ASP A 149 16.94 -33.16 -67.83
C ASP A 149 18.11 -33.99 -67.30
N ASN A 150 18.53 -34.97 -68.09
CA ASN A 150 19.65 -35.83 -67.71
C ASN A 150 20.91 -35.03 -67.39
N SER A 151 20.93 -33.80 -67.89
CA SER A 151 22.09 -32.90 -67.79
C SER A 151 23.00 -33.14 -66.60
N SER A 152 24.30 -33.21 -66.88
CA SER A 152 25.32 -33.38 -65.86
C SER A 152 25.27 -32.21 -64.87
N PRO A 153 25.99 -32.34 -63.75
CA PRO A 153 26.01 -31.28 -62.74
C PRO A 153 26.98 -30.17 -63.09
N PRO A 154 26.81 -28.99 -62.48
CA PRO A 154 27.70 -27.83 -62.66
C PRO A 154 29.11 -28.13 -62.18
N SER A 155 30.07 -27.37 -62.68
CA SER A 155 31.47 -27.64 -62.41
C SER A 155 31.90 -27.13 -61.04
N VAL A 156 33.03 -27.63 -60.56
CA VAL A 156 33.51 -27.30 -59.23
C VAL A 156 34.91 -27.89 -59.01
N SER A 157 35.60 -27.42 -57.98
CA SER A 157 36.99 -27.80 -57.74
C SER A 157 37.29 -28.07 -56.26
N GLY A 158 36.31 -28.67 -55.57
CA GLY A 158 36.46 -29.04 -54.16
C GLY A 158 36.47 -27.88 -53.19
N GLY A 159 35.42 -27.07 -53.19
CA GLY A 159 34.30 -27.26 -54.09
C GLY A 159 33.16 -28.06 -53.49
N GLY A 160 32.02 -27.40 -53.31
CA GLY A 160 30.88 -28.01 -52.64
C GLY A 160 29.92 -28.72 -53.58
N ASN A 161 28.92 -29.37 -53.01
CA ASN A 161 27.91 -30.10 -53.77
C ASN A 161 26.64 -29.26 -53.99
N PHE A 162 25.84 -29.65 -54.97
CA PHE A 162 24.66 -28.89 -55.33
C PHE A 162 23.39 -29.72 -55.19
N ILE A 163 22.31 -29.08 -54.77
CA ILE A 163 21.01 -29.73 -54.70
C ILE A 163 20.15 -29.30 -55.90
N ARG A 164 19.20 -30.14 -56.29
CA ARG A 164 18.35 -29.79 -57.42
C ARG A 164 16.94 -29.40 -57.02
N LEU A 165 16.54 -28.21 -57.47
CA LEU A 165 15.25 -27.62 -57.17
C LEU A 165 14.36 -27.66 -58.41
N GLY A 166 13.67 -28.77 -58.62
CA GLY A 166 12.95 -28.97 -59.85
C GLY A 166 13.95 -29.16 -60.97
N ASP A 167 14.24 -28.08 -61.69
CA ASP A 167 15.25 -28.13 -62.75
C ASP A 167 16.24 -26.95 -62.70
N ILE A 168 16.40 -26.38 -61.52
CA ILE A 168 17.42 -25.35 -61.29
C ILE A 168 18.57 -25.96 -60.48
N TRP A 169 19.63 -25.18 -60.26
CA TRP A 169 20.80 -25.67 -59.52
C TRP A 169 21.21 -24.76 -58.37
N LEU A 170 21.17 -25.28 -57.15
CA LEU A 170 21.52 -24.51 -55.97
C LEU A 170 22.78 -25.04 -55.29
N GLN A 171 23.63 -24.16 -54.77
CA GLN A 171 24.89 -24.60 -54.16
C GLN A 171 24.85 -24.64 -52.64
N MET A 172 25.11 -25.81 -52.06
CA MET A 172 25.28 -25.96 -50.62
C MET A 172 26.66 -25.46 -50.21
N PRO A 173 26.82 -25.05 -48.95
CA PRO A 173 28.13 -24.53 -48.55
C PRO A 173 29.19 -25.63 -48.46
N LEU A 174 30.44 -25.21 -48.32
CA LEU A 174 31.56 -26.13 -48.16
C LEU A 174 31.47 -26.84 -46.82
N LEU A 175 30.87 -26.16 -45.84
CA LEU A 175 30.68 -26.70 -44.50
C LEU A 175 29.78 -25.76 -43.71
N TRP A 176 28.77 -26.32 -43.06
CA TRP A 176 27.79 -25.54 -42.31
C TRP A 176 28.39 -24.85 -41.08
N THR A 177 29.39 -24.00 -41.27
CA THR A 177 29.86 -23.19 -40.16
C THR A 177 28.65 -22.40 -39.69
N GLU A 178 28.66 -21.95 -38.44
CA GLU A 178 27.54 -21.17 -37.92
C GLU A 178 27.24 -20.02 -38.87
N ASN A 179 28.27 -19.58 -39.59
CA ASN A 179 28.11 -18.54 -40.58
C ASN A 179 27.35 -19.02 -41.82
N ALA A 180 27.65 -20.25 -42.25
CA ALA A 180 26.95 -20.85 -43.38
C ALA A 180 25.47 -20.99 -43.07
N VAL A 181 25.17 -21.43 -41.84
CA VAL A 181 23.81 -21.61 -41.34
C VAL A 181 22.99 -20.32 -41.30
N ASP A 182 23.51 -19.31 -40.59
CA ASP A 182 22.80 -18.05 -40.43
C ASP A 182 22.61 -17.32 -41.75
N GLY A 183 23.23 -17.84 -42.80
CA GLY A 183 23.11 -17.25 -44.12
C GLY A 183 22.01 -17.88 -44.93
N PHE A 184 22.12 -19.18 -45.16
CA PHE A 184 21.18 -19.92 -45.99
C PHE A 184 19.81 -20.06 -45.36
N LEU A 185 19.78 -20.15 -44.03
CA LEU A 185 18.55 -20.56 -43.33
C LEU A 185 17.77 -19.43 -42.65
N ASN A 186 18.48 -18.56 -41.95
CA ASN A 186 17.82 -17.52 -41.17
C ASN A 186 17.34 -16.36 -42.04
N HIS A 187 16.05 -16.37 -42.37
CA HIS A 187 15.44 -15.30 -43.15
C HIS A 187 14.83 -14.25 -42.24
N GLU A 188 15.00 -14.42 -40.95
CA GLU A 188 14.56 -13.42 -39.98
C GLU A 188 15.66 -12.37 -39.83
N HIS A 189 16.83 -12.82 -39.39
CA HIS A 189 17.98 -11.93 -39.21
C HIS A 189 18.44 -11.32 -40.52
N ASN A 190 17.79 -11.68 -41.62
CA ASN A 190 18.27 -11.28 -42.94
C ASN A 190 17.20 -10.62 -43.84
N ASN A 191 16.40 -9.74 -43.26
CA ASN A 191 15.44 -8.96 -44.03
C ASN A 191 14.46 -9.80 -44.88
N GLY A 192 14.20 -11.02 -44.43
CA GLY A 192 13.20 -11.87 -45.07
C GLY A 192 13.72 -12.72 -46.21
N LYS A 193 15.05 -12.88 -46.28
CA LYS A 193 15.70 -13.60 -47.37
C LYS A 193 16.36 -14.90 -46.91
N SER A 194 16.17 -15.96 -47.68
CA SER A 194 16.77 -17.25 -47.35
C SER A 194 16.41 -18.29 -48.40
N ILE A 195 17.10 -19.43 -48.35
CA ILE A 195 16.87 -20.52 -49.28
C ILE A 195 15.48 -21.12 -49.10
N LEU A 196 15.04 -21.19 -47.85
CA LEU A 196 13.68 -21.65 -47.52
C LEU A 196 12.63 -20.74 -48.11
N MET A 197 12.85 -19.43 -48.00
CA MET A 197 11.93 -18.47 -48.57
C MET A 197 12.04 -18.43 -50.09
N THR A 198 13.22 -18.79 -50.60
CA THR A 198 13.43 -18.86 -52.05
C THR A 198 12.69 -20.05 -52.65
N ILE A 199 12.87 -21.22 -52.06
CA ILE A 199 12.24 -22.45 -52.56
C ILE A 199 10.72 -22.42 -52.43
N ASP A 200 10.21 -21.78 -51.39
CA ASP A 200 8.76 -21.75 -51.17
C ASP A 200 8.09 -20.65 -51.96
N SER A 201 8.89 -19.76 -52.52
CA SER A 201 8.37 -18.67 -53.34
C SER A 201 7.81 -19.18 -54.68
N LEU A 202 8.15 -20.40 -55.03
CA LEU A 202 7.63 -21.03 -56.25
C LEU A 202 6.11 -21.08 -56.19
N PRO A 203 5.47 -20.92 -57.35
CA PRO A 203 4.00 -20.91 -57.45
C PRO A 203 3.33 -22.14 -56.82
N ASP A 204 2.05 -22.00 -56.47
CA ASP A 204 1.34 -22.99 -55.67
C ASP A 204 0.87 -24.24 -56.42
N LYS A 205 1.77 -24.89 -57.15
CA LYS A 205 1.40 -26.12 -57.85
C LYS A 205 2.60 -27.04 -57.99
N TYR A 206 3.79 -26.46 -58.03
CA TYR A 206 5.03 -27.22 -58.13
C TYR A 206 5.40 -27.85 -56.80
N SER A 207 4.39 -28.06 -55.94
CA SER A 207 4.59 -28.67 -54.64
C SER A 207 5.40 -29.96 -54.73
N GLN A 208 5.45 -30.54 -55.91
CA GLN A 208 6.22 -31.75 -56.14
C GLN A 208 7.71 -31.48 -56.05
N GLU A 209 8.20 -30.55 -56.88
CA GLU A 209 9.61 -30.20 -56.89
C GLU A 209 10.00 -29.36 -55.66
N LYS A 210 9.04 -28.60 -55.14
CA LYS A 210 9.27 -27.77 -53.96
C LYS A 210 9.61 -28.64 -52.77
N VAL A 211 8.83 -29.69 -52.57
CA VAL A 211 9.07 -30.65 -51.49
C VAL A 211 10.38 -31.37 -51.72
N GLN A 212 10.52 -31.95 -52.91
CA GLN A 212 11.75 -32.63 -53.29
C GLN A 212 12.98 -31.80 -52.92
N ALA A 213 12.97 -30.53 -53.32
CA ALA A 213 14.07 -29.61 -53.07
C ALA A 213 14.36 -29.45 -51.59
N MET A 214 13.32 -29.51 -50.77
CA MET A 214 13.48 -29.40 -49.32
C MET A 214 13.94 -30.71 -48.70
N GLU A 215 13.48 -31.82 -49.25
CA GLU A 215 13.99 -33.11 -48.81
C GLU A 215 15.49 -33.15 -49.05
N ASP A 216 15.93 -32.62 -50.19
CA ASP A 216 17.36 -32.59 -50.55
C ASP A 216 18.17 -31.66 -49.65
N LEU A 217 17.51 -30.68 -49.04
CA LEU A 217 18.19 -29.71 -48.20
C LEU A 217 18.29 -30.16 -46.73
N VAL A 218 17.26 -30.86 -46.26
CA VAL A 218 17.29 -31.47 -44.94
C VAL A 218 18.32 -32.59 -44.91
N LYS A 219 18.33 -33.37 -46.00
CA LYS A 219 19.29 -34.47 -46.12
C LYS A 219 20.72 -33.94 -46.13
N SER A 220 20.88 -32.70 -46.55
CA SER A 220 22.19 -32.05 -46.46
C SER A 220 22.54 -31.75 -45.01
N LEU A 221 21.63 -31.04 -44.33
CA LEU A 221 21.82 -30.65 -42.94
C LEU A 221 21.87 -31.88 -42.03
N ARG A 222 21.07 -32.89 -42.36
CA ARG A 222 21.04 -34.12 -41.59
C ARG A 222 22.45 -34.70 -41.48
N GLY A 223 23.30 -34.37 -42.46
CA GLY A 223 24.67 -34.84 -42.48
C GLY A 223 25.66 -33.75 -42.11
N GLY A 224 25.21 -32.77 -41.32
CA GLY A 224 26.06 -31.69 -40.88
C GLY A 224 26.73 -32.01 -39.57
N ARG A 225 26.06 -32.83 -38.76
CA ARG A 225 26.54 -33.20 -37.43
C ARG A 225 26.31 -32.09 -36.42
N LEU A 226 25.76 -30.97 -36.91
CA LEU A 226 25.47 -29.80 -36.08
C LEU A 226 24.48 -30.12 -34.93
N THR A 227 24.67 -29.45 -33.80
CA THR A 227 23.99 -29.83 -32.57
C THR A 227 22.86 -28.86 -32.19
N GLU A 228 22.01 -29.29 -31.25
CA GLU A 228 20.88 -28.48 -30.78
C GLU A 228 21.28 -27.05 -30.53
N ALA A 229 22.44 -26.89 -29.93
CA ALA A 229 22.97 -25.57 -29.62
C ALA A 229 23.15 -24.72 -30.87
N CYS A 230 23.59 -25.34 -31.96
CA CYS A 230 23.92 -24.63 -33.18
C CYS A 230 22.74 -24.38 -34.13
N ILE A 231 21.58 -24.93 -33.78
CA ILE A 231 20.42 -24.87 -34.66
C ILE A 231 19.32 -23.98 -34.11
N ARG A 232 19.52 -23.52 -32.87
CA ARG A 232 18.50 -22.76 -32.16
C ARG A 232 18.10 -21.42 -32.79
N PRO A 233 19.09 -20.66 -33.29
CA PRO A 233 18.77 -19.33 -33.84
C PRO A 233 18.09 -19.41 -35.21
N VAL A 234 17.93 -20.62 -35.74
CA VAL A 234 17.18 -20.83 -36.97
C VAL A 234 15.93 -21.71 -36.77
N GLU A 235 15.63 -22.03 -35.52
CA GLU A 235 14.42 -22.77 -35.17
C GLU A 235 13.16 -22.07 -35.68
N SER A 236 13.04 -20.79 -35.36
CA SER A 236 11.86 -20.01 -35.74
C SER A 236 11.73 -19.86 -37.25
N SER A 237 12.87 -19.71 -37.93
CA SER A 237 12.89 -19.53 -39.37
C SER A 237 12.56 -20.84 -40.13
N LEU A 238 12.88 -21.98 -39.52
CA LEU A 238 12.67 -23.28 -40.14
C LEU A 238 11.22 -23.71 -40.09
N VAL A 239 10.61 -23.59 -38.92
CA VAL A 239 9.22 -23.97 -38.75
C VAL A 239 8.36 -23.09 -39.62
N SER A 240 8.54 -21.78 -39.49
CA SER A 240 7.72 -20.78 -40.19
C SER A 240 7.48 -21.15 -41.65
N VAL A 241 8.37 -21.95 -42.22
CA VAL A 241 8.21 -22.39 -43.59
C VAL A 241 7.87 -23.87 -43.66
N LEU A 242 8.60 -24.69 -42.91
CA LEU A 242 8.53 -26.15 -43.03
C LEU A 242 7.37 -26.80 -42.28
N ALA A 243 6.70 -26.03 -41.43
CA ALA A 243 5.63 -26.58 -40.60
C ALA A 243 4.26 -26.55 -41.28
N HIS A 244 4.10 -25.71 -42.29
CA HIS A 244 2.84 -25.63 -43.03
C HIS A 244 2.87 -26.54 -44.24
N PRO A 245 1.69 -26.97 -44.72
CA PRO A 245 1.65 -27.69 -45.99
C PRO A 245 2.42 -26.89 -47.04
N PRO A 246 2.94 -27.56 -48.09
CA PRO A 246 2.79 -28.98 -48.37
C PRO A 246 3.83 -29.80 -47.63
N TYR A 247 4.70 -29.10 -46.90
CA TYR A 247 5.81 -29.76 -46.22
C TYR A 247 5.32 -30.59 -45.03
N THR A 248 4.02 -30.67 -44.84
CA THR A 248 3.49 -31.54 -43.79
C THR A 248 3.27 -32.93 -44.37
N GLN A 249 3.06 -32.99 -45.68
CA GLN A 249 2.84 -34.25 -46.38
C GLN A 249 4.13 -35.07 -46.47
N SER A 250 5.24 -34.39 -46.77
CA SER A 250 6.55 -35.03 -46.90
C SER A 250 6.99 -35.77 -45.64
N ALA A 251 7.17 -37.08 -45.77
CA ALA A 251 7.50 -37.90 -44.61
C ALA A 251 8.90 -37.62 -44.08
N LEU A 252 9.85 -37.44 -44.99
CA LEU A 252 11.25 -37.25 -44.61
C LEU A 252 11.49 -35.90 -43.96
N ILE A 253 10.68 -34.92 -44.33
CA ILE A 253 10.78 -33.58 -43.79
C ILE A 253 10.07 -33.45 -42.44
N SER A 254 8.99 -34.20 -42.27
CA SER A 254 8.25 -34.16 -41.01
C SER A 254 9.08 -34.82 -39.92
N GLU A 255 9.69 -35.95 -40.25
CA GLU A 255 10.50 -36.70 -39.30
C GLU A 255 11.57 -35.83 -38.67
N TRP A 256 12.36 -35.18 -39.52
CA TRP A 256 13.50 -34.39 -39.06
C TRP A 256 13.06 -33.16 -38.27
N LEU A 257 11.99 -32.52 -38.74
CA LEU A 257 11.52 -31.25 -38.17
C LEU A 257 10.84 -31.40 -36.81
N GLY A 258 10.25 -32.58 -36.55
CA GLY A 258 9.61 -32.85 -35.27
C GLY A 258 10.39 -32.36 -34.06
N PRO A 259 11.57 -32.95 -33.82
CA PRO A 259 12.43 -32.54 -32.70
C PRO A 259 12.69 -31.05 -32.73
N VAL A 260 12.82 -30.48 -33.93
CA VAL A 260 13.13 -29.06 -34.10
C VAL A 260 11.99 -28.19 -33.60
N GLN A 261 10.77 -28.70 -33.73
CA GLN A 261 9.59 -27.96 -33.30
C GLN A 261 9.32 -28.17 -31.81
N GLU A 262 9.76 -29.29 -31.27
CA GLU A 262 9.63 -29.51 -29.84
C GLU A 262 10.54 -28.57 -29.08
N ARG A 263 11.70 -28.27 -29.68
CA ARG A 263 12.68 -27.39 -29.08
C ARG A 263 12.29 -25.94 -29.25
N PHE A 264 11.56 -25.68 -30.34
CA PHE A 264 11.06 -24.34 -30.61
C PHE A 264 10.01 -23.98 -29.56
N PHE A 265 8.95 -24.76 -29.50
CA PHE A 265 7.88 -24.57 -28.51
C PHE A 265 8.50 -24.43 -27.11
N ALA A 266 9.46 -25.30 -26.79
CA ALA A 266 10.09 -25.26 -25.47
C ALA A 266 10.73 -23.91 -25.20
N HIS A 267 11.55 -23.44 -26.14
CA HIS A 267 12.26 -22.18 -25.98
C HIS A 267 11.29 -21.00 -25.95
N GLN A 268 10.14 -21.16 -26.58
CA GLN A 268 9.12 -20.12 -26.53
C GLN A 268 8.39 -20.14 -25.18
N CYS A 269 8.28 -21.31 -24.57
CA CYS A 269 7.59 -21.45 -23.30
C CYS A 269 8.39 -20.82 -22.16
N GLN A 270 9.71 -20.80 -22.32
CA GLN A 270 10.59 -20.21 -21.31
C GLN A 270 10.64 -18.70 -21.46
N THR A 271 10.54 -18.24 -22.70
CA THR A 271 10.74 -16.83 -23.01
C THR A 271 9.51 -15.95 -22.81
N TYR A 272 8.36 -16.41 -23.28
CA TYR A 272 7.18 -15.56 -23.29
C TYR A 272 6.07 -15.99 -22.35
N ASN A 273 6.38 -16.88 -21.41
CA ASN A 273 5.39 -17.28 -20.43
C ASN A 273 5.27 -16.27 -19.31
N ASP A 274 6.33 -15.47 -19.13
CA ASP A 274 6.36 -14.44 -18.10
C ASP A 274 6.34 -13.04 -18.68
N VAL A 275 6.49 -12.95 -20.01
CA VAL A 275 6.69 -11.68 -20.67
C VAL A 275 5.75 -11.51 -21.86
N PRO A 276 5.29 -10.26 -22.11
CA PRO A 276 4.36 -9.99 -23.22
C PRO A 276 4.95 -10.26 -24.60
N LEU A 277 4.43 -11.29 -25.27
CA LEU A 277 4.77 -11.55 -26.65
C LEU A 277 4.44 -10.31 -27.46
N PRO A 278 5.46 -9.67 -28.06
CA PRO A 278 5.33 -8.42 -28.81
C PRO A 278 4.31 -8.51 -29.93
N ALA A 279 3.54 -7.44 -30.13
CA ALA A 279 2.50 -7.37 -31.17
C ALA A 279 2.97 -7.91 -32.51
N PRO A 280 2.28 -8.93 -33.04
CA PRO A 280 2.73 -9.69 -34.21
C PRO A 280 2.55 -8.98 -35.56
N ASP A 281 3.59 -8.96 -36.39
CA ASP A 281 3.46 -8.49 -37.76
C ASP A 281 2.63 -9.50 -38.55
N THR A 282 2.67 -9.43 -39.87
CA THR A 282 1.89 -10.35 -40.70
C THR A 282 2.56 -11.71 -40.84
N TYR A 283 3.82 -11.71 -41.23
CA TYR A 283 4.60 -12.94 -41.30
C TYR A 283 4.39 -13.84 -40.07
N TYR A 284 4.36 -13.23 -38.89
CA TYR A 284 4.18 -13.98 -37.64
C TYR A 284 2.79 -14.56 -37.55
N GLN A 285 1.79 -13.74 -37.87
CA GLN A 285 0.41 -14.16 -37.84
C GLN A 285 0.17 -15.32 -38.79
N GLN A 286 0.86 -15.31 -39.92
CA GLN A 286 0.64 -16.30 -40.97
C GLN A 286 1.54 -17.52 -40.84
N ARG A 287 2.79 -17.29 -40.47
CA ARG A 287 3.77 -18.37 -40.48
C ARG A 287 4.18 -18.92 -39.10
N ILE A 288 3.82 -18.23 -38.02
CA ILE A 288 4.24 -18.70 -36.71
C ILE A 288 3.12 -19.24 -35.83
N LEU A 289 2.19 -18.36 -35.44
CA LEU A 289 1.06 -18.76 -34.59
C LEU A 289 0.49 -20.15 -34.91
N PRO A 290 0.24 -20.44 -36.19
CA PRO A 290 -0.29 -21.76 -36.53
C PRO A 290 0.56 -22.90 -35.98
N VAL A 291 1.88 -22.70 -35.95
CA VAL A 291 2.79 -23.69 -35.38
C VAL A 291 2.65 -23.75 -33.88
N LEU A 292 2.45 -22.60 -33.25
CA LEU A 292 2.25 -22.55 -31.80
C LEU A 292 0.94 -23.23 -31.43
N LEU A 293 -0.10 -23.01 -32.23
CA LEU A 293 -1.37 -23.68 -32.00
C LEU A 293 -1.19 -25.18 -32.16
N ASP A 294 -0.29 -25.56 -33.07
CA ASP A 294 -0.05 -26.97 -33.33
C ASP A 294 0.68 -27.60 -32.17
N SER A 295 1.74 -26.94 -31.71
CA SER A 295 2.54 -27.45 -30.61
C SER A 295 1.70 -27.61 -29.34
N PHE A 296 0.80 -26.66 -29.11
CA PHE A 296 -0.12 -26.73 -27.99
C PHE A 296 -1.10 -27.90 -28.13
N ASP A 297 -1.50 -28.19 -29.36
CA ASP A 297 -2.45 -29.26 -29.61
C ASP A 297 -1.82 -30.63 -29.39
N ARG A 298 -0.49 -30.69 -29.42
CA ARG A 298 0.21 -31.96 -29.23
C ARG A 298 0.73 -32.12 -27.81
N ASN A 299 0.93 -31.00 -27.13
CA ASN A 299 1.33 -31.02 -25.73
C ASN A 299 0.19 -30.50 -24.87
N SER A 300 -0.94 -31.19 -24.92
CA SER A 300 -2.14 -30.79 -24.19
C SER A 300 -1.81 -30.12 -22.86
N ALA A 301 -1.13 -30.86 -21.99
CA ALA A 301 -0.76 -30.35 -20.68
C ALA A 301 -0.25 -28.91 -20.72
N ALA A 302 0.53 -28.58 -21.75
CA ALA A 302 1.12 -27.25 -21.86
C ALA A 302 0.11 -26.12 -21.70
N MET A 303 -1.10 -26.30 -22.23
CA MET A 303 -2.12 -25.26 -22.20
C MET A 303 -2.32 -24.68 -20.81
N THR A 304 -2.15 -25.51 -19.78
CA THR A 304 -2.39 -25.07 -18.41
C THR A 304 -1.12 -24.69 -17.68
N THR A 305 -0.09 -25.53 -17.80
CA THR A 305 1.17 -25.32 -17.09
C THR A 305 1.87 -24.04 -17.56
N HIS A 306 1.66 -23.69 -18.82
CA HIS A 306 2.16 -22.43 -19.36
C HIS A 306 1.00 -21.60 -19.88
N SER A 307 0.04 -21.34 -18.99
CA SER A 307 -1.15 -20.59 -19.37
C SER A 307 -0.76 -19.19 -19.80
N GLY A 308 0.31 -18.68 -19.20
CA GLY A 308 0.77 -17.34 -19.51
C GLY A 308 0.95 -17.13 -21.00
N LEU A 309 1.64 -18.07 -21.65
CA LEU A 309 1.88 -17.98 -23.09
C LEU A 309 0.65 -18.39 -23.88
N PHE A 310 0.00 -19.47 -23.44
CA PHE A 310 -1.20 -19.96 -24.10
C PHE A 310 -2.17 -18.81 -24.35
N ASN A 311 -2.56 -18.13 -23.28
CA ASN A 311 -3.51 -17.03 -23.37
C ASN A 311 -3.07 -15.93 -24.31
N GLN A 312 -1.77 -15.80 -24.51
CA GLN A 312 -1.29 -14.86 -25.51
C GLN A 312 -1.47 -15.43 -26.91
N VAL A 313 -0.94 -16.62 -27.16
CA VAL A 313 -1.06 -17.25 -28.47
C VAL A 313 -2.53 -17.37 -28.92
N ILE A 314 -3.45 -17.37 -27.96
CA ILE A 314 -4.87 -17.44 -28.28
C ILE A 314 -5.44 -16.07 -28.58
N LEU A 315 -5.24 -15.14 -27.64
CA LEU A 315 -5.62 -13.74 -27.82
C LEU A 315 -5.24 -13.24 -29.21
N HIS A 316 -3.96 -13.29 -29.51
CA HIS A 316 -3.42 -12.82 -30.79
C HIS A 316 -3.96 -13.58 -31.99
N CYS A 317 -4.37 -14.83 -31.79
CA CYS A 317 -4.94 -15.60 -32.86
C CYS A 317 -6.33 -15.10 -33.21
N MET A 318 -7.12 -14.82 -32.18
CA MET A 318 -8.50 -14.40 -32.36
C MET A 318 -8.67 -12.93 -32.75
N THR A 319 -7.55 -12.20 -32.85
CA THR A 319 -7.59 -10.78 -33.25
C THR A 319 -6.49 -10.42 -34.25
N GLY A 320 -5.88 -11.43 -34.85
CA GLY A 320 -4.87 -11.20 -35.86
C GLY A 320 -5.54 -10.81 -37.15
N VAL A 321 -5.26 -9.60 -37.62
CA VAL A 321 -5.91 -9.08 -38.82
C VAL A 321 -5.75 -10.02 -40.00
N ASP A 322 -4.59 -10.66 -40.09
CA ASP A 322 -4.27 -11.51 -41.23
C ASP A 322 -4.20 -12.99 -40.85
N CYS A 323 -5.09 -13.41 -39.95
CA CYS A 323 -5.13 -14.80 -39.51
C CYS A 323 -6.18 -15.61 -40.25
N THR A 324 -5.76 -16.75 -40.80
CA THR A 324 -6.64 -17.59 -41.61
C THR A 324 -7.77 -18.18 -40.80
N ASP A 325 -8.93 -18.37 -41.42
CA ASP A 325 -10.10 -18.85 -40.69
C ASP A 325 -9.86 -20.22 -40.06
N GLY A 326 -8.85 -20.92 -40.55
CA GLY A 326 -8.44 -22.17 -39.94
C GLY A 326 -7.67 -21.93 -38.64
N THR A 327 -6.75 -20.98 -38.68
CA THR A 327 -5.98 -20.59 -37.50
C THR A 327 -6.89 -20.03 -36.39
N ARG A 328 -7.98 -19.40 -36.78
CA ARG A 328 -8.94 -18.84 -35.83
C ARG A 328 -9.79 -19.94 -35.20
N GLN A 329 -10.22 -20.88 -36.03
CA GLN A 329 -11.03 -22.01 -35.56
C GLN A 329 -10.25 -22.90 -34.63
N LYS A 330 -9.06 -23.31 -35.06
CA LYS A 330 -8.20 -24.12 -34.21
C LYS A 330 -8.06 -23.45 -32.86
N ALA A 331 -7.77 -22.15 -32.87
CA ALA A 331 -7.63 -21.40 -31.64
C ALA A 331 -8.91 -21.49 -30.79
N ALA A 332 -10.02 -21.04 -31.34
CA ALA A 332 -11.30 -21.12 -30.64
C ALA A 332 -11.44 -22.49 -30.01
N ALA A 333 -11.25 -23.52 -30.84
CA ALA A 333 -11.46 -24.91 -30.46
C ALA A 333 -10.45 -25.35 -29.43
N LEU A 334 -9.21 -24.92 -29.60
CA LEU A 334 -8.15 -25.23 -28.65
C LEU A 334 -8.50 -24.62 -27.30
N TYR A 335 -9.32 -23.59 -27.35
CA TYR A 335 -9.65 -22.84 -26.15
C TYR A 335 -10.82 -23.45 -25.37
N GLU A 336 -11.77 -24.06 -26.06
CA GLU A 336 -12.85 -24.74 -25.37
C GLU A 336 -12.31 -25.93 -24.57
N GLN A 337 -11.14 -26.44 -24.97
CA GLN A 337 -10.44 -27.50 -24.26
C GLN A 337 -9.88 -26.97 -22.96
N TYR A 338 -9.25 -25.82 -23.05
CA TYR A 338 -8.59 -25.17 -21.93
C TYR A 338 -9.58 -24.76 -20.84
N LEU A 339 -10.76 -24.28 -21.23
CA LEU A 339 -11.78 -23.82 -20.29
C LEU A 339 -12.42 -24.99 -19.55
N ALA A 340 -12.36 -26.18 -20.14
CA ALA A 340 -12.93 -27.37 -19.53
C ALA A 340 -11.94 -28.09 -18.60
N HIS A 341 -10.66 -27.73 -18.70
CA HIS A 341 -9.66 -28.26 -17.79
C HIS A 341 -10.10 -28.05 -16.34
N PRO A 342 -9.82 -29.01 -15.45
CA PRO A 342 -10.29 -28.99 -14.07
C PRO A 342 -9.42 -28.08 -13.19
N ALA A 343 -8.53 -27.31 -13.82
CA ALA A 343 -7.71 -26.34 -13.12
C ALA A 343 -8.22 -24.94 -13.45
N VAL A 344 -9.14 -24.87 -14.40
CA VAL A 344 -9.58 -23.60 -14.96
C VAL A 344 -11.07 -23.40 -14.77
N SER A 345 -11.84 -24.45 -15.05
CA SER A 345 -13.31 -24.40 -15.02
C SER A 345 -13.93 -24.07 -13.65
N PRO A 346 -13.25 -24.45 -12.55
CA PRO A 346 -13.70 -24.01 -11.23
C PRO A 346 -13.86 -22.49 -11.11
N HIS A 347 -12.98 -21.72 -11.74
CA HIS A 347 -12.97 -20.27 -11.58
C HIS A 347 -14.05 -19.55 -12.37
N ILE A 348 -14.81 -20.30 -13.15
CA ILE A 348 -15.78 -19.67 -14.05
C ILE A 348 -17.10 -19.27 -13.36
N HIS A 349 -17.17 -17.98 -13.03
CA HIS A 349 -18.34 -17.33 -12.48
C HIS A 349 -19.46 -17.38 -13.52
N ASN A 350 -20.24 -18.46 -13.49
CA ASN A 350 -21.20 -18.78 -14.55
C ASN A 350 -22.01 -17.59 -15.08
N GLY A 351 -22.08 -16.52 -14.30
CA GLY A 351 -22.85 -15.36 -14.68
C GLY A 351 -22.17 -14.48 -15.72
N LEU A 352 -21.12 -13.78 -15.29
CA LEU A 352 -20.50 -12.73 -16.09
C LEU A 352 -19.60 -13.20 -17.23
N PHE A 353 -19.05 -14.41 -17.12
CA PHE A 353 -18.06 -14.87 -18.08
C PHE A 353 -18.60 -15.22 -19.48
N GLY A 354 -17.83 -14.84 -20.50
CA GLY A 354 -18.15 -15.18 -21.88
C GLY A 354 -19.52 -14.67 -22.30
N ASN A 355 -20.31 -15.55 -22.93
CA ASN A 355 -21.66 -15.20 -23.35
C ASN A 355 -22.71 -15.45 -22.26
N TYR A 356 -22.24 -15.48 -21.01
CA TYR A 356 -23.11 -15.72 -19.87
C TYR A 356 -23.73 -17.10 -19.93
N ASP A 357 -23.31 -17.90 -20.90
CA ASP A 357 -23.84 -19.25 -21.06
C ASP A 357 -22.71 -20.25 -21.04
N GLY A 358 -21.60 -19.86 -20.40
CA GLY A 358 -20.51 -20.78 -20.19
C GLY A 358 -19.32 -20.62 -21.13
N SER A 359 -19.60 -20.34 -22.39
CA SER A 359 -18.53 -20.27 -23.40
C SER A 359 -18.27 -18.84 -23.88
N PRO A 360 -17.07 -18.60 -24.43
CA PRO A 360 -16.73 -17.28 -24.96
C PRO A 360 -17.55 -16.87 -26.17
N ASP A 361 -17.69 -15.55 -26.34
CA ASP A 361 -18.41 -14.93 -27.44
C ASP A 361 -17.42 -14.22 -28.35
N TRP A 362 -16.70 -14.97 -29.18
CA TRP A 362 -15.57 -14.43 -29.92
C TRP A 362 -15.86 -13.31 -30.94
N THR A 363 -17.14 -12.97 -31.15
CA THR A 363 -17.46 -11.89 -32.08
C THR A 363 -17.11 -10.55 -31.49
N THR A 364 -17.42 -10.38 -30.20
CA THR A 364 -17.17 -9.11 -29.54
C THR A 364 -15.77 -9.09 -28.94
N ARG A 365 -15.14 -7.92 -28.95
CA ARG A 365 -13.83 -7.76 -28.35
C ARG A 365 -13.96 -7.30 -26.92
N ALA A 366 -15.17 -6.98 -26.49
CA ALA A 366 -15.37 -6.44 -25.16
C ALA A 366 -16.14 -7.41 -24.28
N ALA A 367 -15.92 -8.71 -24.52
CA ALA A 367 -16.51 -9.77 -23.72
C ALA A 367 -15.49 -10.37 -22.78
N ASP A 368 -15.96 -10.95 -21.69
CA ASP A 368 -15.08 -11.62 -20.75
C ASP A 368 -14.78 -13.01 -21.28
N ASN A 369 -13.89 -13.04 -22.27
CA ASN A 369 -13.54 -14.28 -22.93
C ASN A 369 -12.33 -14.95 -22.30
N PHE A 370 -11.52 -14.18 -21.58
CA PHE A 370 -10.23 -14.67 -21.10
C PHE A 370 -10.21 -15.01 -19.61
N LEU A 371 -9.54 -16.12 -19.29
CA LEU A 371 -9.33 -16.54 -17.90
C LEU A 371 -7.83 -16.82 -17.68
N LEU A 372 -7.18 -15.94 -16.91
CA LEU A 372 -5.76 -16.06 -16.60
C LEU A 372 -5.54 -16.76 -15.27
N LEU A 373 -4.54 -17.63 -15.21
CA LEU A 373 -4.26 -18.36 -13.97
C LEU A 373 -3.11 -17.72 -13.20
N SER A 374 -3.20 -17.76 -11.87
CA SER A 374 -2.13 -17.24 -11.05
C SER A 374 -0.85 -18.03 -11.26
N SER A 375 0.29 -17.35 -11.11
CA SER A 375 1.59 -17.97 -11.29
C SER A 375 2.00 -18.75 -10.04
N GLN A 376 1.50 -18.30 -8.88
CA GLN A 376 1.89 -18.88 -7.59
C GLN A 376 0.78 -19.70 -6.92
N ASP A 377 -0.45 -19.19 -7.00
CA ASP A 377 -1.59 -19.78 -6.27
C ASP A 377 -2.45 -20.71 -7.13
N SER A 378 -3.13 -21.63 -6.45
CA SER A 378 -3.98 -22.60 -7.13
C SER A 378 -5.41 -22.06 -7.22
N ASP A 379 -5.71 -21.05 -6.41
CA ASP A 379 -7.07 -20.55 -6.26
C ASP A 379 -7.30 -19.22 -6.97
N THR A 380 -6.25 -18.41 -7.05
CA THR A 380 -6.36 -17.10 -7.68
C THR A 380 -6.39 -17.19 -9.20
N ALA A 381 -7.36 -16.50 -9.80
CA ALA A 381 -7.48 -16.40 -11.25
C ALA A 381 -8.01 -15.02 -11.62
N MET A 382 -7.75 -14.63 -12.86
CA MET A 382 -8.12 -13.31 -13.36
C MET A 382 -9.06 -13.46 -14.57
N MET A 383 -10.24 -12.87 -14.48
CA MET A 383 -11.16 -12.83 -15.61
C MET A 383 -11.15 -11.41 -16.20
N LEU A 384 -10.80 -11.28 -17.48
CA LEU A 384 -10.75 -9.96 -18.13
C LEU A 384 -11.12 -10.07 -19.61
N SER A 385 -11.30 -8.92 -20.26
CA SER A 385 -11.80 -8.88 -21.64
C SER A 385 -10.70 -8.78 -22.69
N THR A 386 -11.07 -9.00 -23.95
CA THR A 386 -10.14 -8.93 -25.08
C THR A 386 -9.62 -7.51 -25.29
N ASP A 387 -10.54 -6.55 -25.34
CA ASP A 387 -10.13 -5.16 -25.45
C ASP A 387 -9.17 -4.83 -24.33
N THR A 388 -9.47 -5.32 -23.12
CA THR A 388 -8.65 -5.01 -21.96
C THR A 388 -7.30 -5.74 -21.94
N LEU A 389 -7.34 -7.07 -22.00
CA LEU A 389 -6.09 -7.85 -22.02
C LEU A 389 -5.16 -7.34 -23.10
N LEU A 390 -5.73 -6.92 -24.23
CA LEU A 390 -4.93 -6.36 -25.30
C LEU A 390 -4.06 -5.19 -24.84
N THR A 391 -4.67 -4.18 -24.21
CA THR A 391 -3.92 -2.99 -23.80
C THR A 391 -3.05 -3.21 -22.57
N MET A 392 -3.51 -4.00 -21.61
CA MET A 392 -2.61 -4.43 -20.54
C MET A 392 -1.30 -4.99 -21.13
N LEU A 393 -1.41 -5.82 -22.17
CA LEU A 393 -0.23 -6.47 -22.73
C LEU A 393 0.51 -5.56 -23.71
N ASN A 394 -0.16 -4.52 -24.18
CA ASN A 394 0.49 -3.52 -25.02
C ASN A 394 0.15 -2.11 -24.53
N PRO A 395 0.66 -1.74 -23.33
CA PRO A 395 0.30 -0.53 -22.58
C PRO A 395 0.26 0.77 -23.39
N THR A 396 -0.57 1.69 -22.91
CA THR A 396 -0.64 3.05 -23.42
C THR A 396 -0.55 3.94 -22.19
N PRO A 397 -0.26 5.25 -22.36
CA PRO A 397 -0.13 6.15 -21.21
C PRO A 397 -1.37 6.17 -20.30
N ASP A 398 -2.54 5.85 -20.87
CA ASP A 398 -3.79 5.90 -20.12
C ASP A 398 -4.39 4.51 -19.87
N THR A 399 -3.63 3.48 -20.17
CA THR A 399 -4.03 2.11 -19.88
C THR A 399 -4.36 1.93 -18.39
N ALA A 400 -5.59 1.52 -18.09
CA ALA A 400 -5.98 1.29 -16.71
C ALA A 400 -5.56 -0.12 -16.29
N TRP A 401 -4.95 -0.23 -15.11
CA TRP A 401 -4.39 -1.50 -14.65
C TRP A 401 -5.18 -2.14 -13.50
N ASP A 402 -6.50 -2.24 -13.65
CA ASP A 402 -7.32 -2.91 -12.63
C ASP A 402 -8.66 -3.34 -13.19
N ASN A 403 -8.85 -3.11 -14.49
CA ASN A 403 -10.10 -3.45 -15.16
C ASN A 403 -10.28 -4.95 -15.38
N PHE A 404 -10.39 -5.67 -14.28
CA PHE A 404 -10.56 -7.11 -14.31
C PHE A 404 -11.19 -7.65 -13.04
N TYR A 405 -11.84 -8.79 -13.18
CA TYR A 405 -12.44 -9.45 -12.03
C TYR A 405 -11.41 -10.34 -11.35
N LEU A 406 -10.98 -9.95 -10.16
CA LEU A 406 -10.10 -10.83 -9.40
C LEU A 406 -10.97 -11.98 -8.88
N LEU A 407 -10.60 -13.20 -9.26
CA LEU A 407 -11.32 -14.37 -8.81
C LEU A 407 -10.48 -15.10 -7.78
N ARG A 408 -10.95 -15.10 -6.53
CA ARG A 408 -10.28 -15.84 -5.47
C ARG A 408 -11.10 -17.10 -5.18
N ALA A 409 -10.84 -18.15 -5.93
CA ALA A 409 -11.59 -19.39 -5.82
C ALA A 409 -13.04 -19.16 -6.20
N GLY A 410 -13.31 -19.13 -7.51
CA GLY A 410 -14.66 -18.97 -8.04
C GLY A 410 -15.34 -17.65 -7.71
N GLU A 411 -14.95 -17.07 -6.58
CA GLU A 411 -15.57 -15.85 -6.08
C GLU A 411 -14.84 -14.60 -6.51
N ASN A 412 -15.58 -13.51 -6.69
CA ASN A 412 -14.97 -12.23 -7.04
C ASN A 412 -14.63 -11.41 -5.80
N VAL A 413 -13.50 -10.72 -5.86
CA VAL A 413 -12.95 -9.98 -4.73
C VAL A 413 -12.62 -8.52 -5.10
N SER A 414 -12.76 -7.61 -4.14
CA SER A 414 -12.47 -6.20 -4.40
C SER A 414 -10.99 -5.92 -4.65
N THR A 415 -10.68 -5.16 -5.69
CA THR A 415 -9.28 -4.83 -5.96
C THR A 415 -8.91 -3.44 -5.45
N ALA A 416 -9.90 -2.71 -4.93
CA ALA A 416 -9.62 -1.45 -4.25
C ALA A 416 -8.92 -1.78 -2.95
N GLN A 417 -7.70 -1.28 -2.79
CA GLN A 417 -6.85 -1.62 -1.66
C GLN A 417 -6.00 -2.85 -1.96
N ILE A 418 -5.90 -3.16 -3.24
CA ILE A 418 -4.89 -4.10 -3.74
C ILE A 418 -4.07 -3.40 -4.81
N SER A 419 -2.79 -3.15 -4.51
CA SER A 419 -1.89 -2.50 -5.44
C SER A 419 -1.57 -3.40 -6.64
N PRO A 420 -1.72 -2.85 -7.86
CA PRO A 420 -1.45 -3.60 -9.09
C PRO A 420 -0.04 -4.16 -9.12
N VAL A 421 0.94 -3.33 -8.78
CA VAL A 421 2.35 -3.72 -8.77
C VAL A 421 2.58 -4.98 -7.95
N GLU A 422 2.02 -5.00 -6.74
CA GLU A 422 2.15 -6.12 -5.84
C GLU A 422 1.52 -7.38 -6.45
N LEU A 423 0.34 -7.21 -7.04
CA LEU A 423 -0.37 -8.32 -7.67
C LEU A 423 0.41 -8.89 -8.84
N PHE A 424 0.78 -8.04 -9.78
CA PHE A 424 1.52 -8.50 -10.96
C PHE A 424 2.80 -9.21 -10.57
N ARG A 425 3.44 -8.75 -9.50
CA ARG A 425 4.67 -9.34 -9.01
C ARG A 425 4.46 -10.80 -8.58
N HIS A 426 3.45 -11.01 -7.75
CA HIS A 426 3.19 -12.32 -7.12
C HIS A 426 2.55 -13.32 -8.07
N ASP A 427 1.34 -13.00 -8.51
CA ASP A 427 0.49 -13.96 -9.20
C ASP A 427 0.45 -13.83 -10.73
N PHE A 428 0.57 -12.61 -11.25
CA PHE A 428 0.49 -12.38 -12.69
C PHE A 428 1.69 -11.63 -13.23
N PRO A 429 2.79 -12.35 -13.47
CA PRO A 429 4.09 -11.81 -13.88
C PRO A 429 4.03 -11.16 -15.26
N VAL A 430 3.09 -11.60 -16.08
CA VAL A 430 3.03 -11.19 -17.48
C VAL A 430 2.96 -9.67 -17.68
N PHE A 431 2.22 -8.99 -16.83
CA PHE A 431 1.99 -7.57 -17.04
C PHE A 431 3.07 -6.68 -16.45
N LEU A 432 3.82 -7.20 -15.49
CA LEU A 432 4.72 -6.33 -14.74
C LEU A 432 5.75 -5.67 -15.65
N ALA A 433 6.26 -6.42 -16.63
CA ALA A 433 7.23 -5.87 -17.58
C ALA A 433 6.59 -4.78 -18.42
N ALA A 434 5.27 -4.68 -18.32
CA ALA A 434 4.50 -3.78 -19.17
C ALA A 434 3.91 -2.62 -18.37
N PHE A 435 3.47 -2.94 -17.15
CA PHE A 435 2.96 -1.93 -16.26
C PHE A 435 4.04 -0.91 -15.94
N ASN A 436 5.29 -1.31 -16.19
CA ASN A 436 6.43 -0.44 -15.92
C ASN A 436 6.80 0.44 -17.11
N GLN A 437 6.51 -0.04 -18.31
CA GLN A 437 6.96 0.61 -19.55
C GLN A 437 6.81 2.13 -19.62
N GLN A 438 5.91 2.72 -18.84
CA GLN A 438 5.74 4.17 -18.88
C GLN A 438 6.92 4.91 -18.26
N ALA A 439 7.50 4.36 -17.19
CA ALA A 439 8.64 4.97 -16.52
C ALA A 439 9.94 4.27 -16.89
N THR A 440 9.82 3.19 -17.66
CA THR A 440 10.98 2.50 -18.21
C THR A 440 11.42 3.18 -19.49
N GLN A 441 10.45 3.68 -20.26
CA GLN A 441 10.72 4.38 -21.51
C GLN A 441 11.33 5.75 -21.26
N ARG A 442 10.70 6.53 -20.39
CA ARG A 442 11.23 7.81 -19.98
C ARG A 442 12.69 7.66 -19.55
N ARG A 443 12.90 6.78 -18.58
CA ARG A 443 14.22 6.49 -18.05
C ARG A 443 15.22 6.16 -19.16
N PHE A 444 14.81 5.33 -20.12
CA PHE A 444 15.65 5.01 -21.26
C PHE A 444 15.85 6.25 -22.11
N GLY A 445 14.76 7.00 -22.30
CA GLY A 445 14.81 8.24 -23.04
C GLY A 445 15.84 9.20 -22.49
N GLU A 446 15.90 9.29 -21.16
CA GLU A 446 16.84 10.20 -20.50
C GLU A 446 18.30 9.86 -20.81
N LEU A 447 18.55 8.62 -21.21
CA LEU A 447 19.90 8.20 -21.58
C LEU A 447 20.19 8.45 -23.06
N ILE A 448 19.15 8.42 -23.89
CA ILE A 448 19.35 8.68 -25.31
C ILE A 448 19.44 10.17 -25.58
N ASP A 449 18.78 10.96 -24.74
CA ASP A 449 18.89 12.42 -24.81
C ASP A 449 20.28 12.85 -24.35
N ILE A 450 20.95 11.96 -23.63
CA ILE A 450 22.30 12.19 -23.14
C ILE A 450 23.34 11.82 -24.18
N ILE A 451 23.10 10.74 -24.90
CA ILE A 451 24.03 10.35 -25.95
C ILE A 451 23.85 11.29 -27.13
N LEU A 452 22.60 11.56 -27.49
CA LEU A 452 22.29 12.41 -28.62
C LEU A 452 21.63 13.72 -28.18
N SER A 453 22.40 14.80 -28.18
CA SER A 453 21.93 16.08 -27.69
C SER A 453 20.76 16.61 -28.51
N THR A 454 19.67 16.94 -27.83
CA THR A 454 18.47 17.45 -28.49
C THR A 454 18.71 18.78 -29.19
N GLU A 455 19.54 19.62 -28.59
CA GLU A 455 19.84 20.92 -29.13
C GLU A 455 20.34 20.82 -30.57
N GLU A 456 21.47 20.15 -30.77
CA GLU A 456 22.08 20.04 -32.10
C GLU A 456 21.46 18.93 -32.93
N HIS A 457 21.47 17.71 -32.39
CA HIS A 457 20.89 16.58 -33.10
C HIS A 457 19.47 16.30 -32.62
N GLY A 458 18.52 16.32 -33.57
CA GLY A 458 17.14 16.05 -33.26
C GLY A 458 16.60 15.01 -34.22
N GLU A 459 17.15 15.02 -35.43
CA GLU A 459 16.80 14.00 -36.42
C GLU A 459 17.04 12.62 -35.84
N LEU A 460 18.32 12.26 -35.71
CA LEU A 460 18.70 10.96 -35.16
C LEU A 460 17.88 10.64 -33.92
N ASN A 461 17.72 11.61 -33.03
CA ASN A 461 17.05 11.37 -31.76
C ASN A 461 15.67 10.73 -31.90
N GLN A 462 14.74 11.46 -32.50
CA GLN A 462 13.40 10.93 -32.72
C GLN A 462 13.46 9.61 -33.49
N GLN A 463 14.56 9.39 -34.20
CA GLN A 463 14.78 8.16 -34.97
C GLN A 463 15.24 6.99 -34.10
N PHE A 464 16.10 7.27 -33.14
CA PHE A 464 16.50 6.26 -32.16
C PHE A 464 15.30 5.93 -31.31
N LEU A 465 14.61 6.97 -30.85
CA LEU A 465 13.35 6.81 -30.12
C LEU A 465 12.34 6.01 -30.93
N ALA A 466 12.15 6.40 -32.19
CA ALA A 466 11.20 5.71 -33.06
C ALA A 466 11.49 4.22 -33.21
N ALA A 467 12.76 3.89 -33.42
CA ALA A 467 13.15 2.50 -33.69
C ALA A 467 12.89 1.56 -32.52
N THR A 468 12.43 2.10 -31.39
CA THR A 468 12.24 1.31 -30.19
C THR A 468 10.92 0.53 -30.14
N ASN A 469 9.90 1.00 -30.85
CA ASN A 469 8.60 0.33 -30.80
C ASN A 469 8.27 -0.51 -32.01
N GLN A 470 9.29 -1.16 -32.57
CA GLN A 470 9.11 -2.01 -33.74
C GLN A 470 10.25 -3.01 -33.87
N LYS A 471 9.90 -4.28 -34.05
CA LYS A 471 10.89 -5.35 -34.15
C LYS A 471 12.00 -5.00 -35.13
N HIS A 472 11.65 -4.29 -36.20
CA HIS A 472 12.64 -3.80 -37.17
C HIS A 472 12.33 -2.38 -37.64
N SER A 473 13.29 -1.77 -38.31
CA SER A 473 13.14 -0.42 -38.87
C SER A 473 13.60 -0.39 -40.32
N THR A 474 12.92 0.40 -41.14
CA THR A 474 13.30 0.53 -42.54
C THR A 474 14.54 1.42 -42.69
N VAL A 475 14.62 2.46 -41.87
CA VAL A 475 15.75 3.39 -41.88
C VAL A 475 17.03 2.76 -41.34
N LYS A 476 18.10 2.78 -42.13
CA LYS A 476 19.39 2.27 -41.67
C LYS A 476 20.40 3.42 -41.50
N LEU A 477 21.62 3.08 -41.10
CA LEU A 477 22.67 4.06 -40.87
C LEU A 477 24.05 3.53 -41.24
N ILE A 478 24.15 2.82 -42.36
CA ILE A 478 25.45 2.33 -42.83
C ILE A 478 25.99 3.17 -43.98
N ASP A 479 25.25 4.23 -44.33
CA ASP A 479 25.68 5.16 -45.36
C ASP A 479 26.74 6.12 -44.80
N ASP A 480 27.55 6.70 -45.68
CA ASP A 480 28.76 7.41 -45.28
C ASP A 480 28.53 8.66 -44.44
N ALA A 481 27.41 9.33 -44.66
CA ALA A 481 27.10 10.55 -43.91
C ALA A 481 26.62 10.25 -42.50
N SER A 482 26.21 9.00 -42.27
CA SER A 482 25.76 8.57 -40.96
C SER A 482 26.89 7.90 -40.20
N VAL A 483 28.05 7.79 -40.85
CA VAL A 483 29.24 7.29 -40.17
C VAL A 483 29.95 8.46 -39.51
N SER A 484 30.33 9.45 -40.30
CA SER A 484 30.92 10.67 -39.76
C SER A 484 29.97 11.31 -38.74
N ARG A 485 28.66 11.25 -39.02
CA ARG A 485 27.67 11.81 -38.11
C ARG A 485 27.74 11.12 -36.75
N LEU A 486 27.49 9.82 -36.74
CA LEU A 486 27.52 9.04 -35.50
C LEU A 486 28.83 9.21 -34.73
N ALA A 487 29.93 8.85 -35.37
CA ALA A 487 31.23 8.84 -34.70
C ALA A 487 31.52 10.15 -33.96
N THR A 488 30.99 11.25 -34.45
CA THR A 488 31.23 12.55 -33.82
C THR A 488 30.45 12.69 -32.52
N ILE A 489 29.63 11.69 -32.22
CA ILE A 489 28.81 11.71 -31.02
C ILE A 489 29.23 10.62 -30.05
N PHE A 490 29.77 9.53 -30.59
CA PHE A 490 30.16 8.38 -29.79
C PHE A 490 31.63 8.41 -29.35
N ASP A 491 32.48 8.96 -30.20
CA ASP A 491 33.92 8.98 -29.95
C ASP A 491 34.34 9.82 -28.72
N PRO A 492 33.54 10.86 -28.37
CA PRO A 492 33.78 11.60 -27.13
C PRO A 492 33.36 10.83 -25.87
N LEU A 493 32.49 9.84 -26.03
CA LEU A 493 31.98 9.04 -24.91
C LEU A 493 32.86 7.84 -24.65
N LEU A 494 33.79 7.60 -25.57
CA LEU A 494 34.64 6.41 -25.49
C LEU A 494 36.13 6.72 -25.60
N PRO A 495 36.69 7.40 -24.59
CA PRO A 495 38.13 7.68 -24.59
C PRO A 495 38.97 6.41 -24.46
N GLU A 496 39.89 6.20 -25.40
CA GLU A 496 40.78 5.06 -25.37
C GLU A 496 40.00 3.74 -25.46
N GLY A 497 38.81 3.79 -26.06
CA GLY A 497 37.98 2.61 -26.24
C GLY A 497 37.33 2.11 -24.96
N LYS A 498 37.48 2.87 -23.88
CA LYS A 498 36.80 2.57 -22.62
C LYS A 498 35.65 3.56 -22.39
N LEU A 499 34.83 3.27 -21.39
CA LEU A 499 33.62 4.05 -21.15
C LEU A 499 33.93 5.33 -20.39
N SER A 500 33.61 6.46 -21.01
CA SER A 500 33.79 7.78 -20.40
C SER A 500 33.26 7.82 -18.98
N PRO A 501 34.14 8.13 -18.00
CA PRO A 501 33.77 8.25 -16.59
C PRO A 501 32.66 9.28 -16.36
N ALA A 502 32.57 10.28 -17.23
CA ALA A 502 31.54 11.30 -17.09
C ALA A 502 30.21 10.75 -17.56
N HIS A 503 30.24 10.01 -18.66
CA HIS A 503 29.03 9.43 -19.22
C HIS A 503 28.45 8.39 -18.26
N TYR A 504 29.30 7.48 -17.80
CA TYR A 504 28.90 6.46 -16.84
C TYR A 504 28.14 7.04 -15.65
N GLN A 505 28.66 8.12 -15.07
CA GLN A 505 28.02 8.76 -13.93
C GLN A 505 26.64 9.27 -14.31
N HIS A 506 26.49 9.71 -15.56
CA HIS A 506 25.19 10.15 -16.04
C HIS A 506 24.24 8.97 -16.17
N ILE A 507 24.75 7.85 -16.65
CA ILE A 507 23.96 6.63 -16.78
C ILE A 507 23.43 6.20 -15.42
N LEU A 508 24.24 6.31 -14.39
CA LEU A 508 23.78 5.97 -13.04
C LEU A 508 22.65 6.89 -12.59
N SER A 509 22.89 8.20 -12.51
CA SER A 509 21.85 9.12 -12.07
C SER A 509 20.57 8.94 -12.87
N ALA A 510 20.71 8.56 -14.14
CA ALA A 510 19.58 8.37 -15.04
C ALA A 510 18.66 7.26 -14.53
N TYR A 511 19.27 6.22 -13.98
CA TYR A 511 18.56 5.02 -13.51
C TYR A 511 18.53 4.89 -11.98
N HIS A 512 18.94 5.95 -11.28
CA HIS A 512 18.93 5.96 -9.82
C HIS A 512 19.77 4.84 -9.21
N LEU A 513 20.76 4.36 -9.95
CA LEU A 513 21.62 3.29 -9.46
C LEU A 513 22.88 3.84 -8.81
N THR A 514 22.89 5.15 -8.58
CA THR A 514 24.08 5.83 -8.10
C THR A 514 24.67 5.21 -6.83
N ASP A 515 23.83 5.01 -5.82
CA ASP A 515 24.29 4.38 -4.58
C ASP A 515 23.80 2.95 -4.50
N ALA A 516 23.87 2.24 -5.63
CA ALA A 516 23.42 0.85 -5.69
C ALA A 516 24.56 -0.13 -5.47
N THR A 517 24.24 -1.41 -5.53
CA THR A 517 25.23 -2.46 -5.39
C THR A 517 25.88 -2.71 -6.74
N PRO A 518 27.20 -2.93 -6.75
CA PRO A 518 27.95 -3.12 -8.00
C PRO A 518 27.29 -4.12 -8.96
N GLN A 519 26.67 -5.18 -8.43
CA GLN A 519 26.04 -6.19 -9.28
C GLN A 519 24.84 -5.62 -10.02
N LYS A 520 23.92 -5.01 -9.29
CA LYS A 520 22.72 -4.44 -9.89
C LYS A 520 23.10 -3.42 -10.95
N GLN A 521 24.32 -2.87 -10.82
CA GLN A 521 24.87 -1.93 -11.79
C GLN A 521 25.43 -2.65 -13.01
N ALA A 522 26.16 -3.73 -12.75
CA ALA A 522 26.72 -4.53 -13.82
C ALA A 522 25.61 -5.06 -14.70
N GLU A 523 24.56 -5.59 -14.06
CA GLU A 523 23.43 -6.16 -14.79
C GLU A 523 22.68 -5.12 -15.62
N THR A 524 22.77 -3.86 -15.22
CA THR A 524 22.08 -2.80 -15.96
C THR A 524 22.92 -2.40 -17.17
N LEU A 525 24.23 -2.27 -16.97
CA LEU A 525 25.14 -1.96 -18.08
C LEU A 525 25.14 -3.09 -19.10
N PHE A 526 25.13 -4.32 -18.58
CA PHE A 526 24.99 -5.51 -19.42
C PHE A 526 23.78 -5.35 -20.34
N CYS A 527 22.66 -4.92 -19.78
CA CYS A 527 21.43 -4.79 -20.56
C CYS A 527 21.49 -3.65 -21.56
N LEU A 528 22.00 -2.50 -21.16
CA LEU A 528 22.14 -1.38 -22.07
C LEU A 528 23.06 -1.78 -23.23
N SER A 529 24.13 -2.50 -22.91
CA SER A 529 25.02 -3.07 -23.91
C SER A 529 24.27 -4.01 -24.84
N THR A 530 23.28 -4.71 -24.28
CA THR A 530 22.47 -5.62 -25.08
C THR A 530 21.55 -4.83 -26.01
N ALA A 531 21.02 -3.72 -25.51
CA ALA A 531 20.09 -2.93 -26.30
C ALA A 531 20.81 -2.22 -27.45
N PHE A 532 22.01 -1.72 -27.19
CA PHE A 532 22.80 -1.06 -28.21
C PHE A 532 23.48 -2.06 -29.13
N ALA A 533 23.40 -3.33 -28.75
CA ALA A 533 23.80 -4.41 -29.63
C ALA A 533 22.69 -4.56 -30.66
N ARG A 534 21.47 -4.67 -30.15
CA ARG A 534 20.29 -4.76 -30.99
C ARG A 534 20.27 -3.61 -31.97
N TYR A 535 20.59 -2.41 -31.47
CA TYR A 535 20.61 -1.21 -32.29
C TYR A 535 21.49 -1.33 -33.53
N SER A 536 22.63 -1.99 -33.41
CA SER A 536 23.51 -2.16 -34.54
C SER A 536 23.38 -3.57 -35.09
N SER A 537 22.16 -3.95 -35.42
CA SER A 537 21.92 -5.24 -36.07
C SER A 537 20.96 -5.04 -37.23
N SER A 538 21.00 -5.97 -38.18
CA SER A 538 20.14 -5.91 -39.35
C SER A 538 18.73 -5.48 -38.98
N ALA A 539 18.26 -5.94 -37.83
CA ALA A 539 16.92 -5.63 -37.36
C ALA A 539 16.67 -4.13 -37.28
N ILE A 540 17.63 -3.38 -36.74
CA ILE A 540 17.41 -1.96 -36.47
C ILE A 540 18.10 -1.02 -37.46
N PHE A 541 19.30 -0.55 -37.12
CA PHE A 541 20.00 0.44 -37.95
C PHE A 541 21.08 -0.19 -38.82
N GLY A 542 21.36 -1.47 -38.60
CA GLY A 542 22.38 -2.16 -39.36
C GLY A 542 21.78 -2.89 -40.54
N THR A 543 22.60 -3.59 -41.31
CA THR A 543 22.12 -4.46 -42.38
C THR A 543 22.87 -5.79 -42.33
N GLU A 544 22.55 -6.68 -43.25
CA GLU A 544 23.04 -8.06 -43.20
C GLU A 544 24.56 -8.20 -43.11
N HIS A 545 25.29 -7.26 -43.70
CA HIS A 545 26.75 -7.36 -43.71
C HIS A 545 27.46 -6.15 -43.08
N ASP A 546 26.91 -4.95 -43.26
CA ASP A 546 27.47 -3.75 -42.64
C ASP A 546 26.88 -3.54 -41.25
N SER A 547 27.58 -2.79 -40.41
CA SER A 547 27.13 -2.59 -39.04
C SER A 547 27.82 -1.40 -38.37
N PRO A 548 27.03 -0.38 -38.00
CA PRO A 548 27.50 0.88 -37.42
C PRO A 548 28.59 0.66 -36.39
N PRO A 549 29.79 1.24 -36.61
CA PRO A 549 31.01 0.93 -35.86
C PRO A 549 30.98 1.57 -34.47
N ALA A 550 30.40 2.75 -34.38
CA ALA A 550 30.29 3.44 -33.11
C ALA A 550 29.37 2.68 -32.17
N LEU A 551 28.15 2.43 -32.62
CA LEU A 551 27.16 1.69 -31.84
C LEU A 551 27.65 0.32 -31.36
N ARG A 552 28.57 -0.28 -32.12
CA ARG A 552 29.18 -1.54 -31.71
C ARG A 552 30.31 -1.30 -30.73
N GLY A 553 30.96 -0.14 -30.84
CA GLY A 553 32.04 0.23 -29.95
C GLY A 553 31.55 0.75 -28.62
N TYR A 554 30.31 1.22 -28.63
CA TYR A 554 29.61 1.65 -27.42
C TYR A 554 28.99 0.44 -26.72
N ALA A 555 28.42 -0.46 -27.51
CA ALA A 555 27.87 -1.69 -26.98
C ALA A 555 28.93 -2.50 -26.24
N GLU A 556 30.11 -2.60 -26.83
CA GLU A 556 31.20 -3.36 -26.21
C GLU A 556 31.74 -2.62 -24.99
N ALA A 557 31.75 -1.30 -25.07
CA ALA A 557 32.25 -0.48 -23.98
C ALA A 557 31.38 -0.61 -22.74
N LEU A 558 30.07 -0.63 -22.94
CA LEU A 558 29.14 -0.83 -21.82
C LEU A 558 29.36 -2.19 -21.19
N MET A 559 29.63 -3.19 -22.04
CA MET A 559 29.84 -4.56 -21.58
C MET A 559 31.08 -4.60 -20.70
N GLN A 560 32.11 -3.87 -21.11
CA GLN A 560 33.35 -3.77 -20.33
C GLN A 560 33.06 -3.43 -18.87
N LYS A 561 32.55 -2.23 -18.63
CA LYS A 561 32.28 -1.78 -17.27
C LYS A 561 31.39 -2.77 -16.52
N ALA A 562 30.55 -3.48 -17.25
CA ALA A 562 29.73 -4.51 -16.64
C ALA A 562 30.67 -5.52 -16.00
N TRP A 563 31.46 -6.17 -16.84
CA TRP A 563 32.52 -7.08 -16.40
C TRP A 563 33.35 -6.46 -15.29
N GLU A 564 33.77 -5.20 -15.49
CA GLU A 564 34.59 -4.49 -14.52
C GLU A 564 33.92 -4.41 -13.15
N LEU A 565 32.60 -4.20 -13.14
CA LEU A 565 31.86 -4.06 -11.89
C LEU A 565 31.59 -5.39 -11.20
N SER A 566 31.15 -6.38 -11.98
CA SER A 566 30.88 -7.71 -11.43
C SER A 566 30.99 -8.79 -12.49
N PRO A 567 32.14 -9.49 -12.53
CA PRO A 567 32.36 -10.58 -13.50
C PRO A 567 31.45 -11.77 -13.26
N ALA A 568 30.83 -11.86 -12.09
CA ALA A 568 29.90 -12.95 -11.80
C ALA A 568 28.73 -12.94 -12.76
N ILE A 569 28.35 -11.74 -13.20
CA ILE A 569 27.22 -11.55 -14.09
C ILE A 569 27.34 -12.39 -15.37
N PHE A 570 28.53 -12.44 -15.95
CA PHE A 570 28.78 -13.13 -17.22
C PHE A 570 28.81 -14.65 -17.06
N PRO A 571 28.40 -15.38 -18.11
CA PRO A 571 28.31 -16.84 -18.07
C PRO A 571 29.68 -17.50 -17.89
N SER A 572 30.74 -16.84 -18.35
CA SER A 572 32.09 -17.34 -18.13
C SER A 572 33.14 -16.34 -18.59
N SER A 573 34.36 -16.54 -18.10
CA SER A 573 35.50 -15.71 -18.47
C SER A 573 35.69 -15.70 -19.99
N GLU A 574 35.57 -16.88 -20.60
CA GLU A 574 35.85 -17.03 -22.02
C GLU A 574 34.68 -16.60 -22.91
N GLN A 575 33.47 -16.61 -22.35
CA GLN A 575 32.31 -16.16 -23.10
C GLN A 575 32.33 -14.64 -23.26
N PHE A 576 32.95 -13.96 -22.30
CA PHE A 576 33.13 -12.51 -22.37
C PHE A 576 34.14 -12.18 -23.45
N THR A 577 35.21 -12.97 -23.50
CA THR A 577 36.20 -12.83 -24.55
C THR A 577 35.51 -12.88 -25.91
N GLU A 578 34.79 -13.97 -26.16
CA GLU A 578 34.20 -14.20 -27.47
C GLU A 578 33.12 -13.17 -27.85
N TRP A 579 32.38 -12.67 -26.87
CA TRP A 579 31.40 -11.62 -27.15
C TRP A 579 32.12 -10.34 -27.53
N SER A 580 33.19 -10.05 -26.80
CA SER A 580 33.99 -8.86 -27.05
C SER A 580 34.56 -8.90 -28.46
N ASP A 581 35.10 -10.06 -28.84
CA ASP A 581 35.67 -10.24 -30.17
C ASP A 581 34.61 -9.99 -31.25
N ARG A 582 33.50 -10.70 -31.19
CA ARG A 582 32.47 -10.54 -32.21
C ARG A 582 31.89 -9.13 -32.26
N PHE A 583 32.13 -8.36 -31.22
CA PHE A 583 31.71 -6.96 -31.20
C PHE A 583 32.59 -6.10 -32.11
N HIS A 584 33.80 -6.58 -32.35
CA HIS A 584 34.75 -5.89 -33.23
C HIS A 584 34.78 -6.54 -34.61
N THR A 591 26.91 -10.02 -40.33
CA THR A 591 25.68 -10.22 -39.56
C THR A 591 25.98 -10.80 -38.18
N CYS A 592 27.26 -11.00 -37.91
CA CYS A 592 27.70 -11.60 -36.65
C CYS A 592 27.44 -10.73 -35.42
N THR A 593 26.74 -9.61 -35.63
CA THR A 593 26.40 -8.70 -34.52
C THR A 593 25.05 -9.05 -33.92
N SER A 594 24.19 -9.67 -34.74
CA SER A 594 22.87 -10.07 -34.29
C SER A 594 22.92 -11.46 -33.64
N VAL A 595 24.06 -12.13 -33.73
CA VAL A 595 24.22 -13.44 -33.08
C VAL A 595 24.68 -13.28 -31.62
N VAL A 596 25.31 -12.15 -31.32
CA VAL A 596 25.67 -11.83 -29.94
C VAL A 596 24.50 -11.16 -29.26
N ALA A 597 23.82 -10.27 -29.97
CA ALA A 597 22.68 -9.54 -29.43
C ALA A 597 21.69 -10.51 -28.79
N ASP A 598 21.49 -11.66 -29.41
CA ASP A 598 20.57 -12.66 -28.87
C ASP A 598 21.21 -13.43 -27.72
N SER A 599 22.49 -13.77 -27.89
CA SER A 599 23.20 -14.59 -26.90
C SER A 599 23.20 -13.87 -25.57
N MET A 600 23.55 -12.58 -25.63
CA MET A 600 23.59 -11.72 -24.47
C MET A 600 22.21 -11.68 -23.83
N GLN A 601 21.19 -11.61 -24.67
CA GLN A 601 19.81 -11.53 -24.20
C GLN A 601 19.33 -12.86 -23.63
N ARG A 602 19.59 -13.96 -24.33
CA ARG A 602 19.23 -15.27 -23.81
C ARG A 602 19.78 -15.37 -22.40
N HIS A 603 21.01 -14.89 -22.22
CA HIS A 603 21.69 -14.92 -20.93
C HIS A 603 21.03 -13.96 -19.96
N ALA A 604 20.67 -12.79 -20.46
CA ALA A 604 20.15 -11.72 -19.63
C ALA A 604 18.84 -12.12 -18.95
N ARG A 605 18.01 -12.88 -19.66
CA ARG A 605 16.71 -13.27 -19.14
C ARG A 605 16.83 -14.38 -18.10
N LYS A 606 17.73 -15.32 -18.36
CA LYS A 606 17.91 -16.49 -17.50
C LYS A 606 18.35 -16.11 -16.08
N TYR A 607 19.18 -15.07 -15.96
CA TYR A 607 19.82 -14.78 -14.67
C TYR A 607 19.43 -13.45 -14.01
N PHE A 608 18.97 -12.49 -14.81
CA PHE A 608 18.45 -11.24 -14.25
C PHE A 608 17.40 -10.60 -15.16
N PRO A 609 16.26 -11.30 -15.31
CA PRO A 609 15.23 -10.94 -16.30
C PRO A 609 14.37 -9.76 -15.86
N SER A 610 14.39 -9.44 -14.57
CA SER A 610 13.63 -8.30 -14.06
C SER A 610 14.37 -6.99 -14.34
N VAL A 611 15.70 -7.10 -14.47
CA VAL A 611 16.56 -5.95 -14.75
C VAL A 611 16.60 -5.70 -16.25
N LEU A 612 16.25 -6.74 -17.01
CA LEU A 612 16.30 -6.67 -18.46
C LEU A 612 15.04 -6.00 -18.99
N SER A 613 13.90 -6.45 -18.49
CA SER A 613 12.62 -5.96 -18.99
C SER A 613 12.38 -4.52 -18.53
N SER A 614 13.24 -4.05 -17.63
CA SER A 614 13.21 -2.66 -17.17
C SER A 614 14.04 -1.76 -18.09
N ILE A 615 14.84 -2.38 -18.95
CA ILE A 615 15.68 -1.62 -19.86
C ILE A 615 15.32 -1.86 -21.32
N LEU A 616 15.10 -3.12 -21.70
CA LEU A 616 14.75 -3.39 -23.08
C LEU A 616 13.33 -2.95 -23.40
N PRO A 617 13.14 -2.43 -24.62
CA PRO A 617 11.83 -2.03 -25.14
C PRO A 617 10.88 -3.23 -25.23
N LEU A 618 9.74 -3.16 -24.58
CA LEU A 618 8.76 -4.24 -24.64
C LEU A 618 8.57 -4.70 -26.11
N ALA A 619 8.75 -3.75 -27.03
CA ALA A 619 8.58 -4.01 -28.45
C ALA A 619 9.68 -4.91 -29.05
N TRP A 620 10.80 -5.00 -28.35
CA TRP A 620 11.94 -5.80 -28.82
C TRP A 620 11.94 -7.22 -28.23
N ALA A 621 11.30 -7.36 -27.07
CA ALA A 621 11.24 -8.65 -26.35
C ALA A 621 11.08 -9.84 -27.30
N SER B 4 -5.88 49.21 73.81
CA SER B 4 -7.02 48.38 73.41
C SER B 4 -7.76 49.01 72.25
N SER B 5 -7.65 48.37 71.09
CA SER B 5 -8.29 48.88 69.87
C SER B 5 -9.30 47.91 69.28
N PRO B 6 -10.36 47.59 70.04
CA PRO B 6 -11.38 46.68 69.50
C PRO B 6 -12.44 47.41 68.67
N SER B 7 -12.20 48.69 68.41
CA SER B 7 -13.15 49.51 67.68
C SER B 7 -13.32 49.08 66.22
N SER B 8 -12.21 48.82 65.55
CA SER B 8 -12.27 48.44 64.14
C SER B 8 -11.45 47.19 63.83
N PRO B 9 -11.67 46.62 62.64
CA PRO B 9 -10.88 45.48 62.15
C PRO B 9 -9.45 45.88 61.78
N ALA B 10 -9.27 47.07 61.19
CA ALA B 10 -7.93 47.51 60.81
C ALA B 10 -6.95 47.49 61.99
N ASP B 11 -7.44 47.85 63.18
CA ASP B 11 -6.55 47.93 64.35
C ASP B 11 -6.46 46.61 65.10
N TRP B 12 -7.36 45.68 64.80
CA TRP B 12 -7.26 44.35 65.39
C TRP B 12 -6.06 43.62 64.79
N ALA B 13 -5.90 43.76 63.47
CA ALA B 13 -4.78 43.15 62.76
C ALA B 13 -3.46 43.74 63.23
N LYS B 14 -3.50 45.00 63.67
CA LYS B 14 -2.33 45.64 64.24
C LYS B 14 -1.90 44.95 65.53
N LYS B 15 -2.86 44.70 66.43
CA LYS B 15 -2.54 44.00 67.68
C LYS B 15 -1.96 42.64 67.38
N LEU B 16 -2.49 42.02 66.33
CA LEU B 16 -2.08 40.68 65.94
C LEU B 16 -0.64 40.64 65.44
N THR B 17 -0.39 41.25 64.29
CA THR B 17 0.95 41.22 63.70
C THR B 17 2.00 41.74 64.68
N ASP B 18 1.57 42.60 65.61
CA ASP B 18 2.46 43.17 66.61
C ASP B 18 2.80 42.13 67.67
N ALA B 19 1.86 41.21 67.91
CA ALA B 19 2.05 40.12 68.86
C ALA B 19 2.67 38.93 68.16
N VAL B 20 2.47 38.88 66.85
CA VAL B 20 3.00 37.82 66.00
C VAL B 20 4.48 38.04 65.73
N LEU B 21 4.85 39.30 65.50
CA LEU B 21 6.24 39.70 65.29
C LEU B 21 7.05 39.66 66.59
N ARG B 22 6.44 40.09 67.68
CA ARG B 22 7.15 40.11 68.95
C ARG B 22 7.48 38.68 69.41
N GLN B 23 6.64 37.74 69.02
CA GLN B 23 6.86 36.34 69.35
C GLN B 23 8.18 35.88 68.74
N LYS B 24 8.29 36.03 67.42
CA LYS B 24 9.52 35.69 66.70
C LYS B 24 10.71 36.54 67.13
N ALA B 25 10.43 37.66 67.79
CA ALA B 25 11.48 38.53 68.30
C ALA B 25 12.17 37.90 69.51
N GLY B 26 11.61 36.80 69.99
CA GLY B 26 12.18 36.08 71.12
C GLY B 26 11.43 36.33 72.41
N GLU B 27 10.49 37.28 72.36
CA GLU B 27 9.73 37.66 73.54
C GLU B 27 8.57 36.71 73.79
N THR B 28 8.17 36.62 75.05
CA THR B 28 7.04 35.80 75.46
C THR B 28 5.85 36.67 75.83
N LEU B 29 4.79 36.63 75.04
CA LEU B 29 3.63 37.50 75.27
C LEU B 29 2.64 37.00 76.35
N THR B 30 2.29 37.91 77.25
CA THR B 30 1.42 37.63 78.39
C THR B 30 0.09 36.98 78.01
N ALA B 31 -0.63 36.49 79.01
CA ALA B 31 -1.93 35.87 78.80
C ALA B 31 -2.85 36.81 78.05
N ALA B 32 -2.86 38.07 78.48
CA ALA B 32 -3.69 39.09 77.85
C ALA B 32 -3.41 39.22 76.36
N ASP B 33 -2.12 39.29 76.01
CA ASP B 33 -1.70 39.49 74.62
C ASP B 33 -2.30 38.47 73.66
N ARG B 34 -2.55 37.27 74.18
CA ARG B 34 -3.06 36.17 73.37
C ARG B 34 -4.57 36.27 73.18
N ASP B 35 -5.26 36.72 74.22
CA ASP B 35 -6.72 36.84 74.19
C ASP B 35 -7.21 37.75 73.06
N PHE B 36 -7.67 37.14 71.98
CA PHE B 36 -8.23 37.86 70.84
C PHE B 36 -9.72 37.58 70.70
N SER B 37 -10.38 37.25 71.81
CA SER B 37 -11.79 36.91 71.76
C SER B 37 -12.68 38.12 71.44
N ASN B 38 -13.61 37.91 70.52
CA ASN B 38 -14.54 38.95 70.07
C ASN B 38 -13.98 39.84 68.98
N ALA B 39 -12.87 39.40 68.40
CA ALA B 39 -12.21 40.18 67.36
C ALA B 39 -13.15 40.48 66.21
N ASP B 40 -12.65 41.20 65.22
CA ASP B 40 -13.42 41.50 64.01
C ASP B 40 -12.44 41.69 62.87
N PHE B 41 -12.27 40.68 62.03
CA PHE B 41 -11.36 40.78 60.89
C PHE B 41 -12.14 40.91 59.59
N ARG B 42 -13.41 41.23 59.70
CA ARG B 42 -14.28 41.31 58.54
C ARG B 42 -13.66 42.12 57.39
N ASN B 43 -13.18 41.40 56.38
CA ASN B 43 -12.55 41.97 55.16
C ASN B 43 -11.08 42.29 55.28
N ILE B 44 -10.39 41.57 56.16
CA ILE B 44 -8.95 41.72 56.31
C ILE B 44 -8.23 40.72 55.42
N THR B 45 -7.20 41.19 54.71
CA THR B 45 -6.42 40.34 53.84
C THR B 45 -5.04 40.12 54.45
N PHE B 46 -4.87 38.98 55.12
CA PHE B 46 -3.66 38.70 55.86
C PHE B 46 -2.41 38.57 54.98
N SER B 47 -2.60 38.29 53.70
CA SER B 47 -1.47 38.25 52.77
C SER B 47 -1.01 39.68 52.45
N LYS B 48 -1.39 40.62 53.30
CA LYS B 48 -1.05 42.02 53.13
C LYS B 48 -0.67 42.69 54.45
N ILE B 49 -0.80 41.97 55.55
CA ILE B 49 -0.55 42.56 56.87
C ILE B 49 0.37 41.70 57.72
N LEU B 50 0.59 40.47 57.27
CA LEU B 50 1.49 39.55 57.96
C LEU B 50 2.75 39.26 57.14
N PRO B 51 3.88 39.07 57.81
CA PRO B 51 5.12 38.74 57.09
C PRO B 51 4.93 37.51 56.21
N PRO B 52 5.49 37.55 54.99
CA PRO B 52 5.28 36.46 54.02
C PRO B 52 5.87 35.14 54.52
N SER B 53 6.41 35.16 55.73
CA SER B 53 7.01 33.98 56.34
C SER B 53 5.95 33.05 56.93
N PHE B 54 4.77 33.60 57.21
CA PHE B 54 3.68 32.81 57.78
C PHE B 54 2.85 32.19 56.67
N MET B 55 3.24 32.44 55.43
CA MET B 55 2.54 31.90 54.30
C MET B 55 3.39 30.90 53.54
N GLU B 56 4.26 30.19 54.24
CA GLU B 56 5.20 29.31 53.55
C GLU B 56 5.34 27.91 54.15
N ARG B 57 5.50 26.93 53.28
CA ARG B 57 5.69 25.54 53.69
C ARG B 57 6.85 25.49 54.66
N ASP B 58 6.70 24.72 55.74
CA ASP B 58 7.72 24.69 56.77
C ASP B 58 8.11 26.13 57.05
N GLY B 59 7.11 26.97 57.30
CA GLY B 59 7.32 28.39 57.52
C GLY B 59 7.11 28.82 58.96
N ASP B 60 6.25 29.81 59.16
CA ASP B 60 5.93 30.30 60.49
C ASP B 60 4.49 30.00 60.87
N ILE B 61 4.27 29.64 62.13
CA ILE B 61 2.96 29.24 62.58
C ILE B 61 2.38 30.23 63.58
N ILE B 62 1.15 30.65 63.34
CA ILE B 62 0.42 31.49 64.28
C ILE B 62 -0.10 30.58 65.39
N LYS B 63 0.68 30.42 66.45
CA LYS B 63 0.44 29.37 67.45
C LYS B 63 0.09 29.90 68.85
N GLY B 64 -1.05 29.45 69.38
CA GLY B 64 -1.38 29.64 70.79
C GLY B 64 -2.40 30.70 71.14
N PHE B 65 -3.17 31.16 70.15
CA PHE B 65 -4.07 32.29 70.35
C PHE B 65 -5.51 31.91 70.68
N ASN B 66 -6.33 32.92 70.93
CA ASN B 66 -7.73 32.72 71.32
C ASN B 66 -8.65 33.58 70.46
N PHE B 67 -9.48 32.94 69.64
CA PHE B 67 -10.35 33.67 68.72
C PHE B 67 -11.83 33.43 68.94
N SER B 68 -12.21 33.14 70.17
CA SER B 68 -13.60 32.88 70.53
C SER B 68 -14.52 34.00 70.05
N ASN B 69 -15.62 33.61 69.39
CA ASN B 69 -16.61 34.58 68.92
C ASN B 69 -16.00 35.71 68.10
N SER B 70 -15.05 35.37 67.21
CA SER B 70 -14.42 36.36 66.34
C SER B 70 -15.15 36.40 65.01
N LYS B 71 -15.23 37.58 64.40
CA LYS B 71 -15.85 37.69 63.08
C LYS B 71 -14.77 37.74 62.00
N PHE B 72 -14.64 36.64 61.25
CA PHE B 72 -13.69 36.57 60.14
C PHE B 72 -14.38 36.75 58.80
N THR B 73 -15.67 37.07 58.84
CA THR B 73 -16.48 37.14 57.63
C THR B 73 -15.80 37.94 56.53
N TYR B 74 -15.76 37.37 55.32
CA TYR B 74 -15.23 38.05 54.15
C TYR B 74 -13.70 38.12 54.15
N SER B 75 -13.10 37.59 55.20
CA SER B 75 -11.64 37.63 55.36
C SER B 75 -10.92 36.62 54.48
N ASP B 76 -9.65 36.89 54.23
CA ASP B 76 -8.80 36.04 53.41
C ASP B 76 -7.66 35.46 54.23
N ILE B 77 -7.83 34.25 54.73
CA ILE B 77 -6.82 33.63 55.59
C ILE B 77 -6.01 32.58 54.85
N SER B 78 -6.02 32.66 53.53
CA SER B 78 -5.31 31.71 52.69
C SER B 78 -3.89 31.42 53.18
N HIS B 79 -3.43 30.20 52.90
CA HIS B 79 -2.06 29.78 53.13
C HIS B 79 -1.49 30.11 54.51
N LEU B 80 -2.30 30.01 55.56
CA LEU B 80 -1.79 30.17 56.91
C LEU B 80 -1.78 28.84 57.65
N HIS B 81 -1.12 28.80 58.80
CA HIS B 81 -1.04 27.55 59.55
C HIS B 81 -1.27 27.79 61.03
N PHE B 82 -2.54 27.85 61.43
CA PHE B 82 -2.88 28.00 62.83
C PHE B 82 -2.53 26.74 63.62
N ASP B 83 -2.34 26.89 64.93
CA ASP B 83 -2.01 25.76 65.80
C ASP B 83 -2.27 26.11 67.27
N GLU B 84 -2.86 25.18 68.00
CA GLU B 84 -3.14 25.39 69.41
C GLU B 84 -4.02 26.63 69.58
N CYS B 85 -5.07 26.72 68.77
CA CYS B 85 -5.94 27.89 68.79
C CYS B 85 -7.39 27.52 69.09
N ARG B 86 -8.17 28.51 69.55
CA ARG B 86 -9.59 28.34 69.76
C ARG B 86 -10.36 29.26 68.83
N PHE B 87 -11.43 28.73 68.23
CA PHE B 87 -12.26 29.49 67.29
C PHE B 87 -13.74 29.36 67.65
N THR B 88 -14.00 28.79 68.83
CA THR B 88 -15.36 28.50 69.26
C THR B 88 -16.27 29.72 69.12
N TYR B 89 -17.37 29.55 68.41
CA TYR B 89 -18.41 30.59 68.27
C TYR B 89 -18.12 31.60 67.16
N SER B 90 -17.12 31.33 66.35
CA SER B 90 -16.72 32.29 65.31
C SER B 90 -17.49 32.14 64.01
N THR B 91 -17.33 33.11 63.14
CA THR B 91 -17.98 33.07 61.85
C THR B 91 -16.95 33.20 60.74
N LEU B 92 -16.60 32.08 60.12
CA LEU B 92 -15.69 32.06 58.99
C LEU B 92 -16.47 31.85 57.71
N SER B 93 -17.59 32.54 57.57
CA SER B 93 -18.41 32.37 56.39
C SER B 93 -17.98 33.30 55.26
N ASP B 94 -17.85 32.74 54.05
CA ASP B 94 -17.38 33.48 52.87
C ASP B 94 -15.91 33.83 52.95
N VAL B 95 -15.24 33.30 53.97
CA VAL B 95 -13.81 33.46 54.12
C VAL B 95 -13.05 32.63 53.10
N VAL B 96 -12.25 33.29 52.27
CA VAL B 96 -11.31 32.60 51.40
C VAL B 96 -10.20 32.02 52.25
N CYS B 97 -9.89 30.75 52.04
CA CYS B 97 -8.86 30.08 52.84
C CYS B 97 -8.14 29.01 52.03
N SER B 98 -7.33 29.43 51.06
CA SER B 98 -6.59 28.47 50.24
C SER B 98 -5.50 27.75 51.03
N ASN B 99 -5.68 26.44 51.20
CA ASN B 99 -4.72 25.59 51.90
C ASN B 99 -4.44 25.97 53.37
N THR B 100 -5.43 26.54 54.03
CA THR B 100 -5.27 26.93 55.43
C THR B 100 -5.25 25.70 56.34
N LYS B 101 -4.16 25.52 57.09
CA LYS B 101 -4.03 24.37 57.98
C LYS B 101 -4.40 24.71 59.40
N PHE B 102 -5.56 24.24 59.87
CA PHE B 102 -5.89 24.34 61.28
C PHE B 102 -5.46 23.05 61.95
N SER B 103 -4.64 23.15 62.98
CA SER B 103 -4.09 21.96 63.61
C SER B 103 -4.04 22.03 65.13
N ASN B 104 -4.39 20.92 65.78
CA ASN B 104 -4.30 20.79 67.22
C ASN B 104 -5.17 21.79 67.95
N SER B 105 -6.19 22.29 67.28
CA SER B 105 -7.00 23.37 67.81
C SER B 105 -8.34 22.92 68.36
N ASP B 106 -9.22 23.90 68.57
CA ASP B 106 -10.56 23.66 69.11
C ASP B 106 -11.54 24.47 68.29
N MET B 107 -11.87 23.96 67.11
CA MET B 107 -12.78 24.65 66.21
C MET B 107 -14.21 24.12 66.34
N ASN B 108 -14.74 24.17 67.56
CA ASN B 108 -16.07 23.66 67.81
C ASN B 108 -17.13 24.74 67.77
N GLU B 109 -18.28 24.42 67.17
CA GLU B 109 -19.38 25.35 67.11
C GLU B 109 -19.01 26.59 66.30
N VAL B 110 -18.64 26.40 65.04
CA VAL B 110 -18.32 27.53 64.16
C VAL B 110 -19.10 27.48 62.84
N PHE B 111 -19.38 28.65 62.28
CA PHE B 111 -19.88 28.74 60.92
C PHE B 111 -18.68 28.73 59.96
N LEU B 112 -18.59 27.71 59.12
CA LEU B 112 -17.40 27.52 58.31
C LEU B 112 -17.72 27.24 56.85
N GLN B 113 -18.78 27.86 56.34
CA GLN B 113 -19.07 27.77 54.91
C GLN B 113 -18.24 28.78 54.13
N TYR B 114 -16.97 28.45 53.91
CA TYR B 114 -16.04 29.38 53.31
C TYR B 114 -16.38 29.72 51.86
N SER B 115 -15.74 30.77 51.36
CA SER B 115 -16.00 31.32 50.02
C SER B 115 -15.69 30.31 48.92
N ILE B 116 -16.51 30.33 47.88
CA ILE B 116 -16.38 29.39 46.78
C ILE B 116 -15.13 29.70 45.96
N THR B 117 -14.60 30.91 46.15
CA THR B 117 -13.45 31.36 45.40
C THR B 117 -12.16 30.91 46.06
N THR B 118 -12.30 29.97 47.00
CA THR B 118 -11.14 29.34 47.62
C THR B 118 -10.65 28.21 46.72
N GLN B 119 -9.35 28.17 46.46
CA GLN B 119 -8.79 27.19 45.55
C GLN B 119 -8.63 25.82 46.18
N GLN B 120 -7.67 25.70 47.09
CA GLN B 120 -7.35 24.43 47.71
C GLN B 120 -8.12 24.28 49.01
N GLN B 121 -8.37 23.05 49.40
CA GLN B 121 -9.08 22.76 50.62
C GLN B 121 -8.22 23.10 51.82
N PRO B 122 -8.86 23.61 52.89
CA PRO B 122 -8.21 23.66 54.20
C PRO B 122 -8.11 22.24 54.78
N SER B 123 -7.14 21.98 55.64
CA SER B 123 -7.09 20.69 56.29
C SER B 123 -7.24 20.86 57.81
N PHE B 124 -7.59 19.79 58.49
CA PHE B 124 -7.75 19.84 59.94
C PHE B 124 -7.07 18.63 60.55
N ILE B 125 -6.05 18.87 61.36
CA ILE B 125 -5.30 17.79 61.98
C ILE B 125 -5.32 17.90 63.50
N ASP B 126 -5.64 16.80 64.16
CA ASP B 126 -5.72 16.74 65.62
C ASP B 126 -6.56 17.87 66.20
N THR B 127 -7.44 18.41 65.37
CA THR B 127 -8.38 19.45 65.80
C THR B 127 -9.73 18.80 65.98
N THR B 128 -10.73 19.60 66.34
CA THR B 128 -12.09 19.11 66.45
C THR B 128 -13.03 20.03 65.68
N LEU B 129 -14.24 19.56 65.41
CA LEU B 129 -15.23 20.36 64.67
C LEU B 129 -16.62 20.12 65.21
N LYS B 130 -16.71 19.80 66.50
CA LYS B 130 -17.97 19.52 67.19
C LYS B 130 -19.06 20.57 66.95
N ASN B 131 -20.13 20.16 66.29
CA ASN B 131 -21.27 21.03 66.00
C ASN B 131 -20.99 22.17 65.03
N THR B 132 -19.93 22.03 64.25
CA THR B 132 -19.57 23.03 63.26
C THR B 132 -20.23 22.73 61.91
N LEU B 133 -20.23 23.70 61.01
CA LEU B 133 -20.87 23.56 59.71
C LEU B 133 -19.86 23.83 58.58
N ILE B 134 -19.15 22.79 58.15
CA ILE B 134 -18.14 22.96 57.11
C ILE B 134 -18.74 22.99 55.71
N ARG B 135 -17.97 23.47 54.75
CA ARG B 135 -18.33 23.34 53.35
C ARG B 135 -17.94 21.94 52.92
N HIS B 136 -18.71 21.36 51.99
CA HIS B 136 -18.59 19.93 51.69
C HIS B 136 -17.25 19.51 51.10
N LYS B 137 -16.32 20.46 50.96
CA LYS B 137 -14.98 20.16 50.47
C LYS B 137 -13.97 20.48 51.56
N ALA B 138 -13.55 19.46 52.29
CA ALA B 138 -12.56 19.67 53.35
C ALA B 138 -11.70 18.44 53.61
N ASN B 139 -10.41 18.66 53.80
CA ASN B 139 -9.47 17.59 54.09
C ASN B 139 -9.51 17.26 55.57
N LEU B 140 -10.35 16.29 55.95
CA LEU B 140 -10.49 15.91 57.36
C LEU B 140 -9.56 14.78 57.74
N SER B 141 -8.49 14.61 56.98
CA SER B 141 -7.54 13.51 57.14
C SER B 141 -7.20 13.14 58.58
N GLY B 142 -7.05 14.14 59.42
CA GLY B 142 -6.58 13.89 60.77
C GLY B 142 -7.46 14.49 61.84
N VAL B 143 -8.77 14.48 61.64
CA VAL B 143 -9.66 15.11 62.60
C VAL B 143 -10.05 14.17 63.73
N ILE B 144 -10.91 14.69 64.60
CA ILE B 144 -11.36 14.02 65.80
C ILE B 144 -12.87 14.14 65.90
N LEU B 145 -13.56 13.00 65.88
CA LEU B 145 -15.03 12.99 65.94
C LEU B 145 -15.55 12.66 67.34
N ASN B 146 -16.72 13.18 67.67
CA ASN B 146 -17.38 12.83 68.92
C ASN B 146 -18.81 12.34 68.73
N GLU B 147 -19.42 11.86 69.81
CA GLU B 147 -20.81 11.46 69.76
C GLU B 147 -21.63 12.66 69.30
N PRO B 148 -22.45 12.46 68.27
CA PRO B 148 -23.36 13.51 67.81
C PRO B 148 -24.29 14.00 68.93
N ASP B 149 -24.10 15.24 69.36
CA ASP B 149 -24.92 15.83 70.42
C ASP B 149 -26.41 15.78 70.04
N ASN B 150 -27.27 15.85 71.05
CA ASN B 150 -28.70 15.91 70.82
C ASN B 150 -29.10 17.27 70.29
N SER B 151 -28.10 18.09 69.99
CA SER B 151 -28.31 19.51 69.66
C SER B 151 -29.06 19.76 68.36
N SER B 152 -29.64 20.96 68.25
CA SER B 152 -30.35 21.38 67.06
C SER B 152 -29.37 21.56 65.89
N PRO B 153 -29.92 21.73 64.68
CA PRO B 153 -29.10 22.03 63.50
C PRO B 153 -28.82 23.53 63.44
N PRO B 154 -27.80 23.94 62.68
CA PRO B 154 -27.44 25.36 62.57
C PRO B 154 -28.57 26.21 62.00
N SER B 155 -28.60 27.48 62.39
CA SER B 155 -29.65 28.39 61.97
C SER B 155 -29.23 29.12 60.70
N VAL B 156 -29.50 28.53 59.54
CA VAL B 156 -29.21 29.18 58.27
C VAL B 156 -30.28 30.23 57.98
N SER B 157 -29.94 31.22 57.16
CA SER B 157 -30.79 32.39 56.93
C SER B 157 -32.19 32.07 56.41
N GLY B 158 -32.27 31.21 55.41
CA GLY B 158 -33.54 30.80 54.85
C GLY B 158 -33.89 29.38 55.25
N GLY B 159 -33.24 28.89 56.31
CA GLY B 159 -33.43 27.52 56.74
C GLY B 159 -32.67 26.58 55.81
N GLY B 160 -32.59 25.31 56.18
CA GLY B 160 -31.89 24.34 55.36
C GLY B 160 -31.94 22.91 55.84
N ASN B 161 -31.42 22.00 55.02
CA ASN B 161 -31.35 20.60 55.37
C ASN B 161 -29.91 20.16 55.55
N PHE B 162 -29.62 19.50 56.66
CA PHE B 162 -28.25 19.16 57.03
C PHE B 162 -28.10 17.67 57.35
N ILE B 163 -26.90 17.13 57.20
CA ILE B 163 -26.63 15.75 57.63
C ILE B 163 -25.43 15.69 58.57
N ARG B 164 -25.33 14.60 59.33
CA ARG B 164 -24.26 14.47 60.32
C ARG B 164 -23.06 13.66 59.82
N LEU B 165 -21.89 14.30 59.80
CA LEU B 165 -20.65 13.58 59.56
C LEU B 165 -19.97 13.42 60.92
N GLY B 166 -20.25 12.29 61.58
CA GLY B 166 -19.92 12.15 62.98
C GLY B 166 -20.71 13.19 63.74
N ASP B 167 -20.00 14.16 64.31
CA ASP B 167 -20.65 15.30 64.97
C ASP B 167 -20.33 16.61 64.26
N ILE B 168 -20.49 16.61 62.94
CA ILE B 168 -20.29 17.80 62.13
C ILE B 168 -21.49 17.92 61.20
N TRP B 169 -21.85 19.15 60.84
CA TRP B 169 -23.00 19.39 59.98
C TRP B 169 -22.60 19.80 58.57
N LEU B 170 -23.29 19.23 57.58
CA LEU B 170 -23.17 19.66 56.19
C LEU B 170 -24.54 19.97 55.60
N GLN B 171 -24.62 21.03 54.80
CA GLN B 171 -25.85 21.42 54.13
C GLN B 171 -26.04 20.68 52.80
N MET B 172 -27.29 20.33 52.50
CA MET B 172 -27.65 19.66 51.26
C MET B 172 -28.39 20.60 50.33
N PRO B 173 -28.30 20.36 49.01
CA PRO B 173 -28.96 21.27 48.08
C PRO B 173 -30.48 21.32 48.26
N LEU B 174 -31.03 22.51 48.10
CA LEU B 174 -32.46 22.72 48.09
C LEU B 174 -33.11 21.64 47.22
N LEU B 175 -32.58 21.50 46.00
CA LEU B 175 -33.09 20.55 45.03
C LEU B 175 -31.95 20.09 44.13
N TRP B 176 -31.70 18.79 44.09
CA TRP B 176 -30.60 18.25 43.28
C TRP B 176 -30.76 18.57 41.79
N THR B 177 -30.02 19.57 41.33
CA THR B 177 -30.07 19.98 39.93
C THR B 177 -28.76 19.69 39.22
N GLU B 178 -28.63 20.19 37.99
CA GLU B 178 -27.41 20.00 37.22
C GLU B 178 -26.20 20.65 37.89
N ASN B 179 -26.40 21.89 38.35
CA ASN B 179 -25.34 22.64 39.02
C ASN B 179 -24.95 22.02 40.35
N ALA B 180 -25.94 21.57 41.11
CA ALA B 180 -25.75 21.01 42.44
C ALA B 180 -25.20 19.58 42.42
N VAL B 181 -25.83 18.72 41.63
CA VAL B 181 -25.32 17.38 41.40
C VAL B 181 -23.85 17.44 40.97
N ASP B 182 -23.42 18.57 40.41
CA ASP B 182 -22.04 18.71 39.96
C ASP B 182 -21.08 19.14 41.07
N GLY B 183 -21.22 20.37 41.56
CA GLY B 183 -20.32 20.89 42.56
C GLY B 183 -20.41 20.19 43.90
N PHE B 184 -21.14 19.08 43.94
CA PHE B 184 -21.32 18.31 45.16
C PHE B 184 -20.66 16.93 45.04
N LEU B 185 -20.75 16.34 43.86
CA LEU B 185 -20.35 14.96 43.63
C LEU B 185 -19.22 14.84 42.60
N ASN B 186 -19.16 15.79 41.68
CA ASN B 186 -18.19 15.70 40.59
C ASN B 186 -16.80 16.19 41.00
N HIS B 187 -16.05 15.35 41.70
CA HIS B 187 -14.68 15.69 42.05
C HIS B 187 -13.76 15.39 40.88
N GLU B 188 -14.32 14.94 39.76
CA GLU B 188 -13.52 14.65 38.57
C GLU B 188 -13.50 15.85 37.63
N HIS B 189 -14.21 16.90 38.01
CA HIS B 189 -14.13 18.17 37.32
C HIS B 189 -13.37 19.14 38.20
N ASN B 190 -13.65 19.07 39.50
CA ASN B 190 -13.21 20.09 40.44
C ASN B 190 -11.91 19.81 41.18
N ASN B 191 -10.84 19.58 40.44
CA ASN B 191 -9.53 19.34 41.02
C ASN B 191 -9.57 18.38 42.20
N GLY B 192 -10.61 17.55 42.25
CA GLY B 192 -10.68 16.49 43.23
C GLY B 192 -11.50 16.78 44.48
N LYS B 193 -12.21 17.90 44.47
CA LYS B 193 -12.95 18.32 45.65
C LYS B 193 -14.45 18.00 45.53
N SER B 194 -14.92 17.12 46.41
CA SER B 194 -16.32 16.76 46.48
C SER B 194 -16.68 16.31 47.90
N ILE B 195 -17.97 16.22 48.17
CA ILE B 195 -18.45 15.74 49.46
C ILE B 195 -18.13 14.26 49.64
N LEU B 196 -18.10 13.53 48.53
CA LEU B 196 -17.66 12.14 48.55
C LEU B 196 -16.19 12.05 48.98
N MET B 197 -15.31 12.69 48.22
CA MET B 197 -13.89 12.71 48.57
C MET B 197 -13.66 13.27 49.97
N THR B 198 -14.58 14.12 50.43
CA THR B 198 -14.48 14.73 51.74
C THR B 198 -14.75 13.77 52.89
N ILE B 199 -15.85 13.03 52.80
CA ILE B 199 -16.22 12.12 53.88
C ILE B 199 -15.23 10.97 53.97
N ASP B 200 -14.79 10.50 52.81
CA ASP B 200 -13.86 9.38 52.78
C ASP B 200 -12.48 9.84 53.24
N SER B 201 -12.31 11.15 53.38
CA SER B 201 -11.04 11.70 53.82
C SER B 201 -10.76 11.30 55.28
N LEU B 202 -11.83 11.24 56.07
CA LEU B 202 -11.71 10.86 57.48
C LEU B 202 -10.75 9.69 57.67
N PRO B 203 -10.10 9.64 58.85
CA PRO B 203 -9.29 8.49 59.23
C PRO B 203 -10.18 7.25 59.33
N ASP B 204 -9.56 6.07 59.25
CA ASP B 204 -10.33 4.85 59.06
C ASP B 204 -10.95 4.27 60.34
N LYS B 205 -10.47 4.74 61.50
CA LYS B 205 -11.08 4.35 62.77
C LYS B 205 -12.47 4.97 62.89
N TYR B 206 -12.90 5.65 61.84
CA TYR B 206 -14.22 6.24 61.80
C TYR B 206 -15.01 5.70 60.61
N SER B 207 -14.84 4.41 60.33
CA SER B 207 -15.52 3.78 59.19
C SER B 207 -17.03 3.76 59.41
N GLN B 208 -17.44 3.64 60.67
CA GLN B 208 -18.86 3.66 61.00
C GLN B 208 -19.46 5.03 60.73
N GLU B 209 -18.74 6.07 61.15
CA GLU B 209 -19.19 7.43 60.95
C GLU B 209 -19.27 7.78 59.47
N LYS B 210 -18.31 7.27 58.69
CA LYS B 210 -18.28 7.48 57.25
C LYS B 210 -19.52 6.91 56.55
N VAL B 211 -19.75 5.61 56.74
CA VAL B 211 -20.89 4.92 56.13
C VAL B 211 -22.22 5.58 56.47
N GLN B 212 -22.43 5.88 57.74
CA GLN B 212 -23.64 6.58 58.12
C GLN B 212 -23.79 7.87 57.36
N ALA B 213 -22.66 8.58 57.20
CA ALA B 213 -22.62 9.84 56.47
C ALA B 213 -23.09 9.66 55.03
N MET B 214 -22.53 8.68 54.34
CA MET B 214 -22.91 8.38 52.96
C MET B 214 -24.32 7.81 52.84
N GLU B 215 -24.73 7.02 53.83
CA GLU B 215 -26.09 6.52 53.87
C GLU B 215 -27.08 7.69 53.79
N ASP B 216 -26.86 8.70 54.60
CA ASP B 216 -27.74 9.87 54.60
C ASP B 216 -27.65 10.57 53.25
N LEU B 217 -26.44 10.66 52.72
CA LEU B 217 -26.20 11.33 51.45
C LEU B 217 -26.95 10.66 50.31
N VAL B 218 -26.84 9.34 50.24
CA VAL B 218 -27.54 8.55 49.26
C VAL B 218 -29.06 8.63 49.46
N LYS B 219 -29.48 8.77 50.72
CA LYS B 219 -30.89 8.84 51.04
C LYS B 219 -31.51 10.10 50.46
N SER B 220 -30.88 11.25 50.73
CA SER B 220 -31.34 12.52 50.22
C SER B 220 -31.33 12.56 48.70
N LEU B 221 -30.36 11.88 48.11
CA LEU B 221 -30.25 11.79 46.66
C LEU B 221 -31.45 11.07 46.03
N ARG B 222 -31.79 9.91 46.58
CA ARG B 222 -32.81 9.05 45.98
C ARG B 222 -34.21 9.67 46.04
N GLY B 223 -34.48 10.43 47.09
CA GLY B 223 -35.75 11.11 47.24
C GLY B 223 -35.99 12.18 46.19
N GLY B 224 -34.91 12.73 45.64
CA GLY B 224 -35.02 13.71 44.57
C GLY B 224 -35.30 13.02 43.25
N ARG B 225 -35.17 11.70 43.24
CA ARG B 225 -35.43 10.89 42.06
C ARG B 225 -34.94 11.57 40.79
N LEU B 226 -33.62 11.67 40.65
CA LEU B 226 -33.04 12.25 39.44
C LEU B 226 -33.20 11.29 38.28
N THR B 227 -33.13 11.80 37.06
CA THR B 227 -33.19 10.92 35.90
C THR B 227 -31.83 10.31 35.67
N GLU B 228 -31.81 9.13 35.04
CA GLU B 228 -30.56 8.47 34.68
C GLU B 228 -29.71 9.42 33.86
N ALA B 229 -30.37 10.29 33.10
CA ALA B 229 -29.68 11.28 32.29
C ALA B 229 -28.92 12.28 33.15
N CYS B 230 -29.58 12.76 34.21
CA CYS B 230 -29.01 13.79 35.07
C CYS B 230 -27.81 13.30 35.87
N ILE B 231 -27.65 11.98 35.96
CA ILE B 231 -26.63 11.41 36.80
C ILE B 231 -25.37 10.94 36.04
N ARG B 232 -25.52 10.69 34.73
CA ARG B 232 -24.41 10.20 33.90
C ARG B 232 -23.04 10.84 34.22
N PRO B 233 -22.98 12.17 34.25
CA PRO B 233 -21.70 12.87 34.47
C PRO B 233 -21.04 12.54 35.80
N VAL B 234 -21.79 12.03 36.77
CA VAL B 234 -21.19 11.67 38.06
C VAL B 234 -21.16 10.16 38.32
N GLU B 235 -21.38 9.36 37.28
CA GLU B 235 -21.29 7.91 37.44
C GLU B 235 -19.87 7.54 37.83
N SER B 236 -18.90 8.08 37.09
CA SER B 236 -17.48 7.82 37.33
C SER B 236 -17.05 8.30 38.72
N SER B 237 -17.62 9.41 39.16
CA SER B 237 -17.30 9.95 40.48
C SER B 237 -17.93 9.13 41.60
N LEU B 238 -19.19 8.77 41.43
CA LEU B 238 -19.88 7.95 42.43
C LEU B 238 -19.18 6.61 42.72
N VAL B 239 -18.90 5.83 41.69
CA VAL B 239 -18.27 4.53 41.88
C VAL B 239 -16.88 4.63 42.51
N SER B 240 -16.13 5.68 42.18
CA SER B 240 -14.76 5.80 42.67
C SER B 240 -14.67 5.84 44.19
N VAL B 241 -15.75 6.23 44.86
CA VAL B 241 -15.74 6.32 46.31
C VAL B 241 -16.66 5.28 46.93
N LEU B 242 -17.83 5.10 46.34
CA LEU B 242 -18.87 4.27 46.95
C LEU B 242 -18.73 2.78 46.67
N ALA B 243 -17.85 2.40 45.76
CA ALA B 243 -17.68 0.99 45.40
C ALA B 243 -16.48 0.38 46.09
N HIS B 244 -16.11 0.92 47.24
CA HIS B 244 -15.00 0.40 48.02
C HIS B 244 -15.38 0.43 49.48
N PRO B 245 -14.64 -0.31 50.30
CA PRO B 245 -14.81 -0.32 51.76
C PRO B 245 -14.61 1.08 52.34
N PRO B 246 -15.32 1.42 53.42
CA PRO B 246 -16.35 0.54 54.02
C PRO B 246 -17.75 0.85 53.49
N TYR B 247 -17.84 1.31 52.24
CA TYR B 247 -19.13 1.71 51.69
C TYR B 247 -19.82 0.54 51.02
N THR B 248 -19.10 -0.57 50.94
CA THR B 248 -19.64 -1.80 50.38
C THR B 248 -20.15 -2.69 51.50
N GLN B 249 -19.93 -2.26 52.75
CA GLN B 249 -20.48 -2.96 53.90
C GLN B 249 -21.91 -2.48 54.14
N SER B 250 -22.36 -1.54 53.33
CA SER B 250 -23.68 -0.92 53.53
C SER B 250 -24.75 -1.41 52.57
N ALA B 251 -25.64 -2.25 53.09
CA ALA B 251 -26.80 -2.75 52.36
C ALA B 251 -27.58 -1.63 51.64
N LEU B 252 -27.60 -0.44 52.23
CA LEU B 252 -28.32 0.69 51.63
C LEU B 252 -27.61 1.23 50.40
N ILE B 253 -26.30 1.42 50.51
CA ILE B 253 -25.52 2.00 49.44
C ILE B 253 -25.31 1.02 48.29
N SER B 254 -24.94 -0.22 48.61
CA SER B 254 -24.82 -1.25 47.60
C SER B 254 -26.05 -1.21 46.69
N GLU B 255 -27.23 -1.28 47.31
CA GLU B 255 -28.49 -1.32 46.58
C GLU B 255 -28.60 -0.22 45.54
N TRP B 256 -28.47 1.02 46.01
CA TRP B 256 -28.67 2.18 45.17
C TRP B 256 -27.60 2.29 44.10
N LEU B 257 -26.40 1.83 44.45
CA LEU B 257 -25.20 1.99 43.62
C LEU B 257 -25.13 1.01 42.45
N GLY B 258 -25.74 -0.16 42.62
CA GLY B 258 -25.72 -1.20 41.61
C GLY B 258 -26.10 -0.73 40.21
N PRO B 259 -27.34 -0.24 40.06
CA PRO B 259 -27.78 0.28 38.76
C PRO B 259 -26.88 1.41 38.27
N VAL B 260 -26.27 2.14 39.20
CA VAL B 260 -25.32 3.18 38.82
C VAL B 260 -24.10 2.54 38.18
N GLN B 261 -23.48 1.61 38.91
CA GLN B 261 -22.34 0.86 38.42
C GLN B 261 -22.63 0.17 37.08
N GLU B 262 -23.78 -0.48 36.97
CA GLU B 262 -24.18 -1.11 35.71
C GLU B 262 -24.11 -0.11 34.56
N ARG B 263 -24.70 1.06 34.75
CA ARG B 263 -24.68 2.10 33.74
C ARG B 263 -23.24 2.52 33.43
N PHE B 264 -22.50 2.90 34.47
CA PHE B 264 -21.13 3.34 34.31
C PHE B 264 -20.31 2.36 33.47
N PHE B 265 -20.45 1.07 33.75
CA PHE B 265 -19.74 0.03 33.00
C PHE B 265 -20.24 -0.08 31.56
N ALA B 266 -21.56 0.04 31.39
CA ALA B 266 -22.17 0.03 30.07
C ALA B 266 -21.54 1.11 29.22
N HIS B 267 -21.33 2.27 29.85
CA HIS B 267 -20.84 3.45 29.16
C HIS B 267 -19.38 3.34 28.77
N GLN B 268 -18.55 2.86 29.70
CA GLN B 268 -17.15 2.68 29.40
C GLN B 268 -16.98 1.71 28.24
N CYS B 269 -17.85 0.71 28.19
CA CYS B 269 -17.79 -0.28 27.13
C CYS B 269 -18.13 0.31 25.77
N GLN B 270 -19.09 1.24 25.75
CA GLN B 270 -19.55 1.83 24.52
C GLN B 270 -18.63 2.94 24.03
N THR B 271 -17.47 3.06 24.66
CA THR B 271 -16.57 4.16 24.36
C THR B 271 -15.14 3.72 24.13
N TYR B 272 -14.55 3.08 25.15
CA TYR B 272 -13.14 2.74 25.11
C TYR B 272 -12.87 1.34 24.58
N ASN B 273 -13.84 0.75 23.89
CA ASN B 273 -13.63 -0.52 23.23
C ASN B 273 -12.95 -0.29 21.89
N ASP B 274 -13.30 0.81 21.24
CA ASP B 274 -12.74 1.16 19.95
C ASP B 274 -11.68 2.27 20.06
N VAL B 275 -11.39 2.71 21.29
CA VAL B 275 -10.50 3.84 21.53
C VAL B 275 -9.59 3.69 22.76
N PRO B 276 -8.29 3.99 22.60
CA PRO B 276 -7.32 3.78 23.69
C PRO B 276 -7.64 4.61 24.93
N LEU B 277 -7.90 3.91 26.04
CA LEU B 277 -8.05 4.56 27.34
C LEU B 277 -6.81 5.41 27.61
N PRO B 278 -7.00 6.66 28.04
CA PRO B 278 -5.87 7.55 28.36
C PRO B 278 -4.99 6.98 29.46
N ALA B 279 -3.70 7.29 29.42
CA ALA B 279 -2.74 6.78 30.39
C ALA B 279 -3.24 7.06 31.80
N PRO B 280 -3.44 5.99 32.59
CA PRO B 280 -4.06 6.07 33.92
C PRO B 280 -3.16 6.68 34.98
N ASP B 281 -3.64 7.69 35.68
CA ASP B 281 -2.89 8.29 36.77
C ASP B 281 -3.16 7.50 38.04
N THR B 282 -2.80 8.08 39.20
CA THR B 282 -3.01 7.41 40.46
C THR B 282 -4.50 7.24 40.81
N TYR B 283 -5.28 8.29 40.59
CA TYR B 283 -6.72 8.24 40.84
C TYR B 283 -7.37 7.05 40.16
N TYR B 284 -7.05 6.85 38.88
CA TYR B 284 -7.61 5.74 38.13
C TYR B 284 -7.14 4.41 38.72
N GLN B 285 -5.83 4.19 38.74
CA GLN B 285 -5.26 2.94 39.21
C GLN B 285 -5.84 2.54 40.58
N GLN B 286 -6.21 3.55 41.36
CA GLN B 286 -6.63 3.32 42.74
C GLN B 286 -8.13 3.27 42.98
N ARG B 287 -8.91 4.07 42.26
CA ARG B 287 -10.34 4.14 42.54
C ARG B 287 -11.23 3.61 41.42
N ILE B 288 -10.78 3.78 40.19
CA ILE B 288 -11.56 3.35 39.02
C ILE B 288 -11.19 1.96 38.49
N LEU B 289 -9.89 1.67 38.45
CA LEU B 289 -9.43 0.39 37.96
C LEU B 289 -10.13 -0.79 38.63
N PRO B 290 -10.18 -0.80 39.97
CA PRO B 290 -10.80 -1.91 40.68
C PRO B 290 -12.29 -2.06 40.36
N VAL B 291 -12.98 -0.98 40.01
CA VAL B 291 -14.40 -1.09 39.69
C VAL B 291 -14.65 -1.76 38.34
N LEU B 292 -13.84 -1.41 37.34
CA LEU B 292 -13.93 -2.05 36.04
C LEU B 292 -13.52 -3.52 36.11
N LEU B 293 -12.93 -3.94 37.23
CA LEU B 293 -12.64 -5.36 37.43
C LEU B 293 -13.82 -6.05 38.08
N ASP B 294 -14.53 -5.34 38.94
CA ASP B 294 -15.72 -5.90 39.56
C ASP B 294 -16.83 -6.02 38.52
N SER B 295 -16.72 -5.25 37.45
CA SER B 295 -17.74 -5.24 36.39
C SER B 295 -17.50 -6.34 35.36
N PHE B 296 -16.26 -6.47 34.89
CA PHE B 296 -15.90 -7.58 34.04
C PHE B 296 -15.97 -8.89 34.82
N ASP B 297 -16.31 -8.79 36.10
CA ASP B 297 -16.37 -9.97 36.95
C ASP B 297 -17.76 -10.55 36.95
N ARG B 298 -18.78 -9.70 37.05
CA ARG B 298 -20.15 -10.16 36.97
C ARG B 298 -20.52 -10.47 35.52
N ASN B 299 -20.43 -9.46 34.67
CA ASN B 299 -20.70 -9.65 33.25
C ASN B 299 -19.54 -10.33 32.55
N SER B 300 -19.04 -11.41 33.14
CA SER B 300 -17.94 -12.17 32.56
C SER B 300 -18.04 -12.25 31.04
N ALA B 301 -19.26 -12.46 30.56
CA ALA B 301 -19.53 -12.53 29.12
C ALA B 301 -18.89 -11.38 28.33
N ALA B 302 -18.69 -10.24 28.99
CA ALA B 302 -18.21 -9.04 28.31
C ALA B 302 -16.70 -9.07 28.12
N MET B 303 -16.02 -9.98 28.81
CA MET B 303 -14.58 -10.16 28.62
C MET B 303 -14.31 -10.34 27.12
N THR B 304 -15.20 -11.08 26.46
CA THR B 304 -14.99 -11.38 25.05
C THR B 304 -15.78 -10.41 24.13
N THR B 305 -17.01 -10.08 24.52
CA THR B 305 -17.84 -9.17 23.74
C THR B 305 -17.26 -7.77 23.65
N HIS B 306 -16.29 -7.48 24.53
CA HIS B 306 -15.66 -6.17 24.59
C HIS B 306 -14.18 -6.26 24.98
N SER B 307 -13.50 -7.27 24.46
CA SER B 307 -12.06 -7.44 24.65
C SER B 307 -11.30 -6.16 24.42
N GLY B 308 -11.87 -5.24 23.65
CA GLY B 308 -11.22 -3.98 23.37
C GLY B 308 -10.89 -3.31 24.69
N LEU B 309 -11.93 -3.06 25.47
CA LEU B 309 -11.77 -2.42 26.76
C LEU B 309 -11.05 -3.32 27.75
N PHE B 310 -11.47 -4.59 27.78
CA PHE B 310 -10.95 -5.56 28.75
C PHE B 310 -9.42 -5.63 28.78
N ASN B 311 -8.81 -5.76 27.61
CA ASN B 311 -7.35 -5.88 27.53
C ASN B 311 -6.60 -4.68 28.11
N GLN B 312 -7.03 -3.48 27.75
CA GLN B 312 -6.42 -2.27 28.28
C GLN B 312 -6.55 -2.23 29.79
N VAL B 313 -7.74 -2.56 30.28
CA VAL B 313 -7.96 -2.63 31.71
C VAL B 313 -6.96 -3.60 32.34
N ILE B 314 -6.93 -4.84 31.86
CA ILE B 314 -5.97 -5.81 32.36
C ILE B 314 -4.53 -5.28 32.28
N LEU B 315 -4.18 -4.68 31.15
CA LEU B 315 -2.85 -4.08 30.94
C LEU B 315 -2.45 -3.12 32.07
N HIS B 316 -3.21 -2.05 32.20
CA HIS B 316 -2.94 -1.04 33.21
C HIS B 316 -3.00 -1.62 34.60
N CYS B 317 -3.81 -2.64 34.80
CA CYS B 317 -3.86 -3.29 36.10
C CYS B 317 -2.52 -3.97 36.41
N MET B 318 -1.91 -4.55 35.39
CA MET B 318 -0.68 -5.34 35.59
C MET B 318 0.59 -4.49 35.49
N THR B 319 0.45 -3.24 35.06
CA THR B 319 1.60 -2.34 35.00
C THR B 319 1.36 -1.02 35.73
N GLY B 320 0.17 -0.86 36.29
CA GLY B 320 -0.11 0.29 37.13
C GLY B 320 0.98 0.35 38.18
N VAL B 321 1.60 1.51 38.31
CA VAL B 321 2.61 1.71 39.35
C VAL B 321 1.94 1.74 40.72
N ASP B 322 1.00 2.67 40.88
CA ASP B 322 0.30 2.84 42.14
C ASP B 322 -0.83 1.82 42.29
N CYS B 323 -0.82 0.79 41.44
CA CYS B 323 -1.81 -0.27 41.51
C CYS B 323 -1.65 -1.13 42.76
N THR B 324 -2.79 -1.52 43.34
CA THR B 324 -2.82 -2.20 44.63
C THR B 324 -2.62 -3.70 44.50
N ASP B 325 -1.99 -4.32 45.50
CA ASP B 325 -1.67 -5.74 45.43
C ASP B 325 -2.91 -6.61 45.18
N GLY B 326 -4.06 -6.15 45.63
CA GLY B 326 -5.30 -6.89 45.43
C GLY B 326 -5.85 -6.72 44.03
N THR B 327 -5.73 -5.51 43.51
CA THR B 327 -6.13 -5.19 42.15
C THR B 327 -5.34 -5.99 41.10
N ARG B 328 -4.08 -6.26 41.39
CA ARG B 328 -3.19 -6.92 40.43
C ARG B 328 -3.51 -8.41 40.36
N GLN B 329 -3.75 -9.00 41.52
CA GLN B 329 -4.07 -10.41 41.62
C GLN B 329 -5.37 -10.71 40.89
N LYS B 330 -6.40 -9.94 41.24
CA LYS B 330 -7.72 -10.11 40.66
C LYS B 330 -7.72 -9.98 39.15
N ALA B 331 -6.85 -9.14 38.63
CA ALA B 331 -6.74 -8.96 37.18
C ALA B 331 -6.17 -10.21 36.53
N ALA B 332 -5.03 -10.67 37.03
CA ALA B 332 -4.39 -11.85 36.46
C ALA B 332 -5.33 -13.04 36.58
N ALA B 333 -6.16 -13.03 37.61
CA ALA B 333 -7.17 -14.05 37.80
C ALA B 333 -8.21 -14.00 36.68
N LEU B 334 -8.86 -12.85 36.54
CA LEU B 334 -9.81 -12.67 35.46
C LEU B 334 -9.20 -13.04 34.12
N TYR B 335 -7.90 -12.82 33.96
CA TYR B 335 -7.32 -12.97 32.64
C TYR B 335 -6.97 -14.41 32.32
N GLU B 336 -6.88 -15.23 33.35
CA GLU B 336 -6.75 -16.68 33.15
C GLU B 336 -8.08 -17.19 32.58
N GLN B 337 -9.19 -16.74 33.18
CA GLN B 337 -10.52 -17.09 32.67
C GLN B 337 -10.66 -16.68 31.21
N TYR B 338 -10.21 -15.47 30.88
CA TYR B 338 -10.23 -14.99 29.51
C TYR B 338 -9.57 -15.98 28.57
N LEU B 339 -8.33 -16.36 28.89
CA LEU B 339 -7.57 -17.28 28.05
C LEU B 339 -8.20 -18.67 28.02
N ALA B 340 -9.21 -18.87 28.87
CA ALA B 340 -9.85 -20.18 29.02
C ALA B 340 -11.14 -20.27 28.22
N HIS B 341 -11.37 -19.29 27.36
CA HIS B 341 -12.61 -19.19 26.62
C HIS B 341 -12.44 -19.78 25.23
N PRO B 342 -13.51 -20.42 24.71
CA PRO B 342 -13.51 -21.02 23.37
C PRO B 342 -13.02 -20.09 22.26
N ALA B 343 -13.14 -18.78 22.46
CA ALA B 343 -12.68 -17.84 21.43
C ALA B 343 -11.18 -17.55 21.55
N VAL B 344 -10.60 -17.92 22.68
CA VAL B 344 -9.22 -17.56 22.94
C VAL B 344 -8.26 -18.74 22.79
N SER B 345 -8.51 -19.82 23.53
CA SER B 345 -7.57 -20.95 23.58
C SER B 345 -7.05 -21.48 22.23
N PRO B 346 -7.93 -21.55 21.21
CA PRO B 346 -7.54 -22.02 19.88
C PRO B 346 -6.38 -21.24 19.27
N HIS B 347 -6.39 -19.92 19.45
CA HIS B 347 -5.32 -19.06 18.94
C HIS B 347 -3.99 -19.34 19.64
N ILE B 348 -4.05 -19.80 20.88
CA ILE B 348 -2.85 -20.00 21.67
C ILE B 348 -1.96 -21.16 21.18
N HIS B 349 -0.82 -20.81 20.59
CA HIS B 349 0.19 -21.77 20.18
C HIS B 349 1.14 -22.01 21.34
N ASN B 350 0.98 -23.15 22.01
CA ASN B 350 1.70 -23.45 23.25
C ASN B 350 3.15 -22.99 23.34
N GLY B 351 3.83 -22.92 22.19
CA GLY B 351 5.25 -22.60 22.17
C GLY B 351 5.64 -21.14 22.34
N LEU B 352 4.87 -20.23 21.74
CA LEU B 352 5.26 -18.81 21.68
C LEU B 352 4.58 -17.92 22.71
N PHE B 353 3.34 -18.26 23.09
CA PHE B 353 2.59 -17.44 24.03
C PHE B 353 3.02 -17.64 25.47
N GLY B 354 3.21 -16.54 26.18
CA GLY B 354 3.43 -16.56 27.62
C GLY B 354 4.70 -17.26 28.04
N ASN B 355 4.61 -18.06 29.10
CA ASN B 355 5.75 -18.79 29.63
C ASN B 355 6.03 -20.06 28.83
N TYR B 356 5.51 -20.12 27.62
CA TYR B 356 5.66 -21.28 26.74
C TYR B 356 4.90 -22.50 27.27
N ASP B 357 3.95 -22.26 28.18
CA ASP B 357 3.08 -23.33 28.68
C ASP B 357 1.66 -22.80 28.84
N GLY B 358 1.15 -22.19 27.77
CA GLY B 358 -0.23 -21.71 27.73
C GLY B 358 -0.63 -20.75 28.84
N SER B 359 0.34 -20.24 29.58
CA SER B 359 0.05 -19.33 30.67
C SER B 359 0.92 -18.07 30.59
N PRO B 360 0.37 -16.91 31.01
CA PRO B 360 1.13 -15.66 30.98
C PRO B 360 2.20 -15.61 32.08
N ASP B 361 3.30 -14.92 31.80
CA ASP B 361 4.33 -14.67 32.80
C ASP B 361 4.38 -13.19 33.13
N TRP B 362 3.72 -12.81 34.22
CA TRP B 362 3.47 -11.39 34.52
C TRP B 362 4.66 -10.64 35.10
N THR B 363 5.72 -11.37 35.41
CA THR B 363 6.90 -10.76 36.01
C THR B 363 7.70 -9.99 34.95
N THR B 364 7.31 -10.13 33.70
CA THR B 364 8.06 -9.53 32.61
C THR B 364 7.18 -8.72 31.65
N ARG B 365 7.72 -7.60 31.18
CA ARG B 365 7.01 -6.79 30.20
C ARG B 365 7.30 -7.27 28.79
N ALA B 366 8.33 -8.10 28.63
CA ALA B 366 8.74 -8.57 27.32
C ALA B 366 8.12 -9.92 26.95
N ALA B 367 7.12 -10.35 27.72
CA ALA B 367 6.46 -11.60 27.45
C ALA B 367 5.16 -11.40 26.66
N ASP B 368 4.94 -12.24 25.66
CA ASP B 368 3.71 -12.21 24.90
C ASP B 368 2.55 -12.70 25.77
N ASN B 369 2.13 -11.83 26.68
CA ASN B 369 1.08 -12.15 27.64
C ASN B 369 -0.31 -11.80 27.13
N PHE B 370 -0.38 -11.10 26.00
CA PHE B 370 -1.64 -10.54 25.55
C PHE B 370 -2.23 -11.19 24.31
N LEU B 371 -3.53 -11.44 24.35
CA LEU B 371 -4.25 -11.96 23.21
C LEU B 371 -5.51 -11.16 22.90
N LEU B 372 -5.49 -10.50 21.75
CA LEU B 372 -6.59 -9.67 21.29
C LEU B 372 -7.39 -10.38 20.21
N LEU B 373 -8.71 -10.35 20.34
CA LEU B 373 -9.58 -10.90 19.30
C LEU B 373 -9.86 -9.83 18.25
N SER B 374 -10.12 -10.28 17.02
CA SER B 374 -10.47 -9.37 15.94
C SER B 374 -11.91 -8.91 16.08
N SER B 375 -12.29 -7.90 15.30
CA SER B 375 -13.68 -7.45 15.23
C SER B 375 -14.42 -8.11 14.07
N GLN B 376 -14.02 -7.78 12.84
CA GLN B 376 -14.62 -8.38 11.65
C GLN B 376 -14.62 -9.91 11.75
N ASP B 377 -13.45 -10.52 11.58
CA ASP B 377 -13.33 -11.98 11.60
C ASP B 377 -13.04 -12.55 12.99
N SER B 378 -13.38 -13.82 13.18
CA SER B 378 -13.21 -14.46 14.47
C SER B 378 -12.03 -15.43 14.44
N ASP B 379 -11.57 -15.75 13.24
CA ASP B 379 -10.47 -16.70 13.06
C ASP B 379 -9.12 -16.00 13.09
N THR B 380 -9.15 -14.67 13.19
CA THR B 380 -7.91 -13.90 13.29
C THR B 380 -7.71 -13.30 14.68
N ALA B 381 -6.44 -13.07 15.05
CA ALA B 381 -6.08 -12.50 16.35
C ALA B 381 -4.64 -12.00 16.36
N MET B 382 -4.29 -11.28 17.43
CA MET B 382 -2.98 -10.63 17.58
C MET B 382 -2.30 -11.06 18.90
N MET B 383 -1.03 -11.46 18.82
CA MET B 383 -0.28 -11.87 20.02
C MET B 383 0.94 -10.96 20.25
N LEU B 384 0.94 -10.19 21.34
CA LEU B 384 2.02 -9.23 21.56
C LEU B 384 2.49 -9.12 23.01
N SER B 385 3.67 -8.53 23.20
CA SER B 385 4.23 -8.34 24.53
C SER B 385 3.55 -7.18 25.26
N THR B 386 3.78 -7.10 26.57
CA THR B 386 3.21 -6.05 27.40
C THR B 386 3.75 -4.69 27.03
N ASP B 387 5.06 -4.62 26.79
CA ASP B 387 5.69 -3.37 26.44
C ASP B 387 5.11 -2.90 25.11
N THR B 388 5.12 -3.78 24.11
CA THR B 388 4.63 -3.45 22.77
C THR B 388 3.19 -2.93 22.79
N LEU B 389 2.37 -3.51 23.67
CA LEU B 389 0.99 -3.06 23.79
C LEU B 389 0.95 -1.69 24.47
N LEU B 390 1.80 -1.50 25.48
CA LEU B 390 1.94 -0.19 26.10
C LEU B 390 2.26 0.88 25.06
N THR B 391 3.32 0.65 24.29
CA THR B 391 3.76 1.62 23.30
C THR B 391 2.78 1.75 22.15
N MET B 392 1.86 0.80 22.03
CA MET B 392 0.84 0.89 21.00
C MET B 392 -0.37 1.70 21.48
N LEU B 393 -0.50 1.87 22.78
CA LEU B 393 -1.64 2.61 23.32
C LEU B 393 -1.23 3.98 23.83
N ASN B 394 0.02 4.10 24.27
CA ASN B 394 0.58 5.39 24.65
C ASN B 394 1.76 5.71 23.74
N PRO B 395 1.47 5.92 22.45
CA PRO B 395 2.44 5.95 21.35
C PRO B 395 3.39 7.14 21.33
N THR B 396 4.62 6.87 20.92
CA THR B 396 5.63 7.87 20.60
C THR B 396 5.87 7.83 19.10
N PRO B 397 6.58 8.82 18.55
CA PRO B 397 6.83 8.85 17.10
C PRO B 397 7.57 7.60 16.61
N ASP B 398 8.61 7.20 17.34
CA ASP B 398 9.44 6.07 16.96
C ASP B 398 8.67 4.75 16.94
N THR B 399 7.71 4.62 17.86
CA THR B 399 6.87 3.42 18.02
C THR B 399 6.63 2.61 16.72
N ALA B 400 7.15 1.40 16.71
CA ALA B 400 6.99 0.50 15.58
C ALA B 400 5.60 -0.12 15.56
N TRP B 401 4.97 -0.11 14.39
CA TRP B 401 3.57 -0.53 14.28
C TRP B 401 3.40 -1.94 13.74
N ASP B 402 4.48 -2.70 13.67
CA ASP B 402 4.41 -4.06 13.13
C ASP B 402 4.89 -5.14 14.11
N ASN B 403 5.26 -4.74 15.32
CA ASN B 403 5.87 -5.66 16.27
C ASN B 403 4.89 -6.58 16.99
N PHE B 404 4.29 -7.51 16.25
CA PHE B 404 3.38 -8.50 16.84
C PHE B 404 3.19 -9.76 15.99
N TYR B 405 2.78 -10.84 16.63
CA TYR B 405 2.48 -12.08 15.92
C TYR B 405 1.03 -12.03 15.47
N LEU B 406 0.81 -12.01 14.16
CA LEU B 406 -0.55 -11.99 13.61
C LEU B 406 -1.02 -13.41 13.36
N LEU B 407 -2.08 -13.83 14.03
CA LEU B 407 -2.51 -15.22 14.02
C LEU B 407 -3.79 -15.47 13.24
N ARG B 408 -3.66 -15.85 11.97
CA ARG B 408 -4.83 -16.28 11.20
C ARG B 408 -5.03 -17.79 11.35
N ALA B 409 -6.04 -18.16 12.14
CA ALA B 409 -6.33 -19.55 12.45
C ALA B 409 -5.16 -20.27 13.12
N GLY B 410 -4.82 -19.82 14.33
CA GLY B 410 -3.82 -20.48 15.15
C GLY B 410 -2.38 -20.38 14.64
N GLU B 411 -2.23 -20.33 13.32
CA GLU B 411 -0.90 -20.26 12.71
C GLU B 411 -0.50 -18.83 12.39
N ASN B 412 0.80 -18.58 12.43
CA ASN B 412 1.35 -17.26 12.16
C ASN B 412 1.40 -16.90 10.67
N VAL B 413 0.97 -15.69 10.34
CA VAL B 413 1.03 -15.20 8.98
C VAL B 413 1.99 -14.03 8.94
N SER B 414 2.59 -13.79 7.78
CA SER B 414 3.51 -12.69 7.60
C SER B 414 2.77 -11.35 7.69
N THR B 415 3.32 -10.41 8.45
CA THR B 415 2.75 -9.07 8.51
C THR B 415 3.32 -8.21 7.38
N ALA B 416 4.16 -8.82 6.55
CA ALA B 416 4.73 -8.13 5.40
C ALA B 416 3.73 -8.10 4.24
N GLN B 417 3.60 -6.92 3.63
CA GLN B 417 2.66 -6.71 2.54
C GLN B 417 1.25 -6.35 3.04
N ILE B 418 1.08 -6.33 4.35
CA ILE B 418 -0.18 -5.86 4.94
C ILE B 418 0.07 -4.61 5.77
N SER B 419 -0.50 -3.48 5.34
CA SER B 419 -0.27 -2.21 6.02
C SER B 419 -1.04 -2.14 7.34
N PRO B 420 -0.36 -1.67 8.40
CA PRO B 420 -0.97 -1.58 9.73
C PRO B 420 -2.26 -0.77 9.70
N VAL B 421 -2.18 0.47 9.23
CA VAL B 421 -3.35 1.36 9.19
C VAL B 421 -4.57 0.63 8.63
N GLU B 422 -4.38 -0.03 7.49
CA GLU B 422 -5.47 -0.73 6.82
C GLU B 422 -5.90 -1.95 7.63
N LEU B 423 -4.98 -2.52 8.40
CA LEU B 423 -5.31 -3.67 9.23
C LEU B 423 -5.95 -3.27 10.57
N PHE B 424 -5.51 -2.15 11.12
CA PHE B 424 -6.12 -1.62 12.31
C PHE B 424 -7.58 -1.26 12.00
N ARG B 425 -7.82 -0.65 10.84
CA ARG B 425 -9.16 -0.25 10.45
C ARG B 425 -10.10 -1.45 10.33
N HIS B 426 -9.58 -2.56 9.86
CA HIS B 426 -10.41 -3.72 9.56
C HIS B 426 -10.75 -4.58 10.78
N ASP B 427 -9.77 -4.82 11.64
CA ASP B 427 -9.92 -5.83 12.70
C ASP B 427 -9.57 -5.38 14.14
N PHE B 428 -8.72 -4.38 14.30
CA PHE B 428 -8.37 -3.88 15.63
C PHE B 428 -8.45 -2.34 15.70
N PRO B 429 -9.66 -1.80 15.92
CA PRO B 429 -9.94 -0.37 15.80
C PRO B 429 -9.15 0.48 16.79
N VAL B 430 -8.79 -0.11 17.93
CA VAL B 430 -8.15 0.64 19.00
C VAL B 430 -6.85 1.27 18.52
N PHE B 431 -6.13 0.55 17.68
CA PHE B 431 -4.81 0.99 17.24
C PHE B 431 -4.90 2.02 16.14
N LEU B 432 -6.06 2.09 15.48
CA LEU B 432 -6.28 3.08 14.44
C LEU B 432 -6.16 4.48 15.03
N ALA B 433 -6.88 4.70 16.13
CA ALA B 433 -6.86 5.98 16.82
C ALA B 433 -5.47 6.36 17.34
N ALA B 434 -4.77 5.36 17.86
CA ALA B 434 -3.47 5.58 18.46
C ALA B 434 -2.45 5.98 17.42
N PHE B 435 -2.62 5.49 16.20
CA PHE B 435 -1.69 5.80 15.12
C PHE B 435 -1.82 7.24 14.68
N ASN B 436 -3.06 7.72 14.65
CA ASN B 436 -3.36 9.09 14.25
C ASN B 436 -2.96 10.10 15.31
N GLN B 437 -2.59 9.62 16.50
CA GLN B 437 -2.05 10.49 17.54
C GLN B 437 -0.73 11.06 17.06
N GLN B 438 -0.08 10.35 16.15
CA GLN B 438 1.15 10.83 15.53
C GLN B 438 0.97 12.29 15.11
N ALA B 439 -0.04 12.53 14.30
CA ALA B 439 -0.34 13.86 13.76
C ALA B 439 -1.21 14.68 14.72
N THR B 440 -2.06 13.99 15.46
CA THR B 440 -2.95 14.66 16.42
C THR B 440 -2.22 15.61 17.37
N GLN B 441 -1.19 15.12 18.06
CA GLN B 441 -0.44 15.93 19.02
C GLN B 441 0.32 17.07 18.34
N ARG B 442 0.47 16.97 17.02
CA ARG B 442 1.20 17.98 16.25
C ARG B 442 0.26 19.07 15.71
N ARG B 443 -0.78 18.65 14.98
CA ARG B 443 -1.75 19.60 14.42
C ARG B 443 -2.31 20.54 15.47
N PHE B 444 -2.72 20.00 16.60
CA PHE B 444 -3.21 20.83 17.69
C PHE B 444 -2.12 21.83 18.07
N GLY B 445 -0.87 21.37 18.10
CA GLY B 445 0.25 22.25 18.33
C GLY B 445 0.30 23.29 17.23
N GLU B 446 0.22 22.84 15.99
CA GLU B 446 0.25 23.72 14.82
C GLU B 446 -0.92 24.71 14.81
N LEU B 447 -1.88 24.51 15.70
CA LEU B 447 -3.03 25.40 15.81
C LEU B 447 -2.81 26.37 16.98
N ILE B 448 -2.25 25.85 18.06
CA ILE B 448 -1.93 26.67 19.22
C ILE B 448 -0.85 27.68 18.89
N ASP B 449 0.02 27.34 17.95
CA ASP B 449 1.10 28.24 17.56
C ASP B 449 0.64 29.32 16.57
N ILE B 450 -0.42 29.02 15.83
CA ILE B 450 -1.05 30.01 14.96
C ILE B 450 -1.75 31.08 15.81
N ILE B 451 -2.38 30.63 16.88
CA ILE B 451 -3.03 31.55 17.82
C ILE B 451 -2.02 32.33 18.64
N LEU B 452 -1.09 31.61 19.28
CA LEU B 452 -0.09 32.26 20.12
C LEU B 452 1.32 32.23 19.53
N SER B 453 1.75 33.38 19.02
CA SER B 453 3.13 33.55 18.59
C SER B 453 4.04 33.26 19.77
N THR B 454 5.14 32.55 19.53
CA THR B 454 6.06 32.22 20.62
C THR B 454 7.03 33.36 20.85
N GLU B 455 7.11 34.28 19.89
CA GLU B 455 7.91 35.48 20.05
C GLU B 455 7.16 36.46 20.95
N GLU B 456 5.91 36.72 20.60
CA GLU B 456 5.10 37.69 21.33
C GLU B 456 4.66 37.19 22.71
N HIS B 457 4.32 35.91 22.81
CA HIS B 457 3.81 35.34 24.06
C HIS B 457 4.40 33.98 24.39
N GLY B 458 5.73 33.89 24.41
CA GLY B 458 6.41 32.64 24.69
C GLY B 458 5.94 31.97 25.96
N GLU B 459 5.35 32.77 26.84
CA GLU B 459 4.85 32.27 28.12
C GLU B 459 3.59 31.43 27.95
N LEU B 460 2.51 32.06 27.51
CA LEU B 460 1.23 31.39 27.34
C LEU B 460 1.30 30.17 26.43
N ASN B 461 2.03 30.28 25.32
CA ASN B 461 2.16 29.17 24.38
C ASN B 461 2.63 27.89 25.10
N GLN B 462 3.56 28.05 26.02
CA GLN B 462 4.01 26.95 26.84
C GLN B 462 2.85 26.38 27.66
N GLN B 463 2.09 27.26 28.31
CA GLN B 463 1.05 26.86 29.26
C GLN B 463 -0.06 26.02 28.61
N PHE B 464 -0.53 26.43 27.45
CA PHE B 464 -1.57 25.68 26.75
C PHE B 464 -1.04 24.30 26.36
N LEU B 465 0.08 24.27 25.65
CA LEU B 465 0.75 23.00 25.39
C LEU B 465 0.88 22.20 26.69
N ALA B 466 1.27 22.89 27.76
CA ALA B 466 1.53 22.25 29.03
C ALA B 466 0.27 21.74 29.71
N ALA B 467 -0.88 21.92 29.07
CA ALA B 467 -2.12 21.48 29.68
C ALA B 467 -2.81 20.40 28.86
N THR B 468 -2.11 19.87 27.87
CA THR B 468 -2.70 18.87 26.98
C THR B 468 -2.09 17.49 27.19
N ASN B 469 -1.76 17.18 28.43
CA ASN B 469 -1.16 15.89 28.74
C ASN B 469 -1.50 15.45 30.15
N GLN B 470 -2.52 16.10 30.71
CA GLN B 470 -2.98 15.81 32.05
C GLN B 470 -4.39 16.36 32.26
N LYS B 471 -5.26 15.52 32.81
CA LYS B 471 -6.68 15.85 32.92
C LYS B 471 -6.95 17.02 33.87
N HIS B 472 -5.99 17.30 34.75
CA HIS B 472 -6.16 18.41 35.70
C HIS B 472 -5.17 19.55 35.48
N SER B 473 -5.52 20.71 36.02
CA SER B 473 -4.65 21.89 35.96
C SER B 473 -4.96 22.83 37.11
N THR B 474 -3.90 23.38 37.71
CA THR B 474 -4.03 24.30 38.84
C THR B 474 -3.55 25.68 38.45
N VAL B 475 -3.20 25.83 37.17
CA VAL B 475 -2.76 27.11 36.62
C VAL B 475 -3.94 27.84 36.03
N LYS B 476 -4.58 28.69 36.84
CA LYS B 476 -5.82 29.36 36.43
C LYS B 476 -5.53 30.69 35.74
N LEU B 477 -6.57 31.24 35.11
CA LEU B 477 -6.44 32.48 34.32
C LEU B 477 -7.69 33.35 34.45
N ILE B 478 -8.08 33.68 35.68
CA ILE B 478 -9.26 34.50 35.91
C ILE B 478 -8.92 35.84 36.56
N ASP B 479 -7.68 35.94 37.05
CA ASP B 479 -7.20 37.20 37.58
C ASP B 479 -7.23 38.24 36.48
N ASP B 480 -7.39 39.50 36.85
CA ASP B 480 -7.54 40.57 35.88
C ASP B 480 -6.40 40.58 34.87
N ALA B 481 -5.24 40.09 35.30
CA ALA B 481 -4.05 40.08 34.46
C ALA B 481 -4.23 39.19 33.23
N SER B 482 -4.54 37.91 33.46
CA SER B 482 -4.75 36.96 32.38
C SER B 482 -5.91 37.37 31.48
N VAL B 483 -6.97 37.91 32.07
CA VAL B 483 -8.10 38.41 31.30
C VAL B 483 -7.63 39.46 30.30
N SER B 484 -6.72 40.33 30.75
CA SER B 484 -6.15 41.35 29.89
C SER B 484 -5.41 40.73 28.71
N ARG B 485 -4.37 39.95 29.02
CA ARG B 485 -3.57 39.32 27.97
C ARG B 485 -4.44 38.54 26.97
N LEU B 486 -5.40 37.78 27.49
CA LEU B 486 -6.23 36.89 26.67
C LEU B 486 -7.17 37.62 25.72
N ALA B 487 -7.64 38.80 26.13
CA ALA B 487 -8.46 39.62 25.25
C ALA B 487 -7.63 40.09 24.06
N THR B 488 -6.39 40.50 24.34
CA THR B 488 -5.44 40.90 23.30
C THR B 488 -5.38 39.87 22.18
N ILE B 489 -5.27 38.60 22.56
CA ILE B 489 -5.00 37.52 21.62
C ILE B 489 -6.22 37.04 20.84
N PHE B 490 -7.37 36.94 21.51
CA PHE B 490 -8.52 36.28 20.90
C PHE B 490 -9.52 37.19 20.19
N ASP B 491 -9.62 38.44 20.61
CA ASP B 491 -10.62 39.33 20.04
C ASP B 491 -10.41 39.69 18.56
N PRO B 492 -9.14 39.77 18.11
CA PRO B 492 -8.86 39.92 16.67
C PRO B 492 -9.42 38.75 15.87
N LEU B 493 -9.51 37.58 16.50
CA LEU B 493 -10.02 36.38 15.86
C LEU B 493 -11.54 36.31 15.98
N LEU B 494 -12.13 37.27 16.69
CA LEU B 494 -13.57 37.26 16.91
C LEU B 494 -14.24 38.58 16.53
N PRO B 495 -14.00 39.04 15.29
CA PRO B 495 -14.53 40.33 14.85
C PRO B 495 -16.05 40.33 14.78
N GLU B 496 -16.66 41.29 15.44
CA GLU B 496 -18.12 41.41 15.48
C GLU B 496 -18.75 40.15 16.05
N GLY B 497 -17.94 39.35 16.75
CA GLY B 497 -18.42 38.13 17.37
C GLY B 497 -18.03 36.87 16.64
N LYS B 498 -18.52 36.71 15.41
CA LYS B 498 -18.28 35.50 14.62
C LYS B 498 -16.79 35.22 14.41
N LEU B 499 -16.47 33.94 14.19
CA LEU B 499 -15.10 33.50 13.96
C LEU B 499 -14.49 34.12 12.69
N SER B 500 -13.28 34.66 12.84
CA SER B 500 -12.53 35.33 11.76
C SER B 500 -12.57 34.61 10.41
N PRO B 501 -12.59 35.38 9.31
CA PRO B 501 -12.53 34.79 7.97
C PRO B 501 -11.18 34.13 7.75
N ALA B 502 -10.12 34.90 8.00
CA ALA B 502 -8.76 34.44 7.78
C ALA B 502 -8.44 33.24 8.65
N HIS B 503 -8.54 33.44 9.96
CA HIS B 503 -8.20 32.42 10.95
C HIS B 503 -8.84 31.08 10.63
N TYR B 504 -10.06 31.11 10.09
CA TYR B 504 -10.77 29.89 9.74
C TYR B 504 -10.09 29.14 8.61
N GLN B 505 -9.54 29.87 7.65
CA GLN B 505 -8.86 29.25 6.54
C GLN B 505 -7.51 28.67 6.97
N HIS B 506 -6.95 29.21 8.04
CA HIS B 506 -5.73 28.66 8.63
C HIS B 506 -6.06 27.35 9.32
N ILE B 507 -7.15 27.35 10.07
CA ILE B 507 -7.60 26.16 10.77
C ILE B 507 -7.80 25.05 9.75
N LEU B 508 -8.46 25.37 8.64
CA LEU B 508 -8.66 24.39 7.57
C LEU B 508 -7.31 23.93 7.02
N SER B 509 -6.32 24.80 7.03
CA SER B 509 -5.01 24.47 6.47
C SER B 509 -4.28 23.49 7.38
N ALA B 510 -4.28 23.78 8.68
CA ALA B 510 -3.64 22.90 9.65
C ALA B 510 -3.99 21.46 9.39
N TYR B 511 -5.28 21.20 9.20
CA TYR B 511 -5.81 19.85 9.09
C TYR B 511 -6.01 19.37 7.66
N HIS B 512 -5.61 20.19 6.69
CA HIS B 512 -5.76 19.84 5.28
C HIS B 512 -7.22 19.55 4.94
N LEU B 513 -8.13 20.29 5.57
CA LEU B 513 -9.55 20.13 5.30
C LEU B 513 -10.01 21.14 4.27
N THR B 514 -9.06 21.90 3.73
CA THR B 514 -9.34 22.86 2.68
C THR B 514 -10.19 22.19 1.60
N ASP B 515 -9.61 21.20 0.93
CA ASP B 515 -10.36 20.39 -0.02
C ASP B 515 -10.98 19.19 0.68
N ALA B 516 -12.07 19.45 1.40
CA ALA B 516 -12.81 18.41 2.10
C ALA B 516 -14.27 18.82 2.24
N THR B 517 -15.13 17.82 2.29
CA THR B 517 -16.56 18.04 2.41
C THR B 517 -16.87 19.01 3.54
N PRO B 518 -17.91 19.85 3.34
CA PRO B 518 -18.42 20.76 4.37
C PRO B 518 -18.74 20.07 5.69
N GLN B 519 -19.38 18.90 5.63
CA GLN B 519 -19.71 18.16 6.86
C GLN B 519 -18.47 17.88 7.69
N LYS B 520 -17.42 17.34 7.05
CA LYS B 520 -16.19 17.00 7.76
C LYS B 520 -15.53 18.27 8.30
N GLN B 521 -15.81 19.40 7.63
CA GLN B 521 -15.33 20.68 8.10
C GLN B 521 -16.03 21.08 9.40
N ALA B 522 -17.35 20.99 9.41
CA ALA B 522 -18.15 21.29 10.61
C ALA B 522 -17.79 20.38 11.78
N GLU B 523 -17.67 19.08 11.52
CA GLU B 523 -17.37 18.12 12.57
C GLU B 523 -16.03 18.42 13.21
N THR B 524 -15.12 19.00 12.46
CA THR B 524 -13.81 19.35 13.00
C THR B 524 -13.89 20.55 13.94
N LEU B 525 -14.50 21.63 13.46
CA LEU B 525 -14.74 22.79 14.31
C LEU B 525 -15.59 22.42 15.54
N PHE B 526 -16.52 21.48 15.38
CA PHE B 526 -17.34 21.11 16.51
C PHE B 526 -16.51 20.44 17.59
N CYS B 527 -15.48 19.71 17.18
CA CYS B 527 -14.59 19.08 18.14
C CYS B 527 -13.62 20.09 18.73
N LEU B 528 -12.99 20.89 17.85
CA LEU B 528 -12.11 21.96 18.29
C LEU B 528 -12.81 22.81 19.35
N SER B 529 -14.12 22.99 19.20
CA SER B 529 -14.89 23.76 20.17
C SER B 529 -14.82 23.11 21.53
N THR B 530 -15.10 21.82 21.57
CA THR B 530 -15.01 21.05 22.80
C THR B 530 -13.64 21.21 23.46
N ALA B 531 -12.59 21.16 22.66
CA ALA B 531 -11.23 21.33 23.16
C ALA B 531 -11.10 22.63 23.94
N PHE B 532 -11.55 23.72 23.35
CA PHE B 532 -11.45 25.02 24.01
C PHE B 532 -12.55 25.20 25.04
N ALA B 533 -13.64 24.46 24.88
CA ALA B 533 -14.66 24.42 25.91
C ALA B 533 -14.03 23.82 27.16
N ARG B 534 -13.19 22.81 26.96
CA ARG B 534 -12.55 22.14 28.07
C ARG B 534 -11.41 22.99 28.64
N TYR B 535 -10.79 23.78 27.77
CA TYR B 535 -9.74 24.71 28.19
C TYR B 535 -10.27 25.68 29.24
N SER B 536 -11.51 26.11 29.04
CA SER B 536 -12.12 27.07 29.94
C SER B 536 -12.72 26.41 31.19
N SER B 537 -13.04 25.13 31.08
CA SER B 537 -13.70 24.42 32.18
C SER B 537 -12.92 24.47 33.49
N SER B 538 -13.61 24.16 34.58
CA SER B 538 -13.00 24.20 35.91
C SER B 538 -11.98 23.10 36.09
N ALA B 539 -11.57 22.50 34.98
CA ALA B 539 -10.58 21.43 35.00
C ALA B 539 -9.20 21.94 34.61
N ILE B 540 -9.15 22.84 33.65
CA ILE B 540 -7.89 23.31 33.10
C ILE B 540 -7.52 24.72 33.53
N PHE B 541 -8.27 25.70 33.05
CA PHE B 541 -7.94 27.11 33.27
C PHE B 541 -9.05 27.85 34.01
N GLY B 542 -9.99 27.11 34.59
CA GLY B 542 -11.12 27.74 35.25
C GLY B 542 -11.34 27.26 36.67
N THR B 543 -11.91 28.12 37.51
CA THR B 543 -12.29 27.73 38.86
C THR B 543 -13.71 27.23 38.89
N GLU B 544 -14.14 26.69 40.03
CA GLU B 544 -15.49 26.14 40.15
C GLU B 544 -16.55 27.22 40.00
N HIS B 545 -16.11 28.46 39.84
CA HIS B 545 -17.04 29.58 39.73
C HIS B 545 -16.52 30.75 38.90
N ASP B 546 -15.45 30.51 38.14
CA ASP B 546 -14.90 31.53 37.23
C ASP B 546 -14.31 30.89 35.96
N SER B 547 -14.66 31.44 34.80
CA SER B 547 -14.19 30.90 33.53
C SER B 547 -13.65 32.01 32.62
N PRO B 548 -12.43 31.79 32.06
CA PRO B 548 -11.75 32.76 31.20
C PRO B 548 -12.58 33.12 29.97
N PRO B 549 -13.02 34.39 29.88
CA PRO B 549 -14.01 34.84 28.91
C PRO B 549 -13.47 34.79 27.49
N ALA B 550 -12.15 34.88 27.35
CA ALA B 550 -11.52 34.79 26.04
C ALA B 550 -11.84 33.45 25.41
N LEU B 551 -11.57 32.39 26.17
CA LEU B 551 -11.71 31.02 25.68
C LEU B 551 -13.16 30.61 25.47
N ARG B 552 -14.06 31.15 26.27
CA ARG B 552 -15.48 30.84 26.11
C ARG B 552 -16.01 31.44 24.80
N GLY B 553 -15.69 32.72 24.57
CA GLY B 553 -16.17 33.45 23.41
C GLY B 553 -15.58 32.94 22.12
N TYR B 554 -14.41 32.31 22.22
CA TYR B 554 -13.76 31.65 21.10
C TYR B 554 -14.37 30.28 20.87
N ALA B 555 -14.51 29.52 21.95
CA ALA B 555 -15.05 28.17 21.88
C ALA B 555 -16.46 28.22 21.30
N GLU B 556 -17.19 29.28 21.61
CA GLU B 556 -18.55 29.40 21.12
C GLU B 556 -18.51 29.84 19.66
N ALA B 557 -17.53 30.66 19.30
CA ALA B 557 -17.43 31.18 17.95
C ALA B 557 -16.97 30.13 16.96
N LEU B 558 -16.49 28.99 17.47
CA LEU B 558 -16.16 27.85 16.61
C LEU B 558 -17.42 27.01 16.41
N MET B 559 -18.15 26.81 17.49
CA MET B 559 -19.40 26.06 17.46
C MET B 559 -20.39 26.75 16.54
N GLN B 560 -20.18 28.02 16.27
CA GLN B 560 -21.09 28.75 15.39
C GLN B 560 -20.79 28.44 13.94
N LYS B 561 -19.52 28.60 13.56
CA LYS B 561 -19.10 28.29 12.19
C LYS B 561 -19.56 26.89 11.81
N ALA B 562 -19.30 25.92 12.69
CA ALA B 562 -19.70 24.54 12.47
C ALA B 562 -21.20 24.46 12.19
N TRP B 563 -21.97 25.33 12.82
CA TRP B 563 -23.42 25.38 12.58
C TRP B 563 -23.75 25.96 11.21
N GLU B 564 -23.15 27.10 10.89
CA GLU B 564 -23.35 27.72 9.58
C GLU B 564 -22.89 26.77 8.48
N LEU B 565 -21.90 25.95 8.79
CA LEU B 565 -21.41 24.98 7.83
C LEU B 565 -22.41 23.84 7.64
N SER B 566 -22.47 22.92 8.59
CA SER B 566 -23.32 21.74 8.50
C SER B 566 -24.24 21.59 9.70
N PRO B 567 -25.44 22.16 9.63
CA PRO B 567 -26.29 22.27 10.81
C PRO B 567 -26.86 20.93 11.23
N ALA B 568 -26.80 19.96 10.32
CA ALA B 568 -27.35 18.64 10.60
C ALA B 568 -26.45 17.82 11.53
N ILE B 569 -25.39 18.44 12.03
CA ILE B 569 -24.46 17.80 12.96
C ILE B 569 -25.01 17.83 14.39
N PHE B 570 -25.63 18.95 14.73
CA PHE B 570 -26.10 19.21 16.09
C PHE B 570 -27.41 18.47 16.39
N PRO B 571 -27.51 17.89 17.60
CA PRO B 571 -28.65 17.07 18.03
C PRO B 571 -29.98 17.80 17.93
N SER B 572 -29.94 19.12 17.76
CA SER B 572 -31.14 19.93 17.60
C SER B 572 -30.78 21.40 17.75
N SER B 573 -31.61 22.29 17.20
CA SER B 573 -31.39 23.72 17.39
C SER B 573 -31.51 24.07 18.87
N GLU B 574 -32.56 23.56 19.51
CA GLU B 574 -32.80 23.80 20.92
C GLU B 574 -31.54 23.51 21.74
N GLN B 575 -30.78 22.50 21.32
CA GLN B 575 -29.55 22.12 22.02
C GLN B 575 -28.39 23.02 21.62
N PHE B 576 -28.37 23.46 20.36
CA PHE B 576 -27.37 24.41 19.94
C PHE B 576 -27.52 25.63 20.82
N THR B 577 -28.74 26.15 20.89
CA THR B 577 -29.04 27.34 21.68
C THR B 577 -28.72 27.15 23.16
N GLU B 578 -29.04 25.98 23.70
CA GLU B 578 -28.72 25.70 25.10
C GLU B 578 -27.21 25.79 25.30
N TRP B 579 -26.46 25.05 24.49
CA TRP B 579 -25.00 25.05 24.57
C TRP B 579 -24.45 26.47 24.42
N SER B 580 -24.81 27.12 23.32
CA SER B 580 -24.38 28.47 23.05
C SER B 580 -24.58 29.37 24.26
N ASP B 581 -25.78 29.31 24.85
CA ASP B 581 -26.12 30.09 26.03
C ASP B 581 -25.19 29.82 27.21
N ARG B 582 -25.00 28.53 27.52
CA ARG B 582 -24.12 28.15 28.62
C ARG B 582 -22.69 28.66 28.45
N PHE B 583 -22.35 29.08 27.24
CA PHE B 583 -21.02 29.67 26.97
C PHE B 583 -20.99 31.14 27.32
N HIS B 584 -21.99 31.87 26.83
CA HIS B 584 -22.07 33.32 27.01
C HIS B 584 -22.14 33.70 28.48
N GLY B 585 -21.44 34.78 28.83
CA GLY B 585 -21.39 35.25 30.21
C GLY B 585 -21.90 36.66 30.35
N LEU B 586 -21.09 37.52 30.98
CA LEU B 586 -19.81 37.10 31.53
C LEU B 586 -19.73 37.41 33.03
N ALA B 589 -20.73 30.43 35.99
CA ALA B 589 -20.75 29.89 34.64
C ALA B 589 -19.57 28.97 34.37
N PHE B 590 -18.76 28.74 35.40
CA PHE B 590 -17.53 27.95 35.24
C PHE B 590 -17.76 26.44 35.37
N THR B 591 -18.38 26.03 36.47
CA THR B 591 -18.80 24.64 36.65
C THR B 591 -19.79 24.31 35.54
N CYS B 592 -20.15 25.36 34.80
CA CYS B 592 -21.03 25.25 33.66
C CYS B 592 -20.24 24.90 32.41
N THR B 593 -19.08 25.54 32.24
CA THR B 593 -18.20 25.26 31.11
C THR B 593 -17.77 23.80 31.13
N SER B 594 -17.73 23.21 32.32
CA SER B 594 -17.40 21.80 32.47
C SER B 594 -18.54 20.91 31.99
N VAL B 595 -19.78 21.32 32.28
CA VAL B 595 -20.95 20.54 31.88
C VAL B 595 -21.19 20.59 30.36
N VAL B 596 -20.84 21.72 29.74
CA VAL B 596 -20.97 21.87 28.30
C VAL B 596 -19.94 21.06 27.54
N ALA B 597 -18.68 21.16 27.96
CA ALA B 597 -17.60 20.43 27.33
C ALA B 597 -17.86 18.91 27.33
N ASP B 598 -18.45 18.40 28.40
CA ASP B 598 -18.77 16.98 28.49
C ASP B 598 -20.02 16.67 27.68
N SER B 599 -21.07 17.45 27.91
CA SER B 599 -22.30 17.34 27.13
C SER B 599 -21.91 17.20 25.67
N MET B 600 -21.18 18.20 25.17
CA MET B 600 -20.73 18.25 23.77
C MET B 600 -19.90 17.03 23.36
N GLN B 601 -19.02 16.57 24.25
CA GLN B 601 -18.14 15.47 23.89
C GLN B 601 -18.92 14.16 23.77
N ARG B 602 -19.91 13.95 24.64
CA ARG B 602 -20.68 12.72 24.59
C ARG B 602 -21.58 12.65 23.36
N HIS B 603 -21.79 13.78 22.72
CA HIS B 603 -22.52 13.82 21.47
C HIS B 603 -21.59 13.56 20.29
N ALA B 604 -20.39 14.13 20.35
CA ALA B 604 -19.39 13.93 19.32
C ALA B 604 -18.87 12.49 19.31
N ARG B 605 -18.96 11.82 20.45
CA ARG B 605 -18.51 10.44 20.58
C ARG B 605 -19.53 9.53 19.92
N LYS B 606 -20.78 9.96 19.96
CA LYS B 606 -21.90 9.17 19.46
C LYS B 606 -22.08 9.20 17.93
N TYR B 607 -21.73 10.31 17.29
CA TYR B 607 -22.05 10.48 15.87
C TYR B 607 -20.88 10.70 14.92
N PHE B 608 -19.70 10.97 15.47
CA PHE B 608 -18.50 11.08 14.63
C PHE B 608 -17.23 10.94 15.45
N PRO B 609 -17.12 9.82 16.19
CA PRO B 609 -15.99 9.54 17.07
C PRO B 609 -14.71 9.34 16.27
N SER B 610 -14.87 9.02 15.00
CA SER B 610 -13.75 8.88 14.09
C SER B 610 -12.91 10.17 14.01
N VAL B 611 -13.54 11.30 14.33
CA VAL B 611 -12.90 12.62 14.20
C VAL B 611 -12.52 13.22 15.55
N LEU B 612 -13.36 12.97 16.56
CA LEU B 612 -13.12 13.48 17.92
C LEU B 612 -11.76 13.06 18.47
N SER B 613 -11.46 11.78 18.41
CA SER B 613 -10.19 11.26 18.93
C SER B 613 -9.09 11.48 17.89
N SER B 614 -9.44 12.21 16.84
CA SER B 614 -8.47 12.60 15.82
C SER B 614 -8.06 14.06 16.03
N ILE B 615 -8.76 14.77 16.90
CA ILE B 615 -8.50 16.18 17.15
C ILE B 615 -8.21 16.50 18.62
N LEU B 616 -8.96 15.91 19.54
CA LEU B 616 -8.71 16.07 20.97
C LEU B 616 -7.30 15.63 21.38
N PRO B 617 -6.73 16.28 22.40
CA PRO B 617 -5.50 15.80 23.04
C PRO B 617 -5.73 14.40 23.60
N LEU B 618 -4.80 13.48 23.37
CA LEU B 618 -4.99 12.08 23.77
C LEU B 618 -5.21 11.94 25.28
N ALA B 619 -4.67 12.87 26.06
CA ALA B 619 -4.82 12.83 27.52
C ALA B 619 -6.23 13.20 27.96
N TRP B 620 -6.95 13.93 27.12
CA TRP B 620 -8.29 14.38 27.46
C TRP B 620 -9.35 13.36 27.05
N ALA B 621 -8.93 12.35 26.29
CA ALA B 621 -9.85 11.33 25.78
C ALA B 621 -10.39 10.46 26.90
N MET C 3 16.26 -5.99 24.24
CA MET C 3 14.89 -5.84 24.71
C MET C 3 14.20 -7.19 24.82
N ALA C 4 13.28 -7.46 23.90
CA ALA C 4 12.59 -8.73 23.84
C ALA C 4 13.32 -9.68 22.90
N ALA C 5 14.25 -9.13 22.11
CA ALA C 5 15.10 -9.94 21.25
C ALA C 5 15.98 -10.85 22.09
N SER C 6 16.35 -10.39 23.29
CA SER C 6 17.11 -11.21 24.22
C SER C 6 16.24 -12.38 24.67
N ARG C 7 15.09 -12.06 25.22
CA ARG C 7 14.12 -13.04 25.67
C ARG C 7 13.84 -14.11 24.62
N ARG C 8 13.66 -13.66 23.38
CA ARG C 8 13.34 -14.58 22.30
C ARG C 8 14.59 -15.33 21.84
N LEU C 9 15.70 -14.61 21.72
CA LEU C 9 16.96 -15.23 21.29
C LEU C 9 17.47 -16.29 22.28
N MET C 10 17.10 -16.17 23.55
CA MET C 10 17.46 -17.17 24.53
C MET C 10 16.79 -18.49 24.21
N LYS C 11 15.45 -18.49 24.21
CA LYS C 11 14.70 -19.69 23.86
C LYS C 11 15.25 -20.25 22.56
N GLU C 12 15.62 -19.35 21.66
CA GLU C 12 16.20 -19.77 20.39
C GLU C 12 17.43 -20.63 20.60
N LEU C 13 18.41 -20.09 21.33
CA LEU C 13 19.64 -20.81 21.66
C LEU C 13 19.34 -22.13 22.38
N GLU C 14 18.82 -22.00 23.61
CA GLU C 14 18.59 -23.15 24.48
C GLU C 14 18.03 -24.32 23.70
N GLU C 15 17.06 -24.06 22.83
CA GLU C 15 16.43 -25.09 22.01
C GLU C 15 17.35 -25.66 20.94
N ILE C 16 18.00 -24.78 20.17
CA ILE C 16 18.90 -25.22 19.10
C ILE C 16 20.05 -26.04 19.68
N ARG C 17 20.26 -25.91 20.98
CA ARG C 17 21.29 -26.66 21.71
C ARG C 17 20.80 -28.04 22.14
N LYS C 18 19.48 -28.24 22.10
CA LYS C 18 18.88 -29.54 22.37
C LYS C 18 18.51 -30.21 21.06
N CYS C 19 18.65 -29.45 19.97
CA CYS C 19 18.37 -29.97 18.63
C CYS C 19 19.53 -30.82 18.14
N GLY C 20 20.62 -30.80 18.90
CA GLY C 20 21.81 -31.58 18.59
C GLY C 20 22.09 -31.76 17.12
N MET C 21 21.95 -30.68 16.35
CA MET C 21 22.26 -30.71 14.93
C MET C 21 23.71 -31.11 14.75
N LYS C 22 23.94 -32.23 14.05
CA LYS C 22 25.29 -32.76 13.87
C LYS C 22 26.06 -32.00 12.79
N ASN C 23 25.32 -31.35 11.89
CA ASN C 23 25.92 -30.58 10.81
C ASN C 23 26.04 -29.10 11.14
N PHE C 24 25.56 -28.71 12.31
CA PHE C 24 25.76 -27.35 12.81
C PHE C 24 26.42 -27.40 14.18
N ARG C 25 27.68 -26.96 14.25
CA ARG C 25 28.47 -27.15 15.44
C ARG C 25 29.06 -25.85 15.95
N ASN C 26 29.25 -25.76 17.26
CA ASN C 26 30.01 -24.67 17.84
C ASN C 26 29.32 -23.31 17.72
N ILE C 27 28.15 -23.20 18.36
CA ILE C 27 27.39 -21.96 18.33
C ILE C 27 27.94 -20.96 19.33
N GLN C 28 28.75 -20.02 18.86
CA GLN C 28 29.30 -18.99 19.72
C GLN C 28 28.51 -17.69 19.64
N VAL C 29 28.61 -16.87 20.67
CA VAL C 29 27.87 -15.61 20.72
C VAL C 29 28.80 -14.46 21.12
N ASP C 30 28.96 -13.48 20.23
CA ASP C 30 29.79 -12.30 20.53
C ASP C 30 29.45 -11.77 21.91
N GLU C 31 30.49 -11.58 22.73
CA GLU C 31 30.28 -11.27 24.13
C GLU C 31 29.36 -10.07 24.32
N ALA C 32 29.88 -8.87 24.05
CA ALA C 32 29.11 -7.64 24.21
C ALA C 32 28.16 -7.38 23.05
N ASN C 33 27.33 -8.38 22.73
CA ASN C 33 26.37 -8.22 21.63
C ASN C 33 25.15 -9.14 21.75
N LEU C 34 25.38 -10.44 21.79
CA LEU C 34 24.31 -11.43 21.96
C LEU C 34 23.33 -11.48 20.78
N LEU C 35 23.37 -10.45 19.94
CA LEU C 35 22.58 -10.43 18.72
C LEU C 35 23.44 -10.93 17.57
N THR C 36 24.66 -11.37 17.90
CA THR C 36 25.59 -11.89 16.91
C THR C 36 25.94 -13.34 17.20
N TRP C 37 25.54 -14.24 16.31
CA TRP C 37 25.85 -15.66 16.46
C TRP C 37 26.90 -16.09 15.45
N GLN C 38 27.66 -17.11 15.81
CA GLN C 38 28.63 -17.70 14.91
C GLN C 38 28.56 -19.22 14.99
N GLY C 39 28.55 -19.86 13.83
CA GLY C 39 28.39 -21.30 13.75
C GLY C 39 29.17 -21.88 12.60
N LEU C 40 29.36 -23.19 12.63
CA LEU C 40 30.12 -23.89 11.61
C LEU C 40 29.28 -25.00 11.00
N ILE C 41 28.84 -24.82 9.75
CA ILE C 41 28.07 -25.86 9.10
C ILE C 41 28.97 -26.89 8.41
N VAL C 42 28.63 -28.15 8.59
CA VAL C 42 29.38 -29.27 8.05
C VAL C 42 28.54 -30.00 7.00
N PRO C 43 28.85 -29.78 5.72
CA PRO C 43 28.13 -30.40 4.60
C PRO C 43 28.28 -31.91 4.60
N ASP C 44 27.23 -32.63 4.22
CA ASP C 44 27.28 -34.09 4.22
C ASP C 44 27.58 -34.67 2.82
N ASN C 45 27.41 -33.85 1.78
CA ASN C 45 27.61 -34.32 0.42
C ASN C 45 28.80 -33.65 -0.24
N PRO C 46 29.36 -34.31 -1.27
CA PRO C 46 30.37 -33.66 -2.11
C PRO C 46 29.68 -32.64 -3.00
N PRO C 47 30.43 -31.68 -3.57
CA PRO C 47 31.89 -31.55 -3.49
C PRO C 47 32.36 -30.93 -2.19
N TYR C 48 31.43 -30.42 -1.38
CA TYR C 48 31.78 -29.63 -0.21
C TYR C 48 32.14 -30.47 1.03
N ASP C 49 31.83 -31.77 0.99
CA ASP C 49 32.34 -32.71 1.99
C ASP C 49 33.86 -32.60 1.99
N LYS C 50 34.48 -32.92 3.11
CA LYS C 50 35.92 -32.72 3.30
C LYS C 50 36.24 -31.26 3.72
N GLY C 51 35.19 -30.44 3.78
CA GLY C 51 35.33 -29.10 4.28
C GLY C 51 34.27 -28.78 5.33
N ALA C 52 34.34 -27.57 5.85
CA ALA C 52 33.31 -27.04 6.74
C ALA C 52 33.29 -25.53 6.53
N PHE C 53 32.28 -24.84 7.04
CA PHE C 53 32.21 -23.41 6.79
C PHE C 53 31.65 -22.61 7.96
N ARG C 54 32.30 -21.48 8.26
CA ARG C 54 31.90 -20.65 9.40
C ARG C 54 30.94 -19.54 8.99
N ILE C 55 29.83 -19.47 9.72
CA ILE C 55 28.70 -18.64 9.37
C ILE C 55 28.49 -17.62 10.46
N GLU C 56 28.03 -16.43 10.10
CA GLU C 56 27.68 -15.44 11.09
C GLU C 56 26.23 -15.07 10.90
N ILE C 57 25.44 -15.24 11.94
CA ILE C 57 24.01 -14.97 11.88
C ILE C 57 23.68 -13.73 12.70
N ASN C 58 23.96 -12.54 12.17
CA ASN C 58 23.69 -11.33 12.94
C ASN C 58 22.25 -10.83 12.83
N PHE C 59 21.56 -10.79 13.97
CA PHE C 59 20.14 -10.47 14.04
C PHE C 59 19.88 -8.97 14.06
N PRO C 60 18.82 -8.53 13.38
CA PRO C 60 18.48 -7.11 13.37
C PRO C 60 18.11 -6.68 14.78
N ALA C 61 18.27 -5.39 15.06
CA ALA C 61 17.90 -4.84 16.35
C ALA C 61 16.52 -5.30 16.79
N GLU C 62 15.52 -5.15 15.92
CA GLU C 62 14.13 -5.36 16.29
C GLU C 62 13.64 -6.78 16.07
N TYR C 63 14.57 -7.73 16.00
CA TYR C 63 14.21 -9.14 15.96
C TYR C 63 13.18 -9.41 17.05
N PRO C 64 12.30 -10.40 16.86
CA PRO C 64 12.09 -11.30 15.72
C PRO C 64 11.10 -10.78 14.70
N PHE C 65 10.94 -9.47 14.58
CA PHE C 65 9.93 -8.95 13.67
C PHE C 65 10.54 -8.48 12.37
N LYS C 66 11.84 -8.66 12.27
CA LYS C 66 12.57 -8.46 11.03
C LYS C 66 13.46 -9.66 10.88
N PRO C 67 13.69 -10.11 9.65
CA PRO C 67 14.54 -11.29 9.47
C PRO C 67 15.97 -11.00 9.88
N PRO C 68 16.76 -12.07 10.14
CA PRO C 68 18.19 -11.96 10.43
C PRO C 68 18.98 -11.89 9.11
N LYS C 69 20.30 -11.80 9.22
CA LYS C 69 21.14 -11.76 8.02
C LYS C 69 22.28 -12.76 8.15
N ILE C 70 22.38 -13.67 7.19
CA ILE C 70 23.38 -14.73 7.25
C ILE C 70 24.56 -14.50 6.29
N THR C 71 25.76 -14.54 6.83
CA THR C 71 26.99 -14.31 6.06
C THR C 71 28.00 -15.41 6.30
N PHE C 72 28.55 -15.97 5.22
CA PHE C 72 29.61 -16.96 5.31
C PHE C 72 30.92 -16.23 5.50
N LYS C 73 31.68 -16.58 6.54
CA LYS C 73 33.01 -15.99 6.71
C LYS C 73 34.11 -16.83 6.06
N THR C 74 33.78 -18.07 5.73
CA THR C 74 34.72 -18.94 5.04
C THR C 74 34.47 -18.88 3.54
N LYS C 75 35.45 -18.40 2.78
CA LYS C 75 35.30 -18.32 1.32
C LYS C 75 34.75 -19.64 0.73
N ILE C 76 33.76 -19.56 -0.14
CA ILE C 76 33.15 -20.76 -0.70
C ILE C 76 32.84 -20.66 -2.20
N TYR C 77 32.70 -21.83 -2.83
CA TYR C 77 32.50 -21.95 -4.28
C TYR C 77 31.11 -22.53 -4.55
N HIS C 78 30.12 -21.66 -4.70
CA HIS C 78 28.72 -22.10 -4.78
C HIS C 78 27.87 -21.05 -5.50
N PRO C 79 27.05 -21.48 -6.46
CA PRO C 79 26.22 -20.57 -7.25
C PRO C 79 25.25 -19.75 -6.40
N ASN C 80 24.97 -20.21 -5.19
CA ASN C 80 23.99 -19.53 -4.33
C ASN C 80 24.60 -18.64 -3.27
N ILE C 81 25.91 -18.46 -3.31
CA ILE C 81 26.56 -17.59 -2.35
C ILE C 81 27.46 -16.51 -2.98
N ASP C 82 27.31 -15.30 -2.48
CA ASP C 82 28.11 -14.16 -2.90
C ASP C 82 29.59 -14.49 -2.80
N GLU C 83 30.40 -13.77 -3.59
CA GLU C 83 31.85 -13.88 -3.50
C GLU C 83 32.31 -13.25 -2.19
N LYS C 84 31.44 -12.46 -1.57
CA LYS C 84 31.74 -11.87 -0.27
C LYS C 84 30.90 -12.51 0.83
N GLY C 85 30.56 -13.79 0.63
CA GLY C 85 29.89 -14.59 1.64
C GLY C 85 28.42 -14.30 1.93
N GLN C 86 27.76 -13.55 1.06
CA GLN C 86 26.35 -13.26 1.26
C GLN C 86 25.43 -14.32 0.61
N VAL C 87 24.26 -14.53 1.21
CA VAL C 87 23.35 -15.57 0.78
C VAL C 87 21.92 -15.07 0.85
N CYS C 88 21.23 -15.12 -0.28
CA CYS C 88 19.81 -14.75 -0.29
C CYS C 88 18.94 -15.98 -0.34
N LEU C 89 18.76 -16.61 0.82
CA LEU C 89 17.82 -17.71 0.95
C LEU C 89 16.43 -17.21 1.41
N PRO C 90 15.37 -17.78 0.84
CA PRO C 90 13.97 -17.34 0.90
C PRO C 90 13.38 -17.13 2.30
N VAL C 91 13.44 -18.13 3.16
CA VAL C 91 12.73 -18.04 4.45
C VAL C 91 13.16 -16.85 5.32
N ILE C 92 14.27 -16.21 4.99
CA ILE C 92 14.70 -15.06 5.75
C ILE C 92 14.74 -13.78 4.91
N SER C 93 14.02 -13.80 3.79
CA SER C 93 13.84 -12.60 3.00
C SER C 93 12.64 -11.85 3.55
N ALA C 94 12.76 -10.53 3.70
CA ALA C 94 11.63 -9.72 4.10
C ALA C 94 10.50 -9.97 3.10
N GLU C 95 9.29 -9.52 3.43
CA GLU C 95 8.16 -9.71 2.54
C GLU C 95 7.74 -11.17 2.50
N ASN C 96 8.50 -12.01 3.21
CA ASN C 96 8.22 -13.43 3.24
C ASN C 96 8.34 -13.91 4.68
N TRP C 97 8.88 -13.03 5.51
CA TRP C 97 9.29 -13.35 6.87
C TRP C 97 8.15 -13.42 7.87
N LYS C 98 8.04 -14.57 8.54
CA LYS C 98 7.18 -14.71 9.72
C LYS C 98 8.06 -14.63 10.96
N PRO C 99 7.62 -13.90 12.00
CA PRO C 99 8.43 -13.79 13.21
C PRO C 99 8.37 -15.07 14.04
N ALA C 100 7.57 -16.03 13.62
CA ALA C 100 7.39 -17.27 14.38
C ALA C 100 8.27 -18.40 13.86
N THR C 101 9.11 -18.11 12.86
CA THR C 101 10.02 -19.15 12.38
C THR C 101 11.23 -19.20 13.29
N LYS C 102 11.55 -20.40 13.76
CA LYS C 102 12.68 -20.63 14.65
C LYS C 102 13.93 -20.88 13.83
N THR C 103 15.07 -20.41 14.33
CA THR C 103 16.33 -20.57 13.64
C THR C 103 16.68 -22.05 13.39
N ASP C 104 15.97 -22.95 14.05
CA ASP C 104 16.08 -24.36 13.74
C ASP C 104 15.91 -24.53 12.23
N GLN C 105 14.74 -24.14 11.74
CA GLN C 105 14.40 -24.30 10.32
C GLN C 105 15.21 -23.41 9.38
N VAL C 106 15.56 -22.20 9.81
CA VAL C 106 16.29 -21.30 8.93
C VAL C 106 17.74 -21.72 8.78
N ILE C 107 18.22 -22.62 9.63
CA ILE C 107 19.58 -23.12 9.49
C ILE C 107 19.60 -24.37 8.62
N GLN C 108 18.69 -25.29 8.89
CA GLN C 108 18.63 -26.51 8.10
C GLN C 108 18.23 -26.16 6.68
N SER C 109 17.47 -25.08 6.54
CA SER C 109 17.16 -24.55 5.23
C SER C 109 18.45 -24.11 4.53
N LEU C 110 19.33 -23.43 5.27
CA LEU C 110 20.63 -23.04 4.74
C LEU C 110 21.44 -24.27 4.38
N ILE C 111 21.70 -25.12 5.38
CA ILE C 111 22.46 -26.34 5.16
C ILE C 111 21.91 -27.10 3.96
N ALA C 112 20.59 -27.25 3.90
CA ALA C 112 19.95 -27.87 2.75
C ALA C 112 20.46 -27.27 1.44
N LEU C 113 20.57 -25.95 1.41
CA LEU C 113 21.00 -25.24 0.21
C LEU C 113 22.46 -25.52 -0.16
N VAL C 114 23.32 -25.74 0.83
CA VAL C 114 24.71 -26.05 0.53
C VAL C 114 24.79 -27.42 -0.12
N ASN C 115 24.09 -28.38 0.47
CA ASN C 115 24.16 -29.77 0.01
C ASN C 115 23.44 -30.03 -1.31
N ASP C 116 22.43 -29.21 -1.60
CA ASP C 116 21.71 -29.34 -2.86
C ASP C 116 21.53 -28.00 -3.56
N PRO C 117 22.60 -27.50 -4.19
CA PRO C 117 22.62 -26.21 -4.90
C PRO C 117 21.40 -26.00 -5.80
N GLN C 118 20.90 -24.77 -5.83
CA GLN C 118 19.72 -24.43 -6.61
C GLN C 118 20.09 -23.40 -7.67
N PRO C 119 20.49 -23.88 -8.87
CA PRO C 119 21.03 -22.98 -9.90
C PRO C 119 19.96 -22.08 -10.51
N GLU C 120 18.70 -22.25 -10.11
CA GLU C 120 17.60 -21.50 -10.70
C GLU C 120 17.58 -20.01 -10.33
N HIS C 121 17.99 -19.70 -9.10
CA HIS C 121 17.98 -18.33 -8.60
C HIS C 121 19.30 -18.00 -7.90
N PRO C 122 20.39 -17.93 -8.68
CA PRO C 122 21.75 -17.79 -8.15
C PRO C 122 22.21 -16.34 -7.98
N LEU C 123 23.14 -16.12 -7.07
CA LEU C 123 23.81 -14.83 -6.96
C LEU C 123 25.04 -14.84 -7.87
N ARG C 124 25.41 -16.02 -8.32
CA ARG C 124 26.51 -16.19 -9.26
C ARG C 124 26.03 -16.83 -10.55
N ALA C 125 26.07 -16.06 -11.64
CA ALA C 125 25.63 -16.58 -12.93
C ALA C 125 26.79 -17.21 -13.71
N ASP C 126 27.98 -17.23 -13.11
CA ASP C 126 29.10 -17.91 -13.73
C ASP C 126 29.25 -19.34 -13.19
N LEU C 127 28.89 -19.51 -11.93
CA LEU C 127 28.90 -20.84 -11.29
C LEU C 127 27.56 -21.53 -11.50
N ALA C 128 26.54 -20.76 -11.86
CA ALA C 128 25.23 -21.32 -12.13
C ALA C 128 25.28 -22.08 -13.46
N GLU C 129 25.94 -21.48 -14.44
CA GLU C 129 26.10 -22.12 -15.74
C GLU C 129 27.13 -23.23 -15.68
N GLU C 130 28.25 -22.96 -15.02
CA GLU C 130 29.33 -23.92 -14.89
C GLU C 130 28.87 -25.16 -14.12
N TYR C 131 27.61 -25.13 -13.69
CA TYR C 131 27.04 -26.18 -12.86
C TYR C 131 26.12 -27.06 -13.68
N SER C 132 25.06 -26.46 -14.22
CA SER C 132 24.03 -27.22 -14.92
C SER C 132 24.34 -27.42 -16.40
N LYS C 133 25.52 -26.96 -16.83
CA LYS C 133 25.97 -27.16 -18.20
C LYS C 133 27.14 -28.15 -18.23
N ASP C 134 27.92 -28.17 -17.15
CA ASP C 134 29.05 -29.08 -16.99
C ASP C 134 29.29 -29.38 -15.52
N ARG C 135 28.55 -30.33 -14.98
CA ARG C 135 28.59 -30.57 -13.54
C ARG C 135 29.90 -31.20 -13.06
N LYS C 136 30.62 -31.87 -13.95
CA LYS C 136 31.87 -32.52 -13.56
C LYS C 136 32.94 -31.47 -13.27
N LYS C 137 33.16 -30.57 -14.23
CA LYS C 137 34.18 -29.54 -14.08
C LYS C 137 33.86 -28.67 -12.89
N PHE C 138 32.59 -28.59 -12.52
CA PHE C 138 32.18 -27.81 -11.37
C PHE C 138 32.66 -28.46 -10.08
N CYS C 139 32.30 -29.73 -9.89
CA CYS C 139 32.68 -30.44 -8.67
C CYS C 139 34.19 -30.53 -8.52
N LYS C 140 34.90 -30.61 -9.64
CA LYS C 140 36.36 -30.60 -9.61
C LYS C 140 36.88 -29.32 -8.93
N ASN C 141 36.40 -28.18 -9.42
CA ASN C 141 36.77 -26.88 -8.85
C ASN C 141 36.25 -26.70 -7.43
N ALA C 142 34.96 -26.98 -7.25
CA ALA C 142 34.29 -26.82 -5.95
C ALA C 142 34.90 -27.73 -4.88
N GLU C 143 35.67 -28.72 -5.29
CA GLU C 143 36.35 -29.58 -4.35
C GLU C 143 37.71 -28.98 -4.01
N GLU C 144 38.51 -28.70 -5.05
CA GLU C 144 39.81 -28.06 -4.88
C GLU C 144 39.67 -26.82 -4.01
N PHE C 145 38.61 -26.06 -4.26
CA PHE C 145 38.37 -24.81 -3.57
C PHE C 145 38.14 -25.06 -2.09
N THR C 146 37.48 -26.17 -1.78
CA THR C 146 37.19 -26.50 -0.38
C THR C 146 38.49 -26.80 0.35
N LYS C 147 39.38 -27.55 -0.31
CA LYS C 147 40.62 -28.00 0.32
C LYS C 147 41.63 -26.86 0.48
N LYS C 148 41.38 -25.76 -0.24
CA LYS C 148 42.27 -24.59 -0.19
C LYS C 148 41.83 -23.57 0.85
N TYR C 149 40.61 -23.07 0.70
CA TYR C 149 40.11 -22.00 1.55
C TYR C 149 39.12 -22.49 2.61
N GLY C 150 38.73 -23.76 2.51
CA GLY C 150 37.73 -24.31 3.41
C GLY C 150 38.15 -24.40 4.88
N GLU C 151 37.27 -24.95 5.69
CA GLU C 151 37.57 -25.17 7.10
C GLU C 151 37.90 -26.63 7.30
N LYS C 152 38.86 -26.90 8.19
CA LYS C 152 39.21 -28.26 8.56
C LYS C 152 37.96 -29.01 9.02
N ARG C 153 37.75 -30.21 8.48
CA ARG C 153 36.56 -30.97 8.84
C ARG C 153 36.71 -31.49 10.26
N PRO C 154 35.66 -31.34 11.08
CA PRO C 154 35.69 -31.71 12.49
C PRO C 154 35.76 -33.21 12.69
N VAL C 155 36.40 -33.64 13.79
CA VAL C 155 36.54 -35.05 14.13
C VAL C 155 35.75 -35.39 15.39
N ASP C 156 34.92 -34.45 15.83
CA ASP C 156 34.17 -34.60 17.09
C ASP C 156 35.10 -34.72 18.29
N MET D 3 -18.16 -0.68 -26.41
CA MET D 3 -17.46 -0.57 -25.13
C MET D 3 -17.97 -1.58 -24.12
N ALA D 4 -17.23 -1.75 -23.04
CA ALA D 4 -17.59 -2.73 -22.02
C ALA D 4 -18.70 -2.24 -21.10
N ALA D 5 -18.59 -0.98 -20.66
CA ALA D 5 -19.57 -0.40 -19.74
C ALA D 5 -21.01 -0.53 -20.25
N SER D 6 -21.20 -0.36 -21.56
CA SER D 6 -22.53 -0.47 -22.12
C SER D 6 -22.99 -1.91 -22.26
N ARG D 7 -22.04 -2.81 -22.55
CA ARG D 7 -22.37 -4.23 -22.62
C ARG D 7 -22.91 -4.74 -21.29
N ARG D 8 -22.24 -4.32 -20.22
CA ARG D 8 -22.60 -4.73 -18.87
C ARG D 8 -23.93 -4.12 -18.48
N LEU D 9 -24.07 -2.81 -18.70
CA LEU D 9 -25.30 -2.11 -18.34
C LEU D 9 -26.52 -2.67 -19.05
N MET D 10 -26.36 -2.99 -20.33
CA MET D 10 -27.48 -3.53 -21.10
C MET D 10 -28.00 -4.81 -20.43
N LYS D 11 -27.12 -5.55 -19.79
CA LYS D 11 -27.53 -6.76 -19.09
C LYS D 11 -27.97 -6.49 -17.66
N GLU D 12 -27.19 -5.70 -16.93
CA GLU D 12 -27.59 -5.28 -15.60
C GLU D 12 -29.05 -4.85 -15.62
N LEU D 13 -29.43 -4.18 -16.70
CA LEU D 13 -30.77 -3.62 -16.84
C LEU D 13 -31.84 -4.69 -17.03
N GLU D 14 -31.71 -5.48 -18.10
CA GLU D 14 -32.72 -6.50 -18.36
C GLU D 14 -32.81 -7.50 -17.23
N GLU D 15 -31.73 -7.63 -16.46
CA GLU D 15 -31.73 -8.48 -15.27
C GLU D 15 -32.69 -7.93 -14.23
N ILE D 16 -32.85 -6.61 -14.24
CA ILE D 16 -33.71 -5.93 -13.29
C ILE D 16 -35.12 -5.79 -13.82
N ARG D 17 -35.23 -5.69 -15.14
CA ARG D 17 -36.53 -5.69 -15.79
C ARG D 17 -37.05 -7.14 -15.87
N LYS D 18 -36.29 -8.05 -15.27
CA LYS D 18 -36.71 -9.45 -15.19
C LYS D 18 -37.53 -9.70 -13.93
N CYS D 19 -36.93 -9.42 -12.76
CA CYS D 19 -37.66 -9.54 -11.49
C CYS D 19 -38.34 -8.22 -11.15
N GLY D 20 -39.65 -8.16 -11.41
CA GLY D 20 -40.41 -6.95 -11.20
C GLY D 20 -40.63 -6.66 -9.73
N MET D 21 -39.54 -6.53 -8.98
CA MET D 21 -39.65 -6.12 -7.59
C MET D 21 -40.56 -4.91 -7.52
N LYS D 22 -41.66 -5.02 -6.77
CA LYS D 22 -42.69 -3.98 -6.73
C LYS D 22 -42.24 -2.70 -6.05
N ASN D 23 -41.00 -2.69 -5.55
CA ASN D 23 -40.45 -1.54 -4.85
C ASN D 23 -39.92 -0.45 -5.77
N PHE D 24 -39.35 -0.87 -6.90
CA PHE D 24 -38.65 0.02 -7.81
C PHE D 24 -39.35 -0.02 -9.18
N ARG D 25 -39.69 1.15 -9.69
CA ARG D 25 -40.43 1.32 -10.94
C ARG D 25 -40.60 2.82 -11.05
N ASN D 26 -40.55 3.41 -12.24
CA ASN D 26 -40.27 2.76 -13.50
C ASN D 26 -38.83 3.04 -13.91
N ILE D 27 -38.14 2.03 -14.42
CA ILE D 27 -36.75 2.22 -14.82
C ILE D 27 -36.64 3.02 -16.11
N GLN D 28 -36.10 4.23 -16.00
CA GLN D 28 -35.83 5.06 -17.17
C GLN D 28 -34.34 5.25 -17.35
N VAL D 29 -33.89 5.10 -18.59
CA VAL D 29 -32.51 5.39 -18.94
C VAL D 29 -32.49 6.56 -19.90
N ASP D 30 -31.71 7.59 -19.59
CA ASP D 30 -31.61 8.75 -20.46
C ASP D 30 -30.84 8.38 -21.72
N GLU D 31 -31.49 8.57 -22.87
CA GLU D 31 -30.90 8.17 -24.14
C GLU D 31 -29.82 9.15 -24.56
N ALA D 32 -29.44 10.01 -23.62
CA ALA D 32 -28.30 10.91 -23.83
C ALA D 32 -27.02 10.23 -23.38
N ASN D 33 -27.10 9.49 -22.27
CA ASN D 33 -25.93 8.84 -21.67
C ASN D 33 -26.06 7.32 -21.53
N LEU D 34 -27.23 6.85 -21.09
CA LEU D 34 -27.40 5.43 -20.77
C LEU D 34 -26.61 5.08 -19.50
N LEU D 35 -25.64 5.91 -19.17
CA LEU D 35 -24.88 5.73 -17.94
C LEU D 35 -25.55 6.45 -16.79
N THR D 36 -26.76 6.94 -17.04
CA THR D 36 -27.55 7.59 -16.01
C THR D 36 -28.99 7.05 -16.01
N TRP D 37 -29.36 6.40 -14.91
CA TRP D 37 -30.68 5.79 -14.80
C TRP D 37 -31.55 6.55 -13.82
N GLN D 38 -32.84 6.58 -14.10
CA GLN D 38 -33.80 7.09 -13.15
C GLN D 38 -34.69 5.94 -12.68
N GLY D 39 -35.13 6.01 -11.43
CA GLY D 39 -36.04 5.02 -10.88
C GLY D 39 -36.88 5.64 -9.79
N LEU D 40 -37.87 4.91 -9.33
CA LEU D 40 -38.78 5.44 -8.32
C LEU D 40 -39.03 4.37 -7.24
N ILE D 41 -38.61 4.64 -6.01
CA ILE D 41 -38.77 3.65 -4.95
C ILE D 41 -40.03 3.92 -4.14
N VAL D 42 -40.76 2.85 -3.85
CA VAL D 42 -42.07 2.92 -3.21
C VAL D 42 -42.05 2.16 -1.88
N PRO D 43 -41.76 2.87 -0.79
CA PRO D 43 -41.56 2.28 0.54
C PRO D 43 -42.73 1.41 1.01
N ASP D 44 -42.41 0.28 1.63
CA ASP D 44 -43.42 -0.63 2.16
C ASP D 44 -43.86 -0.22 3.57
N ASN D 45 -42.90 0.17 4.41
CA ASN D 45 -43.18 0.50 5.81
C ASN D 45 -43.28 2.00 6.10
N PRO D 46 -44.20 2.37 7.01
CA PRO D 46 -44.35 3.75 7.47
C PRO D 46 -43.06 4.24 8.12
N PRO D 47 -42.83 5.56 8.14
CA PRO D 47 -43.75 6.60 7.70
C PRO D 47 -43.52 7.07 6.26
N TYR D 48 -43.38 6.14 5.32
CA TYR D 48 -43.08 6.51 3.94
C TYR D 48 -44.02 5.89 2.92
N ASP D 49 -45.17 5.42 3.36
CA ASP D 49 -46.14 4.82 2.44
C ASP D 49 -46.89 5.92 1.72
N LYS D 50 -47.13 7.01 2.44
CA LYS D 50 -47.85 8.16 1.90
C LYS D 50 -47.35 8.59 0.51
N GLY D 51 -46.13 8.20 0.14
CA GLY D 51 -45.55 8.62 -1.11
C GLY D 51 -44.50 7.69 -1.68
N ALA D 52 -43.66 8.25 -2.55
CA ALA D 52 -42.61 7.49 -3.24
C ALA D 52 -41.43 8.44 -3.50
N PHE D 53 -40.33 7.93 -4.08
CA PHE D 53 -39.14 8.78 -4.22
C PHE D 53 -38.33 8.53 -5.48
N ARG D 54 -38.15 9.58 -6.28
CA ARG D 54 -37.37 9.44 -7.51
C ARG D 54 -35.90 9.37 -7.17
N ILE D 55 -35.09 8.92 -8.11
CA ILE D 55 -33.71 8.55 -7.82
C ILE D 55 -32.89 8.45 -9.10
N GLU D 56 -31.69 9.01 -9.09
CA GLU D 56 -30.82 8.91 -10.27
C GLU D 56 -29.55 8.12 -9.94
N ILE D 57 -29.24 7.13 -10.76
CA ILE D 57 -28.07 6.28 -10.57
C ILE D 57 -27.05 6.55 -11.65
N ASN D 58 -25.98 7.26 -11.32
CA ASN D 58 -24.99 7.63 -12.33
C ASN D 58 -23.78 6.72 -12.31
N PHE D 59 -23.52 6.06 -13.43
CA PHE D 59 -22.37 5.16 -13.53
C PHE D 59 -21.16 5.88 -14.09
N PRO D 60 -20.00 5.71 -13.43
CA PRO D 60 -18.77 6.26 -13.97
C PRO D 60 -18.46 5.55 -15.27
N ALA D 61 -17.63 6.13 -16.12
CA ALA D 61 -17.32 5.49 -17.39
C ALA D 61 -16.54 4.20 -17.18
N GLU D 62 -15.73 4.15 -16.14
CA GLU D 62 -14.90 2.97 -15.88
C GLU D 62 -15.68 1.85 -15.19
N TYR D 63 -17.00 1.99 -15.15
CA TYR D 63 -17.87 0.92 -14.69
C TYR D 63 -17.70 -0.27 -15.62
N PRO D 64 -17.74 -1.50 -15.07
CA PRO D 64 -18.09 -1.84 -13.70
C PRO D 64 -16.93 -1.85 -12.71
N PHE D 65 -15.80 -1.23 -13.07
CA PHE D 65 -14.63 -1.30 -12.20
C PHE D 65 -14.47 -0.09 -11.30
N LYS D 66 -15.58 0.60 -11.06
CA LYS D 66 -15.65 1.74 -10.16
C LYS D 66 -17.13 1.89 -9.90
N PRO D 67 -17.53 2.08 -8.63
CA PRO D 67 -18.96 1.96 -8.33
C PRO D 67 -19.76 3.13 -8.86
N PRO D 68 -21.10 3.01 -8.86
CA PRO D 68 -21.98 4.13 -9.18
C PRO D 68 -22.29 4.91 -7.91
N LYS D 69 -22.90 6.08 -8.03
CA LYS D 69 -23.43 6.74 -6.86
C LYS D 69 -24.90 7.06 -7.08
N ILE D 70 -25.70 6.87 -6.03
CA ILE D 70 -27.13 7.07 -6.11
C ILE D 70 -27.48 8.38 -5.41
N THR D 71 -28.34 9.16 -6.06
CA THR D 71 -28.82 10.41 -5.47
C THR D 71 -30.33 10.46 -5.46
N PHE D 72 -30.88 10.93 -4.34
CA PHE D 72 -32.31 11.12 -4.21
C PHE D 72 -32.71 12.45 -4.84
N LYS D 73 -33.53 12.38 -5.87
CA LYS D 73 -34.03 13.57 -6.54
C LYS D 73 -35.34 14.04 -5.91
N THR D 74 -35.68 13.44 -4.78
CA THR D 74 -36.89 13.80 -4.05
C THR D 74 -36.49 14.11 -2.61
N LYS D 75 -37.05 15.18 -2.04
CA LYS D 75 -36.74 15.50 -0.66
C LYS D 75 -37.23 14.38 0.24
N ILE D 76 -36.37 13.88 1.11
CA ILE D 76 -36.81 12.87 2.06
C ILE D 76 -36.23 13.09 3.46
N TYR D 77 -37.11 12.93 4.44
CA TYR D 77 -36.82 13.18 5.84
C TYR D 77 -36.28 11.90 6.45
N HIS D 78 -34.97 11.70 6.34
CA HIS D 78 -34.40 10.41 6.71
C HIS D 78 -32.99 10.54 7.30
N PRO D 79 -32.76 9.87 8.44
CA PRO D 79 -31.50 9.85 9.15
C PRO D 79 -30.29 9.38 8.32
N ASN D 80 -30.52 8.64 7.24
CA ASN D 80 -29.40 8.10 6.45
C ASN D 80 -29.29 8.72 5.06
N ILE D 81 -29.96 9.86 4.87
CA ILE D 81 -30.00 10.53 3.57
C ILE D 81 -29.83 12.04 3.66
N ASP D 82 -28.77 12.54 3.02
CA ASP D 82 -28.49 13.97 2.89
C ASP D 82 -29.74 14.78 2.60
N GLU D 83 -29.70 16.05 2.96
CA GLU D 83 -30.73 16.99 2.57
C GLU D 83 -30.56 17.38 1.08
N LYS D 84 -29.44 16.98 0.49
CA LYS D 84 -29.16 17.29 -0.90
C LYS D 84 -29.32 16.05 -1.78
N GLY D 85 -29.76 14.96 -1.16
CA GLY D 85 -30.08 13.75 -1.89
C GLY D 85 -29.08 12.62 -1.69
N GLN D 86 -27.88 12.95 -1.23
CA GLN D 86 -26.81 11.97 -1.13
C GLN D 86 -27.07 10.85 -0.11
N VAL D 87 -26.65 9.64 -0.47
CA VAL D 87 -26.89 8.46 0.35
C VAL D 87 -25.61 7.64 0.49
N CYS D 88 -25.42 7.04 1.65
CA CYS D 88 -24.24 6.23 1.87
C CYS D 88 -24.58 4.74 1.98
N LEU D 89 -24.21 3.97 0.96
CA LEU D 89 -24.37 2.53 0.97
C LEU D 89 -23.02 1.84 1.00
N PRO D 90 -22.85 0.90 1.95
CA PRO D 90 -21.62 0.09 2.08
C PRO D 90 -21.23 -0.57 0.77
N VAL D 91 -22.20 -1.12 0.06
CA VAL D 91 -21.94 -1.91 -1.13
C VAL D 91 -21.38 -1.09 -2.31
N ILE D 92 -21.77 0.18 -2.44
CA ILE D 92 -21.33 0.96 -3.57
C ILE D 92 -20.33 2.06 -3.20
N SER D 93 -19.71 1.92 -2.04
CA SER D 93 -18.64 2.83 -1.63
C SER D 93 -17.34 2.24 -2.14
N ALA D 94 -16.44 3.08 -2.64
CA ALA D 94 -15.17 2.57 -3.14
C ALA D 94 -14.43 1.94 -1.98
N GLU D 95 -13.52 1.01 -2.29
CA GLU D 95 -12.78 0.29 -1.25
C GLU D 95 -13.64 -0.75 -0.52
N ASN D 96 -14.74 -1.14 -1.16
CA ASN D 96 -15.66 -2.13 -0.63
C ASN D 96 -16.39 -2.73 -1.83
N TRP D 97 -16.06 -2.19 -3.00
CA TRP D 97 -16.78 -2.49 -4.24
C TRP D 97 -16.12 -3.57 -5.08
N LYS D 98 -16.88 -4.62 -5.40
CA LYS D 98 -16.44 -5.64 -6.35
C LYS D 98 -17.29 -5.59 -7.61
N PRO D 99 -16.64 -5.54 -8.77
CA PRO D 99 -17.31 -5.35 -10.07
C PRO D 99 -18.45 -6.36 -10.28
N ALA D 100 -18.36 -7.52 -9.63
CA ALA D 100 -19.38 -8.55 -9.78
C ALA D 100 -20.74 -8.20 -9.15
N THR D 101 -20.79 -7.19 -8.27
CA THR D 101 -22.02 -6.90 -7.53
C THR D 101 -23.19 -6.55 -8.44
N LYS D 102 -24.28 -7.30 -8.32
CA LYS D 102 -25.47 -7.09 -9.14
C LYS D 102 -26.25 -5.89 -8.62
N THR D 103 -26.56 -4.94 -9.50
CA THR D 103 -27.22 -3.71 -9.08
C THR D 103 -28.65 -3.94 -8.58
N ASP D 104 -29.21 -5.10 -8.90
CA ASP D 104 -30.52 -5.48 -8.40
C ASP D 104 -30.49 -5.57 -6.90
N GLN D 105 -29.28 -5.80 -6.37
CA GLN D 105 -29.09 -6.01 -4.94
C GLN D 105 -28.62 -4.76 -4.21
N VAL D 106 -27.96 -3.84 -4.90
CA VAL D 106 -27.59 -2.57 -4.29
C VAL D 106 -28.85 -1.73 -4.05
N ILE D 107 -29.78 -1.79 -5.00
CA ILE D 107 -31.05 -1.08 -4.87
C ILE D 107 -31.91 -1.73 -3.79
N GLN D 108 -31.96 -3.05 -3.80
CA GLN D 108 -32.62 -3.78 -2.74
C GLN D 108 -32.11 -3.25 -1.40
N SER D 109 -30.82 -2.97 -1.34
CA SER D 109 -30.17 -2.44 -0.14
C SER D 109 -30.69 -1.09 0.22
N LEU D 110 -30.68 -0.19 -0.76
CA LEU D 110 -31.15 1.17 -0.56
C LEU D 110 -32.60 1.16 -0.07
N ILE D 111 -33.44 0.36 -0.69
CA ILE D 111 -34.84 0.28 -0.30
C ILE D 111 -35.01 -0.30 1.13
N ALA D 112 -34.10 -1.19 1.52
CA ALA D 112 -34.11 -1.74 2.87
C ALA D 112 -33.68 -0.71 3.91
N LEU D 113 -32.82 0.23 3.48
CA LEU D 113 -32.32 1.28 4.35
C LEU D 113 -33.34 2.40 4.52
N VAL D 114 -34.29 2.48 3.58
CA VAL D 114 -35.36 3.47 3.66
C VAL D 114 -36.53 2.92 4.44
N ASN D 115 -36.69 1.60 4.42
CA ASN D 115 -37.77 0.97 5.17
C ASN D 115 -37.47 0.87 6.66
N ASP D 116 -36.24 0.50 6.98
CA ASP D 116 -35.80 0.42 8.36
C ASP D 116 -34.50 1.21 8.53
N PRO D 117 -34.62 2.50 8.89
CA PRO D 117 -33.50 3.41 9.13
C PRO D 117 -32.54 2.89 10.20
N GLN D 118 -31.24 3.06 9.98
CA GLN D 118 -30.25 2.63 10.95
C GLN D 118 -29.41 3.77 11.48
N PRO D 119 -29.92 4.45 12.52
CA PRO D 119 -29.24 5.54 13.24
C PRO D 119 -27.94 5.08 13.91
N GLU D 120 -27.62 3.80 13.75
CA GLU D 120 -26.36 3.26 14.26
C GLU D 120 -25.21 4.12 13.73
N HIS D 121 -24.94 4.01 12.43
CA HIS D 121 -23.96 4.86 11.77
C HIS D 121 -24.65 5.79 10.78
N PRO D 122 -25.35 6.82 11.31
CA PRO D 122 -26.15 7.73 10.47
C PRO D 122 -25.31 8.73 9.69
N LEU D 123 -26.01 9.64 9.04
CA LEU D 123 -25.43 10.63 8.15
C LEU D 123 -26.12 11.96 8.45
N ARG D 124 -26.82 11.99 9.58
CA ARG D 124 -27.63 13.15 9.92
C ARG D 124 -28.09 13.05 11.37
N ALA D 125 -27.19 13.36 12.29
CA ALA D 125 -27.47 13.30 13.73
C ALA D 125 -28.79 13.97 14.09
N ASP D 126 -29.06 15.11 13.46
CA ASP D 126 -30.35 15.77 13.59
C ASP D 126 -31.47 14.74 13.72
N LEU D 127 -31.76 14.08 12.60
CA LEU D 127 -32.84 13.10 12.55
C LEU D 127 -32.57 11.81 13.33
N ALA D 128 -31.30 11.42 13.42
CA ALA D 128 -30.95 10.17 14.09
C ALA D 128 -31.28 10.20 15.57
N GLU D 129 -31.04 11.34 16.22
CA GLU D 129 -31.35 11.44 17.64
C GLU D 129 -32.87 11.46 17.83
N GLU D 130 -33.57 12.10 16.91
CA GLU D 130 -35.03 12.19 16.97
C GLU D 130 -35.68 10.82 16.76
N TYR D 131 -35.00 9.95 16.02
CA TYR D 131 -35.50 8.62 15.76
C TYR D 131 -35.45 7.79 17.04
N SER D 132 -34.28 7.75 17.68
CA SER D 132 -34.04 6.87 18.83
C SER D 132 -34.64 7.36 20.14
N LYS D 133 -34.88 8.67 20.23
CA LYS D 133 -35.39 9.26 21.46
C LYS D 133 -36.85 9.68 21.37
N ASP D 134 -37.41 9.66 20.16
CA ASP D 134 -38.75 10.20 19.96
C ASP D 134 -39.44 9.66 18.70
N ARG D 135 -39.44 8.33 18.53
CA ARG D 135 -40.01 7.72 17.34
C ARG D 135 -41.37 8.28 17.00
N LYS D 136 -42.18 8.53 18.03
CA LYS D 136 -43.48 9.16 17.81
C LYS D 136 -43.27 10.43 16.99
N LYS D 137 -42.58 11.41 17.57
CA LYS D 137 -42.35 12.71 16.92
C LYS D 137 -41.67 12.62 15.56
N PHE D 138 -40.61 11.82 15.47
CA PHE D 138 -39.89 11.64 14.20
C PHE D 138 -40.85 11.20 13.11
N CYS D 139 -41.59 10.14 13.39
CA CYS D 139 -42.57 9.64 12.45
C CYS D 139 -43.63 10.69 12.15
N LYS D 140 -43.95 11.52 13.15
CA LYS D 140 -44.94 12.59 12.98
C LYS D 140 -44.44 13.66 12.02
N ASN D 141 -43.12 13.82 11.94
CA ASN D 141 -42.52 14.79 11.02
C ASN D 141 -42.21 14.21 9.64
N ALA D 142 -41.68 12.99 9.62
CA ALA D 142 -41.39 12.33 8.36
C ALA D 142 -42.68 12.16 7.58
N GLU D 143 -43.74 11.80 8.29
CA GLU D 143 -45.06 11.64 7.70
C GLU D 143 -45.46 12.88 6.89
N GLU D 144 -45.46 14.03 7.55
CA GLU D 144 -45.91 15.27 6.95
C GLU D 144 -44.95 15.76 5.86
N PHE D 145 -43.69 15.36 5.97
CA PHE D 145 -42.69 15.76 4.99
C PHE D 145 -42.82 14.94 3.71
N THR D 146 -43.22 13.69 3.83
CA THR D 146 -43.51 12.84 2.67
C THR D 146 -44.70 13.40 1.90
N LYS D 147 -45.71 13.87 2.64
CA LYS D 147 -46.84 14.50 2.00
C LYS D 147 -46.39 15.73 1.22
N LYS D 148 -45.82 16.70 1.92
CA LYS D 148 -45.44 17.97 1.32
C LYS D 148 -44.45 17.86 0.16
N TYR D 149 -43.43 17.02 0.31
CA TYR D 149 -42.30 17.03 -0.63
C TYR D 149 -42.09 15.72 -1.40
N GLY D 150 -42.89 14.71 -1.11
CA GLY D 150 -42.71 13.39 -1.68
C GLY D 150 -43.48 13.15 -2.96
N GLU D 151 -43.01 12.19 -3.75
CA GLU D 151 -43.62 11.88 -5.03
C GLU D 151 -44.98 11.23 -4.84
N LYS D 152 -45.80 11.26 -5.89
CA LYS D 152 -47.16 10.72 -5.84
C LYS D 152 -47.18 9.18 -5.81
N ARG D 153 -47.90 8.63 -4.84
CA ARG D 153 -48.05 7.18 -4.67
C ARG D 153 -48.73 6.48 -5.86
N PRO D 154 -48.04 5.47 -6.43
CA PRO D 154 -48.51 4.70 -7.60
C PRO D 154 -49.77 3.88 -7.37
N VAL D 155 -50.62 3.83 -8.39
CA VAL D 155 -51.91 3.16 -8.32
C VAL D 155 -51.86 1.77 -8.93
N ASP D 156 -51.08 1.63 -10.00
CA ASP D 156 -51.00 0.41 -10.80
C ASP D 156 -52.16 0.36 -11.81
S SO4 E . 25.12 -15.19 -47.72
O1 SO4 E . 24.35 -13.95 -47.74
O2 SO4 E . 26.08 -15.14 -46.62
O3 SO4 E . 24.22 -16.33 -47.52
O4 SO4 E . 25.83 -15.35 -48.98
#